data_5MHL
#
_entry.id   5MHL
#
_cell.length_a   57.213
_cell.length_b   80.993
_cell.length_c   103.329
_cell.angle_alpha   88.12
_cell.angle_beta   76.87
_cell.angle_gamma   81.47
#
_symmetry.space_group_name_H-M   'P 1'
#
loop_
_entity.id
_entity.type
_entity.pdbx_description
1 polymer 'Coagulation factor XIII A chain'
2 polymer 'inhibitor Mi0621'
3 non-polymer 'CALCIUM ION'
4 non-polymer GLYCEROL
5 non-polymer 1,2-ETHANEDIOL
6 non-polymer 'SULFATE ION'
7 water water
#
loop_
_entity_poly.entity_id
_entity_poly.type
_entity_poly.pdbx_seq_one_letter_code
_entity_poly.pdbx_strand_id
1 'polypeptide(L)'
;MHHHHHHSETSRTAFGGRRAVPPNNSNAAEDDLPTVELQGVVPRGVNLQEFLNVTSVHLFKERWDTNKVDHHTDKYENNK
LIVRRGQSFYVQIDFSRPYDPRRDLFRVEYVIGRYPQENKGTYIPVPIVSELQSGKWGAKIVMREDRSVRLSIQSSPKCI
VGKFRMYVAVWTPYGVLRTSRNPETDTYILFNPWCEDDAVYLDNEKEREEYVLNDIGVIFYGEVNDIKTRSWSYGQFEDG
ILDTCLYVMDRAQMDLSGRGNPIKVSRVGSAMVNAKDDEGVLVGSWDNIYAYGVPPSAWTGSVDILLEYRSSENPVRYGQ
CWVFAGVFNTFLRCLGIPARIVTNYFSAHDNDANLQMDIFLEEDGNVNSKLTKDSVWNYHCWNEAWMTRPDLPVGFGGWQ
AVDSTPQENSDGMYRCGPASVQAIKHGHVCFQFDAPFVFAEVNSDLIYITAKKDGTHVVENVDATHIGKLIVTKQIGGDG
MMDITDTYKFQEGQEEERLALETALMYGAKKPLNTEGVMKSRSNVDMDFEVENAVLGKDFKLSITFRNNSHNRYTITAYL
SANITFYTGVPKAEFKKETFDVTLEPLSFKKEAVLIQAGEYMGQLLEQASLHFFVTARINETRDVLAKQKSTVLTIPEII
IKVRGTQVVGSDMTVIVEFTNPLKETLRNVWVHLDGPGVTRPMKKMFREIRPNSTVQWEEVCRPWVSGHRKLIASMSSDS
LRHVYGELDVQIQRRPSM
;
A,B
2 'polypeptide(L)' (7NX)F(ONL)VKVIG(NH2) K,O
#
loop_
_chem_comp.id
_chem_comp.type
_chem_comp.name
_chem_comp.formula
7NX non-polymer 'cyclohexylmethyl hydrogen carbonate' 'C8 H14 O3'
CA non-polymer 'CALCIUM ION' 'Ca 2'
EDO non-polymer 1,2-ETHANEDIOL 'C2 H6 O2'
GOL non-polymer GLYCEROL 'C3 H8 O3'
NH2 non-polymer 'AMINO GROUP' 'H2 N'
SO4 non-polymer 'SULFATE ION' 'O4 S -2'
#
# COMPACT_ATOMS: atom_id res chain seq x y z
N PRO A 22 57.74 -2.28 26.10
CA PRO A 22 58.15 -2.61 24.73
C PRO A 22 57.00 -3.26 23.96
N PRO A 23 56.68 -2.72 22.78
CA PRO A 23 55.45 -3.12 22.07
C PRO A 23 55.34 -4.63 21.87
N ASN A 24 54.17 -5.16 22.22
CA ASN A 24 53.84 -6.57 22.02
C ASN A 24 53.00 -6.64 20.74
N ASN A 25 53.69 -6.58 19.60
CA ASN A 25 53.01 -6.40 18.32
C ASN A 25 53.28 -7.52 17.32
N SER A 26 53.64 -8.71 17.79
CA SER A 26 53.88 -9.84 16.91
C SER A 26 53.26 -11.10 17.52
N ASN A 27 52.34 -11.70 16.77
CA ASN A 27 51.77 -12.98 17.18
C ASN A 27 52.79 -14.11 17.04
N ALA A 28 53.71 -13.98 16.10
CA ALA A 28 54.68 -15.05 15.88
C ALA A 28 55.74 -15.10 16.97
N ALA A 29 56.06 -13.95 17.59
CA ALA A 29 57.01 -13.95 18.69
C ALA A 29 56.39 -14.61 19.93
N GLU A 30 57.24 -15.23 20.74
CA GLU A 30 56.76 -15.89 21.94
C GLU A 30 57.83 -15.83 23.02
N ASP A 31 57.37 -15.90 24.26
CA ASP A 31 58.27 -15.93 25.40
C ASP A 31 58.36 -17.35 25.93
N ASP A 32 59.38 -17.59 26.74
CA ASP A 32 59.57 -18.86 27.39
C ASP A 32 58.90 -18.81 28.75
N LEU A 33 57.92 -19.71 28.98
CA LEU A 33 57.36 -19.75 30.33
C LEU A 33 58.04 -20.85 31.15
N PRO A 34 58.54 -20.52 32.33
CA PRO A 34 59.10 -21.53 33.23
C PRO A 34 58.17 -22.72 33.41
N THR A 35 58.77 -23.91 33.50
CA THR A 35 58.03 -25.11 33.88
C THR A 35 58.08 -25.36 35.39
N VAL A 36 59.15 -24.96 36.06
CA VAL A 36 59.29 -25.14 37.51
C VAL A 36 59.59 -23.76 38.06
N GLU A 37 58.53 -23.00 38.36
CA GLU A 37 58.70 -21.58 38.70
C GLU A 37 58.83 -21.41 40.22
N LEU A 38 60.00 -21.80 40.72
CA LEU A 38 60.22 -21.75 42.17
C LEU A 38 60.41 -20.33 42.67
N GLN A 39 59.95 -20.07 43.90
CA GLN A 39 59.95 -18.73 44.49
C GLN A 39 60.68 -18.77 45.83
N GLY A 40 61.37 -17.69 46.13
CA GLY A 40 62.15 -17.68 47.36
C GLY A 40 63.30 -18.66 47.27
N VAL A 41 63.83 -19.02 48.44
CA VAL A 41 64.96 -19.92 48.59
C VAL A 41 64.47 -21.31 48.98
N VAL A 42 64.00 -22.06 48.00
CA VAL A 42 63.44 -23.39 48.24
C VAL A 42 64.52 -24.32 48.76
N PRO A 43 64.30 -25.01 49.89
CA PRO A 43 65.31 -25.94 50.40
C PRO A 43 65.56 -27.07 49.39
N ARG A 44 66.80 -27.55 49.38
CA ARG A 44 67.14 -28.73 48.61
C ARG A 44 66.42 -29.94 49.18
N GLY A 45 66.00 -30.85 48.30
CA GLY A 45 65.29 -32.03 48.75
C GLY A 45 63.81 -31.82 48.91
N VAL A 46 63.27 -30.74 48.33
CA VAL A 46 61.83 -30.57 48.28
C VAL A 46 61.22 -31.69 47.44
N ASN A 47 60.05 -32.18 47.86
CA ASN A 47 59.41 -33.33 47.20
C ASN A 47 58.12 -32.85 46.51
N LEU A 48 58.22 -32.58 45.21
CA LEU A 48 57.09 -32.13 44.41
C LEU A 48 56.16 -33.25 43.99
N GLN A 49 56.46 -34.51 44.35
CA GLN A 49 55.57 -35.63 44.01
C GLN A 49 54.16 -35.47 44.56
N GLU A 50 53.96 -34.63 45.59
CA GLU A 50 52.63 -34.44 46.16
C GLU A 50 51.68 -33.76 45.20
N PHE A 51 52.19 -32.98 44.26
CA PHE A 51 51.37 -32.10 43.46
C PHE A 51 50.99 -32.74 42.15
N LEU A 52 49.84 -32.35 41.60
CA LEU A 52 49.47 -32.81 40.27
C LEU A 52 50.54 -32.48 39.24
N ASN A 53 50.69 -33.36 38.26
CA ASN A 53 51.34 -33.00 37.02
C ASN A 53 50.51 -33.51 35.85
N VAL A 54 50.60 -32.82 34.71
CA VAL A 54 49.80 -33.16 33.55
C VAL A 54 50.50 -34.26 32.77
N THR A 55 49.78 -35.32 32.44
CA THR A 55 50.32 -36.35 31.56
C THR A 55 49.88 -36.18 30.11
N SER A 56 48.82 -35.42 29.84
CA SER A 56 48.27 -35.37 28.50
C SER A 56 47.17 -34.31 28.41
N VAL A 57 47.12 -33.59 27.29
CA VAL A 57 46.04 -32.65 26.99
C VAL A 57 45.39 -33.06 25.68
N HIS A 58 44.05 -33.08 25.67
CA HIS A 58 43.29 -33.41 24.46
C HIS A 58 42.37 -32.23 24.16
N LEU A 59 42.36 -31.79 22.90
CA LEU A 59 41.53 -30.65 22.54
C LEU A 59 40.33 -31.04 21.67
N PHE A 60 40.16 -32.32 21.36
CA PHE A 60 39.10 -32.78 20.47
C PHE A 60 39.01 -31.87 19.25
N LYS A 61 40.15 -31.77 18.56
CA LYS A 61 40.33 -30.76 17.53
C LYS A 61 40.09 -31.29 16.12
N GLU A 62 39.72 -32.56 15.95
CA GLU A 62 39.44 -33.10 14.62
C GLU A 62 38.28 -32.36 13.97
N ARG A 63 38.27 -32.33 12.65
CA ARG A 63 37.33 -31.48 11.94
C ARG A 63 35.94 -32.09 11.83
N TRP A 64 35.76 -33.32 12.28
CA TRP A 64 34.43 -33.91 12.38
C TRP A 64 33.80 -33.74 13.74
N ASP A 65 34.54 -33.24 14.73
CA ASP A 65 34.14 -33.24 16.13
C ASP A 65 33.39 -31.95 16.49
N THR A 66 32.81 -31.94 17.70
CA THR A 66 31.85 -30.90 18.05
C THR A 66 32.48 -29.51 18.19
N ASN A 67 33.73 -29.40 18.64
CA ASN A 67 34.34 -28.08 18.74
C ASN A 67 34.33 -27.36 17.40
N LYS A 68 35.02 -27.91 16.41
CA LYS A 68 35.17 -27.21 15.13
C LYS A 68 33.83 -27.08 14.39
N VAL A 69 32.98 -28.10 14.47
CA VAL A 69 31.68 -28.03 13.81
C VAL A 69 30.81 -26.97 14.47
N ASP A 70 30.73 -26.98 15.81
CA ASP A 70 29.87 -25.99 16.48
C ASP A 70 30.47 -24.59 16.43
N HIS A 71 31.79 -24.47 16.36
CA HIS A 71 32.38 -23.15 16.21
C HIS A 71 32.49 -22.70 14.74
N HIS A 72 32.00 -23.50 13.79
CA HIS A 72 32.06 -23.17 12.36
C HIS A 72 33.50 -22.89 11.92
N THR A 73 34.39 -23.81 12.27
CA THR A 73 35.79 -23.72 11.93
C THR A 73 36.30 -25.03 11.34
N ASP A 74 35.40 -25.96 11.04
CA ASP A 74 35.77 -27.25 10.46
C ASP A 74 36.24 -27.15 9.03
N LYS A 75 36.10 -26.01 8.36
CA LYS A 75 36.55 -25.91 6.98
C LYS A 75 38.03 -25.56 6.84
N TYR A 76 38.64 -24.92 7.84
CA TYR A 76 40.06 -24.58 7.75
C TYR A 76 40.90 -25.84 7.60
N GLU A 77 41.92 -25.78 6.74
CA GLU A 77 42.77 -26.94 6.58
C GLU A 77 43.69 -27.18 7.78
N ASN A 78 43.94 -26.14 8.56
CA ASN A 78 44.78 -26.19 9.75
C ASN A 78 44.40 -27.33 10.70
N ASN A 79 45.40 -28.06 11.18
CA ASN A 79 45.14 -29.19 12.08
C ASN A 79 45.13 -28.81 13.56
N LYS A 80 45.40 -27.55 13.90
CA LYS A 80 45.25 -27.12 15.29
C LYS A 80 43.77 -26.82 15.60
N LEU A 81 43.50 -26.68 16.90
CA LEU A 81 42.19 -26.24 17.36
C LEU A 81 41.94 -24.80 16.91
N ILE A 82 40.76 -24.55 16.33
CA ILE A 82 40.30 -23.22 15.95
C ILE A 82 38.91 -22.99 16.55
N VAL A 83 38.77 -21.97 17.38
CA VAL A 83 37.48 -21.67 18.01
C VAL A 83 37.19 -20.19 17.82
N ARG A 84 35.93 -19.82 18.05
CA ARG A 84 35.50 -18.44 17.97
C ARG A 84 35.20 -17.90 19.35
N ARG A 85 35.53 -16.64 19.58
CA ARG A 85 35.52 -16.08 20.93
C ARG A 85 34.10 -16.03 21.50
N GLY A 86 34.02 -16.01 22.83
CA GLY A 86 32.73 -15.90 23.49
C GLY A 86 31.87 -17.13 23.39
N GLN A 87 32.45 -18.30 23.13
CA GLN A 87 31.69 -19.54 22.96
C GLN A 87 32.46 -20.69 23.61
N SER A 88 31.74 -21.66 24.17
CA SER A 88 32.37 -22.74 24.91
C SER A 88 32.97 -23.82 23.99
N PHE A 89 34.09 -24.40 24.42
CA PHE A 89 34.64 -25.58 23.75
C PHE A 89 35.15 -26.54 24.81
N TYR A 90 35.24 -27.82 24.44
CA TYR A 90 35.63 -28.88 25.37
C TYR A 90 37.10 -29.21 25.22
N VAL A 91 37.80 -29.34 26.34
CA VAL A 91 39.12 -29.96 26.40
C VAL A 91 39.09 -31.02 27.49
N GLN A 92 40.18 -31.78 27.57
CA GLN A 92 40.32 -32.83 28.56
C GLN A 92 41.78 -32.90 28.99
N ILE A 93 41.99 -32.83 30.30
CA ILE A 93 43.32 -32.88 30.89
C ILE A 93 43.43 -34.16 31.68
N ASP A 94 44.54 -34.88 31.47
CA ASP A 94 44.86 -36.09 32.21
C ASP A 94 45.95 -35.74 33.22
N PHE A 95 45.74 -36.13 34.47
CA PHE A 95 46.73 -35.87 35.50
C PHE A 95 47.36 -37.19 35.98
N SER A 96 48.47 -37.06 36.71
CA SER A 96 49.15 -38.24 37.25
C SER A 96 48.33 -38.97 38.31
N ARG A 97 47.38 -38.29 38.95
CA ARG A 97 46.43 -38.93 39.84
C ARG A 97 45.12 -38.16 39.71
N PRO A 98 44.03 -38.66 40.29
CA PRO A 98 42.75 -37.94 40.18
C PRO A 98 42.81 -36.56 40.83
N TYR A 99 42.38 -35.55 40.08
CA TYR A 99 42.32 -34.19 40.61
C TYR A 99 41.40 -34.13 41.82
N ASP A 100 41.86 -33.47 42.88
CA ASP A 100 41.17 -33.42 44.17
C ASP A 100 41.12 -31.98 44.65
N PRO A 101 39.98 -31.30 44.52
CA PRO A 101 39.92 -29.88 44.84
C PRO A 101 40.18 -29.55 46.29
N ARG A 102 40.22 -30.55 47.19
CA ARG A 102 40.62 -30.28 48.57
C ARG A 102 42.13 -30.08 48.71
N ARG A 103 42.97 -30.63 47.83
CA ARG A 103 44.40 -30.41 47.88
C ARG A 103 45.00 -29.78 46.65
N ASP A 104 44.29 -29.76 45.52
CA ASP A 104 44.84 -29.30 44.26
C ASP A 104 44.18 -28.00 43.81
N LEU A 105 44.97 -27.16 43.15
CA LEU A 105 44.48 -25.94 42.55
C LEU A 105 45.25 -25.73 41.26
N PHE A 106 44.54 -25.69 40.13
CA PHE A 106 45.20 -25.42 38.87
C PHE A 106 44.35 -24.47 38.04
N ARG A 107 44.98 -23.95 36.99
CA ARG A 107 44.32 -23.06 36.05
C ARG A 107 44.88 -23.33 34.67
N VAL A 108 44.15 -22.92 33.65
CA VAL A 108 44.64 -22.91 32.28
C VAL A 108 45.08 -21.48 31.95
N GLU A 109 46.14 -21.36 31.16
CA GLU A 109 46.65 -20.08 30.70
C GLU A 109 46.71 -20.04 29.17
N TYR A 110 46.31 -18.91 28.59
CA TYR A 110 46.50 -18.66 27.17
C TYR A 110 47.40 -17.45 27.05
N VAL A 111 48.42 -17.55 26.21
CA VAL A 111 49.51 -16.59 26.13
C VAL A 111 49.75 -16.25 24.66
N ILE A 112 49.93 -14.96 24.35
CA ILE A 112 50.19 -14.53 22.98
C ILE A 112 51.23 -13.40 22.98
N GLY A 113 52.24 -13.52 22.11
CA GLY A 113 53.24 -12.49 21.96
C GLY A 113 54.48 -12.72 22.82
N ARG A 114 55.51 -11.92 22.55
CA ARG A 114 56.74 -12.01 23.32
C ARG A 114 56.67 -11.31 24.67
N TYR A 115 55.72 -10.39 24.87
CA TYR A 115 55.59 -9.65 26.14
C TYR A 115 54.16 -9.68 26.66
N PRO A 116 53.69 -10.85 27.08
CA PRO A 116 52.29 -10.95 27.53
C PRO A 116 52.05 -10.21 28.83
N GLN A 117 50.92 -9.53 28.91
CA GLN A 117 50.49 -8.87 30.14
C GLN A 117 49.00 -9.11 30.34
N GLU A 118 48.63 -9.42 31.58
CA GLU A 118 47.24 -9.70 31.91
C GLU A 118 46.35 -8.49 31.68
N ASN A 119 46.80 -7.30 32.10
CA ASN A 119 45.98 -6.10 31.93
C ASN A 119 45.95 -5.60 30.49
N LYS A 120 46.66 -6.24 29.57
CA LYS A 120 46.47 -5.98 28.14
C LYS A 120 45.75 -7.13 27.44
N GLY A 121 45.27 -8.12 28.20
CA GLY A 121 44.57 -9.25 27.59
C GLY A 121 45.44 -10.24 26.84
N THR A 122 46.77 -10.17 26.96
CA THR A 122 47.66 -11.07 26.22
C THR A 122 48.23 -12.18 27.09
N TYR A 123 48.01 -12.12 28.40
CA TYR A 123 48.14 -13.28 29.29
C TYR A 123 46.75 -13.50 29.88
N ILE A 124 46.13 -14.64 29.57
CA ILE A 124 44.78 -14.92 30.02
C ILE A 124 44.78 -16.11 30.97
N PRO A 125 44.72 -15.88 32.30
CA PRO A 125 44.45 -16.99 33.22
C PRO A 125 43.00 -17.41 33.10
N VAL A 126 42.77 -18.72 33.14
CA VAL A 126 41.42 -19.27 33.07
C VAL A 126 41.19 -20.10 34.33
N PRO A 127 40.45 -19.56 35.30
CA PRO A 127 40.20 -20.30 36.53
C PRO A 127 39.20 -21.44 36.33
N ILE A 128 39.38 -22.49 37.13
CA ILE A 128 38.40 -23.56 37.25
C ILE A 128 37.28 -23.09 38.18
N VAL A 129 36.06 -22.99 37.65
CA VAL A 129 34.93 -22.37 38.33
C VAL A 129 33.82 -23.39 38.50
N SER A 130 32.92 -23.12 39.45
CA SER A 130 31.75 -23.98 39.66
C SER A 130 30.77 -23.85 38.49
N GLU A 131 30.47 -22.61 38.12
CA GLU A 131 29.56 -22.31 37.03
C GLU A 131 30.22 -21.25 36.18
N LEU A 132 30.12 -21.42 34.86
CA LEU A 132 30.57 -20.38 33.96
C LEU A 132 29.75 -19.11 34.17
N GLN A 133 30.42 -17.96 34.06
CA GLN A 133 29.80 -16.66 34.20
C GLN A 133 29.69 -16.01 32.82
N SER A 134 28.65 -15.17 32.66
CA SER A 134 28.39 -14.57 31.36
C SER A 134 29.54 -13.65 30.93
N GLY A 135 30.06 -13.90 29.74
CA GLY A 135 31.06 -13.04 29.16
C GLY A 135 32.43 -13.14 29.78
N LYS A 136 32.65 -14.03 30.75
CA LYS A 136 33.92 -14.10 31.46
C LYS A 136 34.66 -15.38 31.12
N TRP A 137 35.98 -15.26 31.00
CA TRP A 137 36.83 -16.44 30.87
C TRP A 137 36.64 -17.32 32.09
N GLY A 138 36.41 -18.60 31.85
CA GLY A 138 36.43 -19.58 32.91
C GLY A 138 36.37 -20.95 32.29
N ALA A 139 36.60 -21.94 33.13
CA ALA A 139 36.55 -23.34 32.71
C ALA A 139 35.78 -24.13 33.76
N LYS A 140 34.90 -25.00 33.30
CA LYS A 140 34.06 -25.80 34.18
C LYS A 140 34.33 -27.29 33.98
N ILE A 141 34.53 -28.02 35.07
CA ILE A 141 34.67 -29.46 35.01
C ILE A 141 33.30 -30.09 34.79
N VAL A 142 33.15 -30.84 33.69
CA VAL A 142 31.85 -31.39 33.32
C VAL A 142 31.80 -32.90 33.39
N MET A 143 32.95 -33.58 33.47
CA MET A 143 33.02 -35.02 33.61
C MET A 143 34.34 -35.38 34.27
N ARG A 144 34.32 -36.47 35.04
CA ARG A 144 35.53 -36.96 35.69
C ARG A 144 35.56 -38.47 35.55
N GLU A 145 36.63 -38.99 34.95
CA GLU A 145 36.81 -40.43 34.79
C GLU A 145 38.28 -40.74 35.07
N ASP A 146 38.52 -41.61 36.07
CA ASP A 146 39.85 -41.95 36.54
C ASP A 146 40.68 -40.70 36.79
N ARG A 147 41.77 -40.53 36.05
CA ARG A 147 42.70 -39.44 36.28
C ARG A 147 42.43 -38.24 35.39
N SER A 148 41.35 -38.24 34.61
CA SER A 148 41.13 -37.14 33.70
C SER A 148 39.92 -36.32 34.14
N VAL A 149 39.90 -35.07 33.67
CA VAL A 149 38.77 -34.18 33.85
C VAL A 149 38.45 -33.56 32.48
N ARG A 150 37.17 -33.57 32.12
CA ARG A 150 36.73 -32.88 30.93
C ARG A 150 36.29 -31.48 31.32
N LEU A 151 36.77 -30.49 30.58
CA LEU A 151 36.56 -29.09 30.87
C LEU A 151 35.73 -28.45 29.76
N SER A 152 34.77 -27.64 30.16
CA SER A 152 34.11 -26.70 29.28
C SER A 152 34.75 -25.34 29.52
N ILE A 153 35.44 -24.82 28.52
CA ILE A 153 36.15 -23.56 28.64
C ILE A 153 35.37 -22.49 27.89
N GLN A 154 35.21 -21.34 28.52
CA GLN A 154 34.52 -20.23 27.89
C GLN A 154 35.45 -19.02 27.79
N SER A 155 35.52 -18.44 26.58
CA SER A 155 36.35 -17.28 26.31
C SER A 155 35.50 -16.00 26.35
N SER A 156 36.17 -14.88 26.57
CA SER A 156 35.48 -13.60 26.54
C SER A 156 35.10 -13.25 25.10
N PRO A 157 33.92 -12.66 24.89
CA PRO A 157 33.55 -12.21 23.54
C PRO A 157 34.33 -11.00 23.06
N LYS A 158 35.14 -10.37 23.91
CA LYS A 158 36.02 -9.29 23.50
C LYS A 158 37.47 -9.75 23.33
N CYS A 159 37.71 -11.05 23.33
CA CYS A 159 39.06 -11.62 23.30
C CYS A 159 39.86 -11.16 22.09
N ILE A 160 41.17 -10.95 22.31
CA ILE A 160 42.12 -10.75 21.21
C ILE A 160 41.99 -11.89 20.21
N VAL A 161 42.06 -11.57 18.92
CA VAL A 161 41.97 -12.58 17.86
C VAL A 161 43.40 -12.94 17.42
N GLY A 162 43.71 -14.23 17.40
CA GLY A 162 45.07 -14.64 17.10
C GLY A 162 45.32 -16.09 17.49
N LYS A 163 46.59 -16.47 17.43
CA LYS A 163 47.03 -17.82 17.76
C LYS A 163 47.71 -17.82 19.13
N PHE A 164 47.14 -18.54 20.08
CA PHE A 164 47.57 -18.55 21.48
C PHE A 164 48.32 -19.83 21.83
N ARG A 165 49.27 -19.70 22.75
CA ARG A 165 49.88 -20.86 23.38
C ARG A 165 49.06 -21.24 24.60
N MET A 166 48.81 -22.55 24.76
CA MET A 166 48.04 -23.08 25.88
C MET A 166 48.97 -23.68 26.93
N TYR A 167 48.66 -23.40 28.20
CA TYR A 167 49.41 -24.01 29.29
C TYR A 167 48.47 -24.42 30.42
N VAL A 168 48.88 -25.48 31.12
CA VAL A 168 48.26 -25.89 32.38
C VAL A 168 49.24 -25.57 33.50
N ALA A 169 48.79 -24.79 34.48
CA ALA A 169 49.58 -24.31 35.60
C ALA A 169 49.05 -24.86 36.91
N VAL A 170 49.86 -25.68 37.61
CA VAL A 170 49.51 -26.26 38.90
C VAL A 170 50.17 -25.45 40.02
N TRP A 171 49.38 -25.00 41.00
CA TRP A 171 49.88 -24.12 42.07
C TRP A 171 50.31 -24.93 43.29
N THR A 172 51.43 -24.54 43.87
CA THR A 172 52.05 -25.23 44.99
C THR A 172 52.59 -24.19 45.97
N PRO A 173 52.90 -24.58 47.22
CA PRO A 173 53.48 -23.59 48.15
C PRO A 173 54.85 -23.10 47.74
N TYR A 174 55.52 -23.79 46.81
CA TYR A 174 56.84 -23.41 46.33
C TYR A 174 56.79 -22.61 45.03
N GLY A 175 55.62 -22.39 44.48
CA GLY A 175 55.46 -21.70 43.20
C GLY A 175 54.73 -22.59 42.23
N VAL A 176 54.64 -22.12 41.00
CA VAL A 176 53.83 -22.77 39.97
C VAL A 176 54.63 -23.87 39.27
N LEU A 177 53.95 -24.95 38.91
CA LEU A 177 54.48 -25.99 38.05
C LEU A 177 53.66 -26.01 36.76
N ARG A 178 54.31 -25.70 35.64
CA ARG A 178 53.61 -25.44 34.38
C ARG A 178 54.04 -26.45 33.32
N THR A 179 53.09 -26.84 32.47
CA THR A 179 53.39 -27.70 31.33
C THR A 179 54.43 -27.07 30.40
N SER A 180 55.11 -27.92 29.67
CA SER A 180 56.07 -27.46 28.67
C SER A 180 55.36 -26.87 27.45
N ARG A 181 56.09 -25.98 26.76
CA ARG A 181 55.69 -25.55 25.41
C ARG A 181 55.33 -26.75 24.55
N ASN A 182 54.15 -26.69 23.94
CA ASN A 182 53.63 -27.80 23.15
C ASN A 182 52.93 -27.21 21.93
N PRO A 183 53.59 -27.17 20.79
CA PRO A 183 52.97 -26.57 19.60
C PRO A 183 51.66 -27.25 19.20
N GLU A 184 51.44 -28.50 19.60
CA GLU A 184 50.19 -29.15 19.21
C GLU A 184 48.97 -28.65 19.98
N THR A 185 49.13 -27.91 21.08
CA THR A 185 47.97 -27.32 21.74
C THR A 185 47.82 -25.84 21.43
N ASP A 186 48.66 -25.27 20.56
CA ASP A 186 48.42 -23.92 20.07
C ASP A 186 46.98 -23.81 19.58
N THR A 187 46.33 -22.72 19.92
CA THR A 187 44.89 -22.57 19.73
C THR A 187 44.59 -21.24 19.05
N TYR A 188 43.83 -21.28 17.95
CA TYR A 188 43.39 -20.07 17.26
C TYR A 188 42.05 -19.64 17.83
N ILE A 189 41.92 -18.36 18.15
CA ILE A 189 40.66 -17.77 18.57
C ILE A 189 40.26 -16.68 17.56
N LEU A 190 39.11 -16.85 16.94
CA LEU A 190 38.64 -15.96 15.86
C LEU A 190 37.46 -15.11 16.32
N PHE A 191 37.14 -14.11 15.50
CA PHE A 191 35.89 -13.38 15.64
C PHE A 191 34.71 -14.33 15.49
N ASN A 192 33.59 -14.01 16.16
CA ASN A 192 32.44 -14.90 16.22
C ASN A 192 31.18 -14.18 15.78
N PRO A 193 30.85 -14.24 14.48
CA PRO A 193 29.56 -13.73 14.00
C PRO A 193 28.34 -14.45 14.58
N TRP A 194 28.52 -15.58 15.26
CA TRP A 194 27.39 -16.30 15.84
C TRP A 194 27.11 -15.93 17.29
N CYS A 195 28.08 -15.32 17.99
CA CYS A 195 27.93 -14.95 19.40
C CYS A 195 27.32 -13.56 19.52
N GLU A 196 26.19 -13.46 20.22
CA GLU A 196 25.50 -12.19 20.20
C GLU A 196 26.14 -11.14 21.10
N ASP A 197 27.09 -11.50 21.96
CA ASP A 197 27.86 -10.50 22.68
C ASP A 197 29.07 -10.01 21.89
N ASP A 198 29.28 -10.54 20.69
CA ASP A 198 30.42 -10.18 19.86
C ASP A 198 30.09 -8.92 19.05
N ALA A 199 31.08 -8.03 18.93
CA ALA A 199 30.93 -6.84 18.11
C ALA A 199 30.61 -7.15 16.65
N VAL A 200 30.91 -8.35 16.16
CA VAL A 200 30.59 -8.67 14.77
C VAL A 200 29.36 -9.56 14.66
N TYR A 201 28.54 -9.67 15.72
CA TYR A 201 27.35 -10.50 15.69
C TYR A 201 26.50 -10.17 14.46
N LEU A 202 26.00 -11.23 13.83
CA LEU A 202 25.20 -11.14 12.61
C LEU A 202 24.03 -12.12 12.77
N ASP A 203 22.85 -11.61 13.08
CA ASP A 203 21.82 -12.50 13.61
C ASP A 203 21.13 -13.34 12.54
N ASN A 204 21.54 -13.25 11.29
CA ASN A 204 20.90 -13.95 10.18
C ASN A 204 21.81 -15.07 9.68
N GLU A 205 21.34 -16.31 9.78
CA GLU A 205 22.18 -17.46 9.43
C GLU A 205 22.58 -17.44 7.95
N LYS A 206 21.65 -17.12 7.06
CA LYS A 206 21.99 -17.09 5.64
C LYS A 206 23.04 -16.04 5.33
N GLU A 207 23.00 -14.89 6.03
CA GLU A 207 24.03 -13.87 5.84
C GLU A 207 25.37 -14.29 6.45
N ARG A 208 25.35 -15.09 7.51
CA ARG A 208 26.60 -15.61 8.05
C ARG A 208 27.21 -16.63 7.08
N GLU A 209 26.37 -17.45 6.45
CA GLU A 209 26.87 -18.44 5.50
C GLU A 209 27.55 -17.76 4.33
N GLU A 210 26.97 -16.66 3.83
CA GLU A 210 27.50 -15.98 2.65
C GLU A 210 28.68 -15.07 2.98
N TYR A 211 28.64 -14.35 4.09
CA TYR A 211 29.62 -13.31 4.35
C TYR A 211 30.79 -13.78 5.21
N VAL A 212 30.76 -15.02 5.71
CA VAL A 212 31.85 -15.59 6.49
C VAL A 212 32.35 -16.89 5.90
N LEU A 213 31.43 -17.81 5.59
CA LEU A 213 31.80 -19.20 5.31
C LEU A 213 31.94 -19.51 3.81
N ASN A 214 31.52 -18.61 2.94
CA ASN A 214 31.62 -18.83 1.50
C ASN A 214 33.02 -18.43 1.03
N ASP A 215 33.76 -19.36 0.45
CA ASP A 215 35.11 -19.06 -0.02
C ASP A 215 35.15 -18.79 -1.52
N ILE A 216 33.99 -18.65 -2.15
CA ILE A 216 33.84 -18.36 -3.57
C ILE A 216 32.87 -17.19 -3.72
N GLY A 217 33.22 -16.25 -4.60
CA GLY A 217 32.39 -15.07 -4.78
C GLY A 217 32.34 -14.65 -6.23
N VAL A 218 31.56 -13.59 -6.46
CA VAL A 218 31.46 -12.95 -7.76
C VAL A 218 31.70 -11.47 -7.57
N ILE A 219 32.48 -10.88 -8.47
CA ILE A 219 32.80 -9.46 -8.45
C ILE A 219 32.28 -8.84 -9.73
N PHE A 220 31.53 -7.76 -9.59
CA PHE A 220 30.94 -7.11 -10.74
C PHE A 220 31.82 -5.98 -11.25
N TYR A 221 31.83 -5.81 -12.57
CA TYR A 221 32.58 -4.73 -13.20
C TYR A 221 31.92 -4.40 -14.54
N GLY A 222 32.70 -3.81 -15.44
CA GLY A 222 32.20 -3.33 -16.72
C GLY A 222 31.67 -1.91 -16.63
N GLU A 223 30.55 -1.65 -17.27
CA GLU A 223 29.89 -0.36 -17.23
C GLU A 223 28.41 -0.61 -16.96
N VAL A 224 27.69 0.47 -16.61
CA VAL A 224 26.36 0.33 -16.00
C VAL A 224 25.42 -0.46 -16.91
N ASN A 225 25.39 -0.10 -18.19
CA ASN A 225 24.49 -0.79 -19.09
C ASN A 225 25.12 -2.03 -19.72
N ASP A 226 26.37 -2.35 -19.37
CA ASP A 226 27.05 -3.55 -19.83
C ASP A 226 27.80 -4.17 -18.64
N ILE A 227 27.06 -4.79 -17.72
CA ILE A 227 27.63 -5.28 -16.48
C ILE A 227 28.25 -6.66 -16.71
N LYS A 228 29.48 -6.81 -16.29
CA LYS A 228 30.20 -8.07 -16.41
C LYS A 228 30.48 -8.64 -15.03
N THR A 229 30.69 -9.95 -14.99
CA THR A 229 30.96 -10.68 -13.74
C THR A 229 32.27 -11.45 -13.87
N ARG A 230 32.96 -11.53 -12.74
CA ARG A 230 34.23 -12.20 -12.59
C ARG A 230 34.19 -13.09 -11.35
N SER A 231 34.55 -14.37 -11.52
CA SER A 231 34.58 -15.25 -10.38
C SER A 231 35.80 -14.93 -9.51
N TRP A 232 35.72 -15.27 -8.23
CA TRP A 232 36.87 -15.02 -7.36
C TRP A 232 36.94 -16.09 -6.28
N SER A 233 38.11 -16.69 -6.14
CA SER A 233 38.34 -17.68 -5.09
C SER A 233 38.94 -16.97 -3.87
N TYR A 234 38.10 -16.61 -2.89
CA TYR A 234 38.59 -15.97 -1.68
C TYR A 234 39.49 -16.93 -0.90
N GLY A 235 39.13 -18.21 -0.88
CA GLY A 235 39.97 -19.23 -0.29
C GLY A 235 40.41 -19.02 1.15
N GLN A 236 39.58 -18.40 2.00
CA GLN A 236 40.04 -18.11 3.36
C GLN A 236 40.31 -19.38 4.19
N PHE A 237 39.87 -20.55 3.73
CA PHE A 237 40.06 -21.78 4.49
C PHE A 237 41.27 -22.60 4.04
N GLU A 238 41.97 -22.21 2.98
CA GLU A 238 43.03 -23.06 2.47
C GLU A 238 44.30 -22.99 3.34
N ASP A 239 45.07 -24.08 3.31
CA ASP A 239 46.27 -24.22 4.11
C ASP A 239 47.18 -23.01 3.99
N GLY A 240 47.52 -22.41 5.13
CA GLY A 240 48.43 -21.29 5.19
C GLY A 240 47.78 -19.93 5.18
N ILE A 241 46.50 -19.83 4.84
CA ILE A 241 45.90 -18.52 4.64
C ILE A 241 45.63 -17.84 5.98
N LEU A 242 45.07 -18.57 6.96
CA LEU A 242 44.87 -18.01 8.30
C LEU A 242 46.19 -17.52 8.90
N ASP A 243 47.26 -18.29 8.73
CA ASP A 243 48.56 -17.86 9.26
C ASP A 243 49.03 -16.60 8.58
N THR A 244 48.75 -16.46 7.27
CA THR A 244 49.21 -15.28 6.56
C THR A 244 48.51 -14.04 7.06
N CYS A 245 47.20 -14.13 7.34
CA CYS A 245 46.49 -12.99 7.88
C CYS A 245 47.08 -12.54 9.21
N LEU A 246 47.53 -13.50 10.03
CA LEU A 246 48.23 -13.13 11.26
C LEU A 246 49.56 -12.48 10.95
N TYR A 247 50.27 -13.00 9.94
CA TYR A 247 51.54 -12.42 9.52
C TYR A 247 51.35 -11.00 8.99
N VAL A 248 50.23 -10.76 8.32
CA VAL A 248 49.94 -9.40 7.85
C VAL A 248 49.85 -8.44 9.03
N MET A 249 49.13 -8.83 10.07
CA MET A 249 49.05 -7.95 11.22
C MET A 249 50.40 -7.84 11.92
N ASP A 250 51.17 -8.94 11.96
CA ASP A 250 52.54 -8.83 12.47
C ASP A 250 53.33 -7.86 11.61
N ARG A 251 53.20 -7.95 10.28
CA ARG A 251 53.95 -7.07 9.40
C ARG A 251 53.55 -5.62 9.60
N ALA A 252 52.28 -5.36 9.95
CA ALA A 252 51.86 -4.00 10.25
C ALA A 252 52.33 -3.48 11.59
N GLN A 253 52.97 -4.32 12.43
CA GLN A 253 53.36 -3.95 13.80
C GLN A 253 52.14 -3.49 14.62
N MET A 254 51.01 -4.15 14.39
CA MET A 254 49.79 -3.90 15.12
C MET A 254 49.86 -4.46 16.54
N ASP A 255 49.64 -3.62 17.55
CA ASP A 255 49.63 -4.08 18.93
C ASP A 255 48.64 -5.23 19.13
N LEU A 256 49.10 -6.31 19.77
CA LEU A 256 48.21 -7.46 19.96
C LEU A 256 46.94 -7.08 20.72
N SER A 257 47.05 -6.17 21.69
CA SER A 257 45.89 -5.93 22.54
C SER A 257 44.75 -5.28 21.78
N GLY A 258 45.02 -4.69 20.61
CA GLY A 258 43.94 -4.13 19.84
C GLY A 258 43.30 -5.05 18.82
N ARG A 259 43.80 -6.28 18.68
CA ARG A 259 43.40 -7.15 17.59
C ARG A 259 42.07 -7.85 17.84
N GLY A 260 41.42 -7.61 18.98
CA GLY A 260 40.07 -8.06 19.21
C GLY A 260 39.04 -7.03 18.84
N ASN A 261 39.50 -5.89 18.33
CA ASN A 261 38.62 -4.82 17.89
C ASN A 261 38.53 -4.84 16.37
N PRO A 262 37.37 -5.18 15.78
CA PRO A 262 37.28 -5.28 14.31
C PRO A 262 37.30 -3.92 13.62
N ILE A 263 37.23 -2.82 14.39
CA ILE A 263 37.48 -1.51 13.82
C ILE A 263 38.96 -1.32 13.53
N LYS A 264 39.82 -1.72 14.47
CA LYS A 264 41.26 -1.61 14.28
C LYS A 264 41.77 -2.66 13.30
N VAL A 265 41.15 -3.84 13.32
CA VAL A 265 41.60 -4.92 12.45
C VAL A 265 41.25 -4.61 10.99
N SER A 266 40.10 -3.98 10.74
CA SER A 266 39.71 -3.66 9.37
C SER A 266 40.44 -2.43 8.84
N ARG A 267 40.80 -1.48 9.71
CA ARG A 267 41.58 -0.31 9.30
C ARG A 267 43.05 -0.66 9.08
N VAL A 268 43.60 -1.57 9.87
CA VAL A 268 44.93 -2.09 9.59
C VAL A 268 44.93 -2.84 8.27
N GLY A 269 43.90 -3.65 8.02
CA GLY A 269 43.83 -4.39 6.78
C GLY A 269 43.70 -3.48 5.57
N SER A 270 42.97 -2.38 5.71
CA SER A 270 42.84 -1.39 4.65
C SER A 270 44.21 -0.90 4.20
N ALA A 271 45.11 -0.69 5.15
CA ALA A 271 46.44 -0.18 4.83
C ALA A 271 47.36 -1.29 4.30
N MET A 272 47.31 -2.50 4.90
CA MET A 272 48.30 -3.56 4.66
C MET A 272 48.06 -4.36 3.39
N VAL A 273 46.86 -4.30 2.80
CA VAL A 273 46.60 -5.02 1.57
C VAL A 273 47.28 -4.34 0.37
N ASN A 274 47.58 -3.04 0.45
CA ASN A 274 48.36 -2.35 -0.57
C ASN A 274 49.79 -2.08 -0.11
N ALA A 275 50.69 -1.95 -1.08
CA ALA A 275 52.11 -1.95 -0.75
C ALA A 275 52.61 -0.60 -0.27
N LYS A 276 51.86 0.47 -0.50
CA LYS A 276 52.33 1.79 -0.10
C LYS A 276 52.57 1.85 1.41
N ASP A 277 53.59 2.62 1.80
CA ASP A 277 53.82 3.01 3.20
C ASP A 277 54.39 1.91 4.09
N ASP A 278 54.08 0.64 3.83
CA ASP A 278 54.25 -0.37 4.86
C ASP A 278 54.57 -1.78 4.36
N GLU A 279 55.02 -1.95 3.11
CA GLU A 279 55.41 -3.25 2.60
C GLU A 279 54.24 -4.21 2.50
N GLY A 280 53.05 -3.71 2.23
CA GLY A 280 51.87 -4.54 2.19
C GLY A 280 51.84 -5.49 1.00
N VAL A 281 50.67 -6.10 0.83
CA VAL A 281 50.58 -7.31 0.03
C VAL A 281 50.80 -7.03 -1.46
N LEU A 282 50.10 -6.03 -2.00
CA LEU A 282 49.87 -5.88 -3.42
C LEU A 282 50.34 -4.52 -3.91
N VAL A 283 51.17 -4.56 -4.97
CA VAL A 283 51.57 -3.37 -5.72
C VAL A 283 50.52 -3.11 -6.78
N GLY A 284 49.90 -1.93 -6.74
CA GLY A 284 48.94 -1.56 -7.77
C GLY A 284 49.62 -1.09 -9.04
N SER A 285 48.98 -1.33 -10.19
CA SER A 285 49.50 -0.80 -11.45
C SER A 285 48.40 -0.76 -12.51
N TRP A 286 48.35 0.36 -13.23
CA TRP A 286 47.45 0.51 -14.38
C TRP A 286 48.20 0.86 -15.68
N ASP A 287 49.47 0.51 -15.80
CA ASP A 287 50.27 1.03 -16.90
C ASP A 287 50.25 0.18 -18.17
N ASN A 288 49.48 -0.91 -18.21
CA ASN A 288 49.23 -1.75 -19.39
C ASN A 288 50.47 -2.55 -19.81
N ILE A 289 51.56 -2.52 -19.05
CA ILE A 289 52.76 -3.29 -19.35
C ILE A 289 53.05 -4.35 -18.29
N TYR A 290 53.10 -3.94 -17.00
CA TYR A 290 53.23 -4.87 -15.86
C TYR A 290 54.58 -5.61 -15.89
N ALA A 291 55.63 -4.80 -15.90
CA ALA A 291 56.98 -5.34 -15.96
C ALA A 291 57.27 -6.18 -14.73
N TYR A 292 57.79 -7.38 -14.96
CA TYR A 292 58.35 -8.21 -13.91
C TYR A 292 57.29 -8.56 -12.86
N GLY A 293 56.18 -9.10 -13.32
CA GLY A 293 55.11 -9.46 -12.42
C GLY A 293 53.95 -10.10 -13.14
N VAL A 294 52.90 -10.34 -12.37
CA VAL A 294 51.66 -10.94 -12.85
C VAL A 294 50.75 -9.78 -13.24
N PRO A 295 50.22 -9.75 -14.44
CA PRO A 295 49.30 -8.67 -14.80
C PRO A 295 47.99 -8.84 -14.07
N PRO A 296 47.36 -7.73 -13.66
CA PRO A 296 46.22 -7.83 -12.73
C PRO A 296 45.10 -8.75 -13.19
N SER A 297 44.79 -8.78 -14.47
CA SER A 297 43.69 -9.60 -14.95
C SER A 297 44.01 -11.08 -14.97
N ALA A 298 45.25 -11.49 -14.67
CA ALA A 298 45.59 -12.92 -14.62
C ALA A 298 45.13 -13.60 -13.34
N TRP A 299 45.12 -12.90 -12.21
CA TRP A 299 44.70 -13.53 -10.96
C TRP A 299 43.24 -13.98 -11.04
N THR A 300 42.95 -15.12 -10.41
CA THR A 300 41.56 -15.58 -10.28
C THR A 300 41.15 -15.80 -8.84
N GLY A 301 41.97 -15.39 -7.87
CA GLY A 301 41.63 -15.60 -6.47
C GLY A 301 42.69 -14.96 -5.59
N SER A 302 42.52 -15.14 -4.29
CA SER A 302 43.41 -14.47 -3.36
C SER A 302 44.57 -15.33 -2.89
N VAL A 303 44.49 -16.65 -3.04
CA VAL A 303 45.43 -17.51 -2.33
C VAL A 303 46.86 -17.36 -2.85
N ASP A 304 47.05 -17.40 -4.17
CA ASP A 304 48.43 -17.31 -4.69
C ASP A 304 49.09 -15.98 -4.33
N ILE A 305 48.31 -14.90 -4.22
CA ILE A 305 48.89 -13.64 -3.77
C ILE A 305 49.34 -13.73 -2.32
N LEU A 306 48.47 -14.22 -1.43
CA LEU A 306 48.82 -14.24 -0.01
C LEU A 306 49.96 -15.21 0.29
N LEU A 307 49.93 -16.39 -0.34
CA LEU A 307 50.98 -17.38 -0.10
C LEU A 307 52.33 -16.91 -0.66
N GLU A 308 52.32 -16.21 -1.82
CA GLU A 308 53.56 -15.62 -2.33
C GLU A 308 54.03 -14.48 -1.44
N TYR A 309 53.09 -13.68 -0.92
CA TYR A 309 53.47 -12.61 0.00
C TYR A 309 54.16 -13.20 1.23
N ARG A 310 53.60 -14.29 1.77
CA ARG A 310 54.16 -14.89 2.98
C ARG A 310 55.52 -15.55 2.72
N SER A 311 55.70 -16.22 1.58
CA SER A 311 57.01 -16.84 1.38
C SER A 311 58.04 -15.85 0.87
N SER A 312 57.66 -14.93 0.00
CA SER A 312 58.62 -13.93 -0.46
C SER A 312 58.91 -12.91 0.63
N GLU A 313 57.92 -12.66 1.49
CA GLU A 313 57.98 -11.58 2.48
C GLU A 313 58.17 -10.22 1.83
N ASN A 314 57.69 -10.11 0.59
CA ASN A 314 57.70 -8.87 -0.16
C ASN A 314 56.38 -8.66 -0.89
N PRO A 315 56.04 -7.42 -1.22
CA PRO A 315 54.85 -7.14 -2.02
C PRO A 315 54.84 -7.93 -3.32
N VAL A 316 53.62 -8.21 -3.79
CA VAL A 316 53.34 -9.04 -4.94
C VAL A 316 52.86 -8.13 -6.07
N ARG A 317 53.36 -8.36 -7.28
CA ARG A 317 53.01 -7.49 -8.41
C ARG A 317 52.22 -8.30 -9.41
N TYR A 318 51.06 -7.82 -9.91
CA TYR A 318 50.44 -6.53 -9.62
C TYR A 318 48.94 -6.68 -9.34
N GLY A 319 48.29 -5.60 -8.87
CA GLY A 319 46.86 -5.62 -8.69
C GLY A 319 46.19 -4.33 -9.16
N GLN A 320 44.88 -4.44 -9.31
CA GLN A 320 44.00 -3.28 -9.47
C GLN A 320 42.83 -3.44 -8.52
N CYS A 321 41.82 -2.56 -8.61
CA CYS A 321 40.87 -2.37 -7.51
C CYS A 321 40.24 -3.69 -7.08
N TRP A 322 39.78 -4.51 -8.03
CA TRP A 322 39.09 -5.73 -7.69
C TRP A 322 40.03 -6.76 -7.06
N VAL A 323 41.32 -6.70 -7.40
CA VAL A 323 42.28 -7.60 -6.76
C VAL A 323 42.55 -7.16 -5.33
N PHE A 324 42.69 -5.85 -5.10
CA PHE A 324 42.75 -5.35 -3.73
C PHE A 324 41.55 -5.81 -2.92
N ALA A 325 40.35 -5.67 -3.50
CA ALA A 325 39.13 -6.04 -2.79
C ALA A 325 39.04 -7.54 -2.56
N GLY A 326 39.39 -8.33 -3.57
CA GLY A 326 39.43 -9.78 -3.40
C GLY A 326 40.30 -10.20 -2.23
N VAL A 327 41.52 -9.65 -2.16
CA VAL A 327 42.44 -10.04 -1.10
C VAL A 327 41.97 -9.47 0.24
N PHE A 328 41.47 -8.24 0.25
CA PHE A 328 40.91 -7.68 1.48
C PHE A 328 39.77 -8.56 2.00
N ASN A 329 38.90 -9.03 1.10
CA ASN A 329 37.76 -9.83 1.51
C ASN A 329 38.23 -11.13 2.18
N THR A 330 39.27 -11.75 1.63
CA THR A 330 39.82 -12.96 2.23
C THR A 330 40.33 -12.69 3.64
N PHE A 331 41.15 -11.66 3.80
CA PHE A 331 41.67 -11.27 5.12
C PHE A 331 40.53 -11.13 6.14
N LEU A 332 39.46 -10.41 5.77
CA LEU A 332 38.36 -10.18 6.68
C LEU A 332 37.59 -11.46 6.99
N ARG A 333 37.24 -12.23 5.95
CA ARG A 333 36.44 -13.42 6.18
C ARG A 333 37.20 -14.51 6.93
N CYS A 334 38.52 -14.60 6.67
CA CYS A 334 39.36 -15.55 7.37
C CYS A 334 39.33 -15.31 8.88
N LEU A 335 39.46 -14.05 9.28
CA LEU A 335 39.49 -13.71 10.70
C LEU A 335 38.11 -13.78 11.35
N GLY A 336 37.05 -13.88 10.55
CA GLY A 336 35.71 -13.99 11.11
C GLY A 336 34.92 -12.71 11.11
N ILE A 337 35.44 -11.65 10.51
CA ILE A 337 34.63 -10.46 10.29
C ILE A 337 33.84 -10.70 9.02
N PRO A 338 32.52 -10.58 9.07
CA PRO A 338 31.72 -10.77 7.86
C PRO A 338 32.00 -9.63 6.89
N ALA A 339 32.10 -9.96 5.61
CA ALA A 339 32.56 -8.98 4.64
C ALA A 339 32.04 -9.32 3.24
N ARG A 340 31.92 -8.29 2.42
CA ARG A 340 31.50 -8.46 1.03
C ARG A 340 32.17 -7.38 0.18
N ILE A 341 32.18 -7.60 -1.11
CA ILE A 341 32.77 -6.67 -2.06
C ILE A 341 31.65 -5.95 -2.78
N VAL A 342 31.72 -4.62 -2.83
CA VAL A 342 30.74 -3.81 -3.53
C VAL A 342 31.40 -3.15 -4.74
N THR A 343 30.65 -3.05 -5.83
CA THR A 343 31.10 -2.39 -7.05
C THR A 343 30.31 -1.10 -7.25
N ASN A 344 31.04 0.00 -7.44
CA ASN A 344 30.47 1.32 -7.66
C ASN A 344 30.70 1.80 -9.09
N TYR A 345 29.62 2.07 -9.82
CA TYR A 345 29.71 2.50 -11.21
C TYR A 345 29.71 4.01 -11.32
N PHE A 346 30.69 4.54 -12.06
CA PHE A 346 31.01 5.97 -12.11
C PHE A 346 31.45 6.43 -10.73
N SER A 347 32.70 6.10 -10.37
CA SER A 347 33.22 6.30 -9.03
C SER A 347 34.16 7.49 -9.02
N ALA A 348 33.88 8.45 -8.14
CA ALA A 348 34.65 9.68 -8.12
C ALA A 348 35.83 9.59 -7.15
N HIS A 349 36.97 10.10 -7.59
CA HIS A 349 38.19 10.16 -6.78
C HIS A 349 38.47 11.64 -6.52
N ASP A 350 38.13 12.08 -5.32
CA ASP A 350 38.36 13.47 -4.91
C ASP A 350 39.82 13.65 -4.51
N ASN A 351 40.48 14.66 -5.09
CA ASN A 351 41.89 14.87 -4.80
C ASN A 351 42.14 16.04 -3.84
N ASP A 352 41.18 16.94 -3.67
CA ASP A 352 41.35 18.11 -2.81
C ASP A 352 40.29 18.20 -1.70
N ALA A 353 39.58 17.09 -1.42
CA ALA A 353 38.77 16.93 -0.20
C ALA A 353 37.74 18.05 -0.02
N ASN A 354 37.28 18.63 -1.12
CA ASN A 354 36.17 19.58 -1.06
C ASN A 354 34.86 18.93 -1.47
N LEU A 355 34.87 17.61 -1.72
CA LEU A 355 33.69 16.76 -1.83
C LEU A 355 32.96 16.94 -3.17
N GLN A 356 33.62 17.47 -4.20
CA GLN A 356 33.03 17.59 -5.52
C GLN A 356 34.10 17.36 -6.58
N MET A 357 33.66 16.96 -7.78
CA MET A 357 34.57 16.67 -8.89
C MET A 357 34.89 17.95 -9.64
N ASP A 358 36.14 18.41 -9.52
CA ASP A 358 36.57 19.65 -10.17
C ASP A 358 37.17 19.28 -11.52
N ILE A 359 36.44 19.57 -12.59
CA ILE A 359 36.84 19.24 -13.95
C ILE A 359 37.04 20.54 -14.72
N PHE A 360 38.28 20.82 -15.10
CA PHE A 360 38.60 22.07 -15.77
C PHE A 360 38.69 21.85 -17.26
N LEU A 361 37.92 22.65 -18.00
CA LEU A 361 37.89 22.60 -19.45
C LEU A 361 38.65 23.80 -20.02
N GLU A 362 39.32 23.57 -21.15
CA GLU A 362 39.86 24.65 -21.96
C GLU A 362 38.71 25.35 -22.68
N GLU A 363 38.94 26.61 -23.07
CA GLU A 363 37.93 27.34 -23.83
C GLU A 363 37.49 26.56 -25.05
N ASP A 364 38.42 25.79 -25.65
CA ASP A 364 38.10 24.94 -26.81
C ASP A 364 36.96 23.98 -26.49
N GLY A 365 36.98 23.38 -25.31
CA GLY A 365 35.93 22.44 -24.93
C GLY A 365 36.48 21.12 -24.46
N ASN A 366 37.75 20.84 -24.76
CA ASN A 366 38.39 19.61 -24.28
C ASN A 366 38.79 19.78 -22.81
N VAL A 367 38.87 18.66 -22.10
CA VAL A 367 39.22 18.69 -20.68
C VAL A 367 40.69 19.08 -20.54
N ASN A 368 40.95 20.23 -19.92
CA ASN A 368 42.31 20.64 -19.57
C ASN A 368 42.90 19.63 -18.60
N SER A 369 43.85 18.83 -19.08
CA SER A 369 44.42 17.73 -18.31
C SER A 369 45.50 18.15 -17.34
N LYS A 370 45.95 19.41 -17.39
CA LYS A 370 46.92 19.90 -16.41
C LYS A 370 46.26 20.39 -15.13
N LEU A 371 45.19 21.18 -15.26
CA LEU A 371 44.51 21.71 -14.09
C LEU A 371 43.62 20.68 -13.41
N THR A 372 43.18 19.66 -14.14
CA THR A 372 42.22 18.69 -13.63
C THR A 372 42.96 17.61 -12.87
N LYS A 373 42.69 17.51 -11.57
CA LYS A 373 43.31 16.46 -10.75
C LYS A 373 42.31 15.41 -10.29
N ASP A 374 41.04 15.77 -10.12
CA ASP A 374 40.00 14.79 -9.83
C ASP A 374 39.72 13.93 -11.06
N SER A 375 39.08 12.79 -10.82
CA SER A 375 38.75 11.86 -11.91
C SER A 375 37.57 11.00 -11.49
N VAL A 376 36.83 10.49 -12.48
CA VAL A 376 35.82 9.47 -12.22
C VAL A 376 36.07 8.30 -13.14
N TRP A 377 35.85 7.09 -12.63
CA TRP A 377 36.22 5.83 -13.24
C TRP A 377 34.96 5.06 -13.67
N ASN A 378 35.10 4.23 -14.70
CA ASN A 378 33.93 3.49 -15.15
C ASN A 378 33.37 2.61 -14.05
N TYR A 379 34.22 2.08 -13.17
CA TYR A 379 33.77 1.44 -11.93
C TYR A 379 34.92 1.42 -10.93
N HIS A 380 34.59 1.10 -9.69
CA HIS A 380 35.58 0.93 -8.63
C HIS A 380 34.97 -0.01 -7.59
N CYS A 381 35.83 -0.83 -6.97
CA CYS A 381 35.43 -1.87 -6.02
C CYS A 381 35.99 -1.59 -4.63
N TRP A 382 35.21 -1.85 -3.60
CA TRP A 382 35.79 -1.85 -2.27
C TRP A 382 35.02 -2.85 -1.41
N ASN A 383 35.28 -2.83 -0.12
CA ASN A 383 34.75 -3.82 0.79
C ASN A 383 33.83 -3.16 1.81
N GLU A 384 32.86 -3.93 2.27
CA GLU A 384 32.14 -3.58 3.49
C GLU A 384 32.42 -4.64 4.54
N ALA A 385 32.69 -4.16 5.76
CA ALA A 385 32.93 -5.00 6.92
C ALA A 385 31.83 -4.77 7.94
N TRP A 386 31.32 -5.86 8.53
CA TRP A 386 30.17 -5.77 9.42
C TRP A 386 30.61 -5.74 10.88
N MET A 387 30.22 -4.69 11.60
CA MET A 387 30.61 -4.54 13.01
C MET A 387 29.76 -3.49 13.73
N THR A 388 29.71 -3.61 15.06
CA THR A 388 29.23 -2.49 15.84
C THR A 388 30.24 -1.36 15.79
N ARG A 389 29.75 -0.15 16.07
CA ARG A 389 30.60 1.04 16.12
C ARG A 389 30.44 1.71 17.48
N PRO A 390 30.96 1.10 18.54
CA PRO A 390 30.83 1.74 19.87
C PRO A 390 31.50 3.09 19.95
N ASP A 391 32.40 3.41 19.02
CA ASP A 391 33.04 4.73 19.01
C ASP A 391 32.16 5.80 18.37
N LEU A 392 31.06 5.43 17.73
CA LEU A 392 30.10 6.36 17.14
C LEU A 392 28.76 6.30 17.91
N PRO A 393 27.90 7.31 17.77
CA PRO A 393 26.59 7.22 18.43
C PRO A 393 25.83 6.00 17.95
N VAL A 394 24.83 5.57 18.73
CA VAL A 394 24.05 4.41 18.30
C VAL A 394 23.36 4.72 16.98
N GLY A 395 23.22 3.69 16.14
CA GLY A 395 22.62 3.84 14.83
C GLY A 395 23.61 3.81 13.68
N PHE A 396 24.92 3.80 13.96
CA PHE A 396 25.92 3.88 12.90
C PHE A 396 26.73 2.61 12.73
N GLY A 397 26.37 1.51 13.41
CA GLY A 397 27.03 0.23 13.21
C GLY A 397 26.58 -0.45 11.94
N GLY A 398 26.82 -1.75 11.85
CA GLY A 398 26.46 -2.47 10.64
C GLY A 398 27.51 -2.36 9.55
N TRP A 399 27.09 -2.22 8.28
CA TRP A 399 28.05 -2.22 7.18
C TRP A 399 28.92 -0.97 7.25
N GLN A 400 30.24 -1.18 7.26
CA GLN A 400 31.26 -0.14 7.23
C GLN A 400 32.07 -0.27 5.95
N ALA A 401 32.18 0.83 5.19
CA ALA A 401 33.01 0.81 3.97
C ALA A 401 34.48 0.82 4.34
N VAL A 402 35.25 -0.12 3.79
CA VAL A 402 36.70 -0.15 3.90
C VAL A 402 37.30 -0.36 2.51
N ASP A 403 38.35 0.40 2.19
CA ASP A 403 38.96 0.38 0.86
C ASP A 403 40.47 0.21 0.98
N SER A 404 41.01 -0.85 0.38
CA SER A 404 42.45 -1.05 0.36
C SER A 404 43.15 -0.56 -0.92
N THR A 405 42.40 -0.08 -1.92
CA THR A 405 43.03 0.50 -3.11
C THR A 405 43.63 1.86 -2.78
N PRO A 406 44.93 2.08 -2.99
CA PRO A 406 45.50 3.42 -2.69
C PRO A 406 44.81 4.49 -3.52
N GLN A 407 44.27 5.49 -2.83
CA GLN A 407 43.67 6.63 -3.50
C GLN A 407 44.12 7.91 -2.83
N GLU A 408 43.76 8.10 -1.56
CA GLU A 408 44.14 9.31 -0.84
C GLU A 408 44.71 8.93 0.53
N ASN A 409 45.62 9.76 1.01
CA ASN A 409 46.19 9.55 2.33
C ASN A 409 45.15 9.83 3.39
N SER A 410 45.08 8.94 4.37
CA SER A 410 44.24 9.15 5.55
C SER A 410 45.15 9.12 6.77
N ASP A 411 45.38 10.28 7.36
CA ASP A 411 46.24 10.41 8.52
C ASP A 411 47.62 9.81 8.23
N GLY A 412 48.14 10.15 7.06
CA GLY A 412 49.51 9.82 6.70
C GLY A 412 49.75 8.50 6.00
N MET A 413 48.72 7.71 5.71
CA MET A 413 48.92 6.47 4.99
C MET A 413 47.78 6.22 4.02
N TYR A 414 48.06 5.47 2.95
CA TYR A 414 47.02 5.03 2.03
C TYR A 414 46.18 3.95 2.72
N ARG A 415 45.01 4.35 3.20
CA ARG A 415 44.04 3.49 3.84
C ARG A 415 42.72 4.23 3.75
N CYS A 416 41.63 3.54 4.10
CA CYS A 416 40.32 4.14 3.97
C CYS A 416 39.33 3.39 4.85
N GLY A 417 38.70 4.10 5.77
CA GLY A 417 37.66 3.51 6.62
C GLY A 417 38.18 2.89 7.90
N PRO A 418 37.32 2.19 8.64
CA PRO A 418 35.89 1.98 8.40
C PRO A 418 35.04 3.24 8.48
N ALA A 419 34.30 3.47 7.40
CA ALA A 419 33.34 4.57 7.29
C ALA A 419 31.94 3.98 7.36
N SER A 420 31.12 4.49 8.27
CA SER A 420 29.76 3.99 8.43
C SER A 420 28.91 4.32 7.22
N VAL A 421 28.40 3.28 6.55
CA VAL A 421 27.51 3.48 5.42
C VAL A 421 26.26 4.26 5.82
N GLN A 422 25.77 4.05 7.04
CA GLN A 422 24.59 4.82 7.44
C GLN A 422 24.95 6.29 7.69
N ALA A 423 26.16 6.58 8.17
CA ALA A 423 26.56 7.97 8.31
C ALA A 423 26.76 8.64 6.94
N ILE A 424 27.22 7.89 5.95
CA ILE A 424 27.38 8.44 4.61
C ILE A 424 26.02 8.77 4.00
N LYS A 425 25.03 7.90 4.22
CA LYS A 425 23.72 8.12 3.60
C LYS A 425 23.14 9.47 3.96
N HIS A 426 23.20 9.82 5.23
CA HIS A 426 22.69 11.09 5.74
C HIS A 426 23.72 12.19 5.72
N GLY A 427 24.91 11.93 5.18
CA GLY A 427 25.91 12.97 5.06
C GLY A 427 26.53 13.41 6.36
N HIS A 428 26.44 12.60 7.42
CA HIS A 428 27.12 12.89 8.69
C HIS A 428 28.55 12.39 8.60
N VAL A 429 29.31 13.05 7.72
CA VAL A 429 30.66 12.61 7.38
C VAL A 429 31.68 13.02 8.42
N CYS A 430 31.27 13.75 9.45
CA CYS A 430 32.14 14.02 10.60
C CYS A 430 32.54 12.76 11.37
N PHE A 431 31.80 11.65 11.26
CA PHE A 431 32.13 10.45 12.03
C PHE A 431 33.21 9.64 11.31
N GLN A 432 34.20 9.19 12.08
CA GLN A 432 35.39 8.48 11.54
C GLN A 432 35.05 7.07 11.06
N PHE A 433 35.80 6.51 10.11
CA PHE A 433 37.00 7.10 9.45
C PHE A 433 36.80 7.33 7.93
N ASP A 434 37.27 8.48 7.41
CA ASP A 434 37.29 8.76 5.96
C ASP A 434 35.91 8.80 5.33
N ALA A 435 34.88 9.11 6.11
CA ALA A 435 33.55 9.19 5.52
C ALA A 435 33.40 10.29 4.47
N PRO A 436 34.05 11.45 4.57
CA PRO A 436 33.96 12.41 3.45
C PRO A 436 34.41 11.85 2.11
N PHE A 437 35.56 11.16 2.07
CA PHE A 437 36.06 10.64 0.80
C PHE A 437 35.10 9.64 0.19
N VAL A 438 34.57 8.71 0.99
CA VAL A 438 33.67 7.69 0.47
C VAL A 438 32.39 8.32 -0.03
N PHE A 439 31.90 9.35 0.67
CA PHE A 439 30.73 10.06 0.20
C PHE A 439 30.98 10.68 -1.16
N ALA A 440 32.15 11.27 -1.33
CA ALA A 440 32.48 11.84 -2.63
C ALA A 440 32.62 10.74 -3.69
N GLU A 441 32.90 9.50 -3.29
CA GLU A 441 32.98 8.44 -4.29
C GLU A 441 31.62 8.06 -4.84
N VAL A 442 30.58 8.18 -4.03
CA VAL A 442 29.26 7.67 -4.41
C VAL A 442 28.27 8.76 -4.74
N ASN A 443 28.56 10.02 -4.41
CA ASN A 443 27.57 11.05 -4.69
C ASN A 443 28.12 12.46 -4.86
N SER A 444 29.39 12.62 -5.25
CA SER A 444 29.87 13.97 -5.49
C SER A 444 29.20 14.57 -6.72
N ASP A 445 29.09 15.91 -6.73
CA ASP A 445 28.63 16.63 -7.92
C ASP A 445 29.80 16.86 -8.87
N LEU A 446 29.55 16.71 -10.17
CA LEU A 446 30.52 17.04 -11.22
C LEU A 446 30.42 18.52 -11.60
N ILE A 447 31.50 19.27 -11.38
CA ILE A 447 31.53 20.72 -11.56
C ILE A 447 32.47 21.05 -12.72
N TYR A 448 31.92 21.40 -13.87
CA TYR A 448 32.72 21.73 -15.03
C TYR A 448 33.09 23.22 -15.02
N ILE A 449 34.38 23.52 -14.90
CA ILE A 449 34.87 24.89 -14.79
C ILE A 449 35.83 25.17 -15.95
N THR A 450 35.72 26.38 -16.52
CA THR A 450 36.57 26.81 -17.64
C THR A 450 37.73 27.66 -17.18
N HIS A 457 37.64 31.89 -14.70
CA HIS A 457 37.05 30.65 -14.23
C HIS A 457 35.54 30.71 -14.09
N VAL A 458 34.86 30.33 -15.17
CA VAL A 458 33.40 30.42 -15.27
C VAL A 458 32.84 29.00 -15.24
N VAL A 459 32.02 28.71 -14.22
CA VAL A 459 31.37 27.42 -14.10
C VAL A 459 30.36 27.24 -15.22
N GLU A 460 30.55 26.21 -16.04
CA GLU A 460 29.74 26.03 -17.24
C GLU A 460 28.60 25.04 -17.06
N ASN A 461 28.81 23.96 -16.32
CA ASN A 461 27.74 23.00 -16.10
C ASN A 461 27.94 22.28 -14.77
N VAL A 462 26.85 21.74 -14.26
CA VAL A 462 26.85 20.89 -13.07
C VAL A 462 26.06 19.64 -13.42
N ASP A 463 26.63 18.47 -13.13
CA ASP A 463 25.94 17.20 -13.29
C ASP A 463 25.79 16.60 -11.91
N ALA A 464 24.56 16.49 -11.44
CA ALA A 464 24.30 16.00 -10.09
C ALA A 464 23.93 14.52 -10.04
N THR A 465 23.73 13.88 -11.18
CA THR A 465 23.22 12.51 -11.21
C THR A 465 24.23 11.48 -11.73
N HIS A 466 25.42 11.89 -12.16
CA HIS A 466 26.29 10.95 -12.87
C HIS A 466 27.06 10.06 -11.90
N ILE A 467 27.69 10.67 -10.90
CA ILE A 467 28.48 9.92 -9.93
C ILE A 467 27.60 8.91 -9.20
N GLY A 468 28.13 7.70 -9.03
CA GLY A 468 27.48 6.66 -8.26
C GLY A 468 26.13 6.22 -8.78
N LYS A 469 26.05 5.94 -10.08
CA LYS A 469 24.78 5.58 -10.70
C LYS A 469 24.20 4.28 -10.15
N LEU A 470 25.06 3.39 -9.67
CA LEU A 470 24.61 2.05 -9.31
C LEU A 470 25.69 1.40 -8.45
N ILE A 471 25.28 0.86 -7.30
CA ILE A 471 26.18 0.15 -6.39
C ILE A 471 25.61 -1.24 -6.14
N VAL A 472 26.43 -2.27 -6.34
CA VAL A 472 25.94 -3.65 -6.32
C VAL A 472 26.89 -4.55 -5.55
N THR A 473 26.37 -5.74 -5.22
CA THR A 473 27.11 -6.81 -4.56
C THR A 473 26.41 -8.13 -4.89
N LYS A 474 27.19 -9.21 -4.78
CA LYS A 474 26.65 -10.55 -5.04
C LYS A 474 25.48 -10.88 -4.12
N GLN A 475 24.41 -11.39 -4.70
CA GLN A 475 23.25 -11.73 -3.90
C GLN A 475 23.56 -12.92 -3.01
N ILE A 476 22.75 -13.07 -1.96
CA ILE A 476 22.92 -14.19 -1.05
C ILE A 476 22.40 -15.45 -1.73
N GLY A 477 23.22 -16.50 -1.72
CA GLY A 477 22.80 -17.79 -2.26
C GLY A 477 22.69 -17.89 -3.76
N GLY A 478 23.22 -16.94 -4.51
CA GLY A 478 23.28 -17.06 -5.96
C GLY A 478 24.34 -16.13 -6.49
N ASP A 479 24.54 -16.20 -7.80
CA ASP A 479 25.55 -15.36 -8.44
C ASP A 479 24.95 -14.08 -9.00
N GLY A 480 23.70 -13.80 -8.71
CA GLY A 480 23.05 -12.61 -9.23
C GLY A 480 23.51 -11.34 -8.54
N MET A 481 23.02 -10.24 -9.08
CA MET A 481 23.38 -8.90 -8.63
C MET A 481 22.38 -8.41 -7.60
N MET A 482 22.87 -7.95 -6.45
CA MET A 482 22.04 -7.25 -5.48
C MET A 482 22.32 -5.76 -5.60
N ASP A 483 21.28 -4.98 -5.88
CA ASP A 483 21.38 -3.53 -5.98
C ASP A 483 21.30 -2.96 -4.57
N ILE A 484 22.39 -2.35 -4.10
CA ILE A 484 22.42 -1.74 -2.77
C ILE A 484 22.71 -0.24 -2.80
N THR A 485 22.40 0.42 -3.92
CA THR A 485 22.60 1.86 -4.03
C THR A 485 21.92 2.62 -2.91
N ASP A 486 20.67 2.24 -2.59
CA ASP A 486 19.86 2.96 -1.60
C ASP A 486 20.46 2.93 -0.20
N THR A 487 21.41 2.03 0.06
CA THR A 487 22.05 2.05 1.36
C THR A 487 23.07 3.17 1.46
N TYR A 488 23.63 3.64 0.34
CA TYR A 488 24.65 4.69 0.40
C TYR A 488 24.07 6.08 0.22
N LYS A 489 22.98 6.20 -0.52
CA LYS A 489 22.47 7.50 -0.95
C LYS A 489 20.97 7.38 -1.18
N PHE A 490 20.27 8.49 -0.95
CA PHE A 490 18.89 8.57 -1.39
C PHE A 490 18.83 8.57 -2.91
N GLN A 491 17.62 8.36 -3.44
CA GLN A 491 17.46 8.23 -4.88
C GLN A 491 17.63 9.60 -5.54
N GLU A 492 18.40 9.64 -6.62
CA GLU A 492 18.62 10.87 -7.35
C GLU A 492 17.32 11.59 -7.64
N GLY A 493 17.34 12.93 -7.52
CA GLY A 493 16.19 13.75 -7.78
C GLY A 493 15.32 14.07 -6.58
N GLN A 494 15.38 13.25 -5.52
CA GLN A 494 14.61 13.48 -4.32
C GLN A 494 15.27 14.56 -3.46
N GLU A 495 14.44 15.35 -2.78
CA GLU A 495 14.97 16.45 -1.98
C GLU A 495 15.96 15.97 -0.92
N GLU A 496 15.76 14.76 -0.40
CA GLU A 496 16.67 14.24 0.62
C GLU A 496 18.07 14.04 0.07
N GLU A 497 18.17 13.62 -1.20
CA GLU A 497 19.49 13.49 -1.79
C GLU A 497 20.25 14.81 -1.78
N ARG A 498 19.52 15.92 -2.02
CA ARG A 498 20.15 17.24 -1.96
C ARG A 498 20.49 17.63 -0.52
N LEU A 499 19.50 17.55 0.38
CA LEU A 499 19.73 17.96 1.77
C LEU A 499 20.87 17.15 2.42
N ALA A 500 20.93 15.85 2.15
CA ALA A 500 22.01 15.06 2.74
C ALA A 500 23.37 15.46 2.14
N LEU A 501 23.41 15.79 0.85
CA LEU A 501 24.66 16.24 0.25
C LEU A 501 25.09 17.59 0.82
N GLU A 502 24.15 18.52 1.00
CA GLU A 502 24.50 19.79 1.60
C GLU A 502 24.96 19.60 3.04
N THR A 503 24.41 18.60 3.73
CA THR A 503 24.92 18.24 5.04
C THR A 503 26.36 17.74 4.95
N ALA A 504 26.62 16.81 4.03
CA ALA A 504 27.97 16.28 3.90
C ALA A 504 28.96 17.41 3.63
N LEU A 505 28.57 18.36 2.78
CA LEU A 505 29.43 19.49 2.44
C LEU A 505 29.69 20.37 3.66
N MET A 506 28.64 20.68 4.42
CA MET A 506 28.77 21.56 5.59
C MET A 506 29.71 20.95 6.62
N TYR A 507 29.62 19.64 6.84
CA TYR A 507 30.54 18.96 7.74
C TYR A 507 31.95 18.92 7.17
N GLY A 508 32.08 18.68 5.88
CA GLY A 508 33.39 18.73 5.24
C GLY A 508 34.15 17.43 5.26
N SER A 523 22.66 32.48 9.37
CA SER A 523 21.25 32.88 9.29
C SER A 523 20.66 33.21 10.65
N ASN A 524 21.38 32.83 11.72
CA ASN A 524 20.96 33.10 13.09
C ASN A 524 19.69 32.33 13.44
N VAL A 525 19.60 31.09 12.95
CA VAL A 525 18.46 30.21 13.19
C VAL A 525 18.96 28.98 13.94
N ASP A 526 18.30 28.67 15.05
CA ASP A 526 18.59 27.48 15.83
C ASP A 526 17.50 26.44 15.58
N MET A 527 17.89 25.17 15.49
CA MET A 527 16.96 24.08 15.29
C MET A 527 17.24 22.97 16.30
N ASP A 528 16.18 22.44 16.89
CA ASP A 528 16.31 21.31 17.80
C ASP A 528 15.09 20.42 17.61
N PHE A 529 15.17 19.21 18.14
CA PHE A 529 13.98 18.39 18.17
C PHE A 529 14.02 17.50 19.40
N GLU A 530 12.82 17.09 19.82
CA GLU A 530 12.62 16.27 21.01
C GLU A 530 11.41 15.40 20.73
N VAL A 531 11.39 14.21 21.31
CA VAL A 531 10.27 13.30 21.12
C VAL A 531 9.50 13.27 22.44
N GLU A 532 8.22 13.62 22.37
CA GLU A 532 7.38 13.74 23.55
C GLU A 532 6.92 12.37 24.05
N ASN A 533 6.99 12.18 25.37
CA ASN A 533 6.63 10.97 26.12
C ASN A 533 6.30 9.79 25.22
N ALA A 534 7.32 9.06 24.77
CA ALA A 534 7.16 8.02 23.77
C ALA A 534 7.06 6.67 24.47
N VAL A 535 5.87 6.07 24.39
CA VAL A 535 5.58 4.79 25.02
C VAL A 535 5.38 3.73 23.94
N LEU A 536 6.04 2.58 24.12
CA LEU A 536 5.88 1.44 23.23
C LEU A 536 4.42 1.03 23.10
N GLY A 537 3.92 0.98 21.86
CA GLY A 537 2.58 0.54 21.58
C GLY A 537 1.55 1.64 21.34
N LYS A 538 1.94 2.92 21.44
CA LYS A 538 1.05 4.04 21.14
C LYS A 538 1.73 4.97 20.14
N ASP A 539 0.92 5.79 19.47
CA ASP A 539 1.45 6.86 18.64
C ASP A 539 2.22 7.85 19.50
N PHE A 540 3.09 8.63 18.88
CA PHE A 540 3.76 9.70 19.58
C PHE A 540 4.10 10.83 18.62
N LYS A 541 4.49 11.96 19.19
CA LYS A 541 4.74 13.16 18.43
C LYS A 541 6.23 13.46 18.46
N LEU A 542 6.75 13.88 17.31
CA LEU A 542 8.10 14.40 17.17
C LEU A 542 8.02 15.91 17.05
N SER A 543 8.74 16.60 17.92
CA SER A 543 8.64 18.05 18.03
C SER A 543 9.94 18.67 17.51
N ILE A 544 9.90 19.23 16.30
CA ILE A 544 11.01 19.98 15.71
C ILE A 544 10.74 21.45 15.97
N THR A 545 11.65 22.15 16.65
CA THR A 545 11.49 23.57 16.95
C THR A 545 12.54 24.41 16.23
N PHE A 546 12.13 25.59 15.81
CA PHE A 546 13.00 26.57 15.18
C PHE A 546 12.98 27.84 15.99
N ARG A 547 14.15 28.41 16.23
CA ARG A 547 14.25 29.73 16.84
C ARG A 547 14.95 30.66 15.85
N ASN A 548 14.26 31.73 15.45
CA ASN A 548 14.78 32.74 14.55
C ASN A 548 15.10 33.99 15.37
N ASN A 549 16.38 34.25 15.58
CA ASN A 549 16.84 35.40 16.35
C ASN A 549 17.07 36.65 15.50
N SER A 550 17.01 36.53 14.17
CA SER A 550 17.23 37.67 13.28
C SER A 550 15.93 38.42 13.02
N HIS A 551 16.03 39.50 12.24
CA HIS A 551 14.90 40.31 11.82
C HIS A 551 14.36 39.89 10.44
N ASN A 552 14.71 38.69 9.96
CA ASN A 552 14.37 38.25 8.62
C ASN A 552 13.30 37.17 8.62
N ARG A 553 12.54 37.11 7.54
CA ARG A 553 11.64 35.99 7.28
C ARG A 553 12.36 34.97 6.43
N TYR A 554 12.35 33.70 6.86
CA TYR A 554 13.06 32.61 6.20
C TYR A 554 12.10 31.52 5.73
N THR A 555 12.46 30.86 4.64
CA THR A 555 11.82 29.64 4.19
C THR A 555 12.76 28.47 4.45
N ILE A 556 12.22 27.38 4.97
CA ILE A 556 12.99 26.21 5.38
C ILE A 556 12.50 25.02 4.58
N THR A 557 13.42 24.17 4.14
CA THR A 557 13.08 22.90 3.52
C THR A 557 13.83 21.82 4.30
N ALA A 558 13.12 20.77 4.71
CA ALA A 558 13.73 19.82 5.62
C ALA A 558 13.24 18.43 5.30
N TYR A 559 13.98 17.43 5.79
CA TYR A 559 13.50 16.06 5.77
C TYR A 559 13.66 15.42 7.14
N LEU A 560 12.93 14.33 7.32
CA LEU A 560 12.90 13.58 8.56
C LEU A 560 13.04 12.09 8.22
N SER A 561 13.98 11.43 8.88
CA SER A 561 14.21 10.00 8.73
C SER A 561 14.15 9.34 10.09
N ALA A 562 13.19 8.43 10.26
CA ALA A 562 12.97 7.71 11.51
C ALA A 562 13.29 6.24 11.29
N ASN A 563 14.10 5.69 12.19
CA ASN A 563 14.71 4.38 11.97
C ASN A 563 14.63 3.55 13.24
N ILE A 564 14.49 2.24 13.09
CA ILE A 564 14.63 1.29 14.19
C ILE A 564 16.06 0.76 14.22
N THR A 565 16.64 0.71 15.40
CA THR A 565 18.02 0.32 15.63
C THR A 565 18.08 -0.75 16.71
N PHE A 566 19.01 -1.69 16.55
CA PHE A 566 19.33 -2.70 17.56
C PHE A 566 19.95 -2.05 18.80
N TYR A 567 19.87 -2.77 19.93
CA TYR A 567 20.42 -2.27 21.18
C TYR A 567 21.92 -1.96 21.07
N THR A 568 22.66 -2.77 20.31
CA THR A 568 24.10 -2.56 20.12
C THR A 568 24.43 -1.38 19.21
N GLY A 569 23.42 -0.73 18.62
CA GLY A 569 23.67 0.37 17.71
C GLY A 569 23.72 0.00 16.24
N VAL A 570 23.36 -1.23 15.88
CA VAL A 570 23.31 -1.63 14.48
C VAL A 570 21.98 -1.18 13.89
N PRO A 571 21.98 -0.51 12.74
CA PRO A 571 20.70 -0.09 12.16
C PRO A 571 19.92 -1.29 11.67
N LYS A 572 18.59 -1.21 11.80
CA LYS A 572 17.74 -2.26 11.25
C LYS A 572 16.94 -1.79 10.05
N ALA A 573 16.19 -0.69 10.17
CA ALA A 573 15.38 -0.25 9.04
C ALA A 573 14.87 1.15 9.29
N GLU A 574 14.60 1.85 8.19
CA GLU A 574 13.87 3.12 8.20
C GLU A 574 12.38 2.84 8.11
N PHE A 575 11.59 3.40 9.04
CA PHE A 575 10.17 3.14 9.04
C PHE A 575 9.32 4.36 8.72
N LYS A 576 9.89 5.57 8.78
CA LYS A 576 9.16 6.76 8.38
C LYS A 576 10.13 7.77 7.81
N LYS A 577 9.73 8.45 6.74
CA LYS A 577 10.56 9.45 6.08
C LYS A 577 9.66 10.54 5.51
N GLU A 578 9.94 11.78 5.87
CA GLU A 578 9.11 12.91 5.44
C GLU A 578 9.99 14.08 5.06
N THR A 579 9.60 14.74 3.98
CA THR A 579 10.08 16.09 3.68
C THR A 579 8.96 17.08 4.00
N PHE A 580 9.35 18.25 4.45
CA PHE A 580 8.34 19.25 4.75
C PHE A 580 8.94 20.63 4.53
N ASP A 581 8.05 21.58 4.26
CA ASP A 581 8.39 22.98 4.12
C ASP A 581 7.76 23.78 5.25
N VAL A 582 8.48 24.80 5.70
CA VAL A 582 8.07 25.60 6.85
C VAL A 582 8.55 27.03 6.62
N THR A 583 7.69 27.99 6.93
CA THR A 583 8.04 29.41 6.87
C THR A 583 8.34 29.86 8.29
N LEU A 584 9.31 30.77 8.43
CA LEU A 584 9.88 31.14 9.72
C LEU A 584 9.77 32.64 9.87
N GLU A 585 8.77 33.10 10.62
CA GLU A 585 8.58 34.52 10.80
C GLU A 585 9.73 35.11 11.64
N PRO A 586 10.04 36.39 11.46
CA PRO A 586 11.14 37.00 12.21
C PRO A 586 10.89 36.98 13.71
N LEU A 587 11.99 36.88 14.46
CA LEU A 587 11.98 37.02 15.92
C LEU A 587 10.95 36.08 16.57
N SER A 588 10.98 34.80 16.18
CA SER A 588 9.91 33.87 16.50
C SER A 588 10.46 32.51 16.90
N PHE A 589 9.67 31.80 17.70
CA PHE A 589 9.83 30.37 17.96
C PHE A 589 8.72 29.65 17.20
N LYS A 590 9.06 28.52 16.58
CA LYS A 590 8.05 27.75 15.84
C LYS A 590 8.28 26.27 16.05
N LYS A 591 7.21 25.56 16.41
CA LYS A 591 7.24 24.11 16.59
C LYS A 591 6.43 23.43 15.49
N GLU A 592 7.05 22.45 14.83
CA GLU A 592 6.37 21.60 13.87
C GLU A 592 6.23 20.20 14.47
N ALA A 593 4.99 19.73 14.61
CA ALA A 593 4.69 18.47 15.29
C ALA A 593 4.50 17.37 14.25
N VAL A 594 5.26 16.29 14.38
CA VAL A 594 5.17 15.14 13.49
C VAL A 594 4.62 13.94 14.25
N LEU A 595 3.46 13.46 13.85
CA LEU A 595 2.87 12.27 14.44
C LEU A 595 3.51 11.02 13.86
N ILE A 596 4.04 10.17 14.74
CA ILE A 596 4.48 8.83 14.37
C ILE A 596 3.43 7.85 14.87
N GLN A 597 2.63 7.30 13.95
CA GLN A 597 1.62 6.34 14.32
C GLN A 597 2.27 5.01 14.74
N ALA A 598 1.57 4.29 15.62
CA ALA A 598 2.09 3.01 16.13
C ALA A 598 2.26 2.00 15.01
N GLY A 599 1.30 1.95 14.09
CA GLY A 599 1.39 1.01 12.98
C GLY A 599 2.63 1.18 12.13
N GLU A 600 3.29 2.33 12.22
CA GLU A 600 4.45 2.60 11.38
C GLU A 600 5.70 1.93 11.89
N TYR A 601 5.79 1.69 13.20
CA TYR A 601 6.98 1.11 13.76
C TYR A 601 6.75 -0.21 14.50
N MET A 602 5.53 -0.47 14.97
CA MET A 602 5.27 -1.67 15.78
C MET A 602 5.58 -2.96 15.05
N GLY A 603 5.59 -2.96 13.72
CA GLY A 603 5.89 -4.20 13.05
C GLY A 603 7.36 -4.54 12.90
N GLN A 604 8.28 -3.66 13.31
CA GLN A 604 9.69 -3.90 13.06
C GLN A 604 10.54 -3.79 14.32
N LEU A 605 9.96 -4.07 15.48
CA LEU A 605 10.66 -3.94 16.75
C LEU A 605 11.25 -5.28 17.20
N LEU A 606 12.29 -5.19 18.03
CA LEU A 606 12.86 -6.34 18.74
C LEU A 606 13.27 -5.90 20.14
N GLU A 607 13.66 -6.88 20.96
CA GLU A 607 14.07 -6.60 22.34
C GLU A 607 15.05 -5.44 22.38
N GLN A 608 14.84 -4.53 23.31
CA GLN A 608 15.74 -3.42 23.58
C GLN A 608 16.03 -2.56 22.36
N ALA A 609 15.26 -2.69 21.28
CA ALA A 609 15.50 -1.85 20.12
C ALA A 609 15.13 -0.40 20.46
N SER A 610 15.90 0.54 19.92
CA SER A 610 15.71 1.97 20.10
C SER A 610 15.36 2.60 18.76
N LEU A 611 15.00 3.89 18.82
CA LEU A 611 14.65 4.64 17.62
C LEU A 611 15.73 5.68 17.32
N HIS A 612 16.01 5.89 16.03
CA HIS A 612 17.06 6.80 15.58
C HIS A 612 16.44 7.78 14.59
N PHE A 613 16.62 9.08 14.85
CA PHE A 613 16.00 10.12 14.05
C PHE A 613 17.06 11.01 13.42
N PHE A 614 16.94 11.25 12.12
CA PHE A 614 17.69 12.31 11.45
C PHE A 614 16.74 13.44 11.07
N VAL A 615 17.17 14.67 11.34
CA VAL A 615 16.48 15.85 10.83
C VAL A 615 17.51 16.77 10.20
N THR A 616 17.20 17.28 9.00
CA THR A 616 18.07 18.21 8.31
C THR A 616 17.20 19.27 7.64
N ALA A 617 17.41 20.52 8.03
CA ALA A 617 16.69 21.66 7.48
C ALA A 617 17.67 22.56 6.74
N ARG A 618 17.23 23.09 5.60
CA ARG A 618 17.98 24.10 4.86
C ARG A 618 17.26 25.43 4.98
N ILE A 619 17.98 26.47 5.39
CA ILE A 619 17.42 27.81 5.30
C ILE A 619 17.60 28.27 3.86
N ASN A 620 16.49 28.40 3.13
CA ASN A 620 16.58 28.54 1.69
C ASN A 620 17.24 29.86 1.29
N GLU A 621 16.94 30.95 2.00
CA GLU A 621 17.46 32.24 1.57
C GLU A 621 18.98 32.32 1.69
N THR A 622 19.57 31.55 2.59
CA THR A 622 21.00 31.63 2.84
C THR A 622 21.76 30.34 2.53
N ARG A 623 21.05 29.26 2.19
CA ARG A 623 21.62 27.93 1.93
C ARG A 623 22.25 27.30 3.17
N ASP A 624 22.14 27.96 4.31
CA ASP A 624 22.59 27.37 5.56
C ASP A 624 21.81 26.09 5.84
N VAL A 625 22.52 25.08 6.36
CA VAL A 625 21.94 23.77 6.66
C VAL A 625 22.15 23.45 8.12
N LEU A 626 21.12 22.88 8.75
CA LEU A 626 21.16 22.51 10.17
C LEU A 626 20.78 21.05 10.27
N ALA A 627 21.67 20.23 10.82
CA ALA A 627 21.47 18.79 10.88
C ALA A 627 21.62 18.31 12.31
N LYS A 628 20.76 17.37 12.70
CA LYS A 628 20.80 16.76 14.02
C LYS A 628 20.43 15.28 13.89
N GLN A 629 21.01 14.46 14.77
CA GLN A 629 20.58 13.07 14.92
C GLN A 629 20.50 12.74 16.40
N LYS A 630 19.44 12.03 16.78
CA LYS A 630 19.18 11.71 18.18
C LYS A 630 18.57 10.33 18.22
N SER A 631 18.82 9.62 19.31
CA SER A 631 18.17 8.33 19.57
C SER A 631 17.38 8.41 20.86
N THR A 632 16.32 7.61 20.94
CA THR A 632 15.53 7.48 22.16
C THR A 632 15.14 6.03 22.38
N VAL A 633 14.92 5.70 23.65
CA VAL A 633 14.42 4.40 24.08
C VAL A 633 12.95 4.57 24.45
N LEU A 634 12.12 3.64 23.98
CA LEU A 634 10.69 3.69 24.24
C LEU A 634 10.38 3.32 25.68
N THR A 635 9.46 4.05 26.30
CA THR A 635 8.92 3.61 27.58
C THR A 635 8.12 2.33 27.37
N ILE A 636 8.36 1.35 28.22
CA ILE A 636 7.79 0.01 28.07
C ILE A 636 6.76 -0.20 29.18
N PRO A 637 5.47 -0.30 28.87
CA PRO A 637 4.50 -0.65 29.92
C PRO A 637 4.77 -2.06 30.43
N GLU A 638 4.48 -2.25 31.72
CA GLU A 638 4.76 -3.52 32.38
C GLU A 638 3.47 -4.33 32.57
N ILE A 639 3.65 -5.65 32.57
CA ILE A 639 2.59 -6.60 32.88
C ILE A 639 3.22 -7.61 33.84
N ILE A 640 2.90 -7.49 35.13
CA ILE A 640 3.43 -8.43 36.10
C ILE A 640 2.58 -9.68 36.09
N ILE A 641 3.23 -10.84 36.05
CA ILE A 641 2.56 -12.13 36.14
C ILE A 641 3.06 -12.80 37.40
N LYS A 642 2.14 -13.14 38.30
CA LYS A 642 2.46 -13.90 39.50
C LYS A 642 1.68 -15.21 39.43
N VAL A 643 2.13 -16.19 40.19
CA VAL A 643 1.44 -17.46 40.30
C VAL A 643 1.28 -17.80 41.76
N ARG A 644 0.06 -18.21 42.14
CA ARG A 644 -0.24 -18.62 43.51
C ARG A 644 -0.75 -20.05 43.49
N GLY A 645 -0.18 -20.87 44.36
CA GLY A 645 -0.40 -22.30 44.44
C GLY A 645 0.80 -23.08 43.94
N THR A 646 0.83 -24.36 44.29
CA THR A 646 1.93 -25.22 43.88
C THR A 646 1.84 -25.51 42.39
N GLN A 647 2.99 -25.63 41.75
CA GLN A 647 3.08 -25.74 40.30
C GLN A 647 3.47 -27.18 39.97
N VAL A 648 2.46 -28.05 39.89
CA VAL A 648 2.64 -29.48 39.68
C VAL A 648 1.63 -29.94 38.64
N VAL A 649 2.10 -30.75 37.69
CA VAL A 649 1.26 -31.25 36.60
C VAL A 649 0.10 -32.05 37.18
N GLY A 650 -1.11 -31.51 37.06
CA GLY A 650 -2.31 -32.20 37.49
C GLY A 650 -2.96 -31.66 38.75
N SER A 651 -2.60 -30.46 39.20
CA SER A 651 -3.30 -29.80 40.28
C SER A 651 -3.47 -28.33 39.90
N ASP A 652 -4.51 -27.69 40.44
CA ASP A 652 -4.85 -26.35 40.01
C ASP A 652 -4.01 -25.31 40.74
N MET A 653 -3.54 -24.33 39.97
CA MET A 653 -2.80 -23.19 40.43
C MET A 653 -3.41 -21.93 39.82
N THR A 654 -3.13 -20.79 40.42
CA THR A 654 -3.74 -19.54 40.00
C THR A 654 -2.69 -18.58 39.43
N VAL A 655 -3.00 -18.01 38.27
CA VAL A 655 -2.16 -17.01 37.62
C VAL A 655 -2.80 -15.64 37.82
N ILE A 656 -1.97 -14.66 38.18
CA ILE A 656 -2.43 -13.31 38.45
C ILE A 656 -1.69 -12.37 37.49
N VAL A 657 -2.43 -11.82 36.55
CA VAL A 657 -1.92 -10.84 35.59
C VAL A 657 -2.33 -9.46 36.07
N GLU A 658 -1.34 -8.62 36.38
CA GLU A 658 -1.57 -7.26 36.80
C GLU A 658 -1.10 -6.29 35.71
N PHE A 659 -1.81 -5.18 35.56
CA PHE A 659 -1.49 -4.19 34.56
C PHE A 659 -1.80 -2.80 35.08
N THR A 660 -0.90 -1.87 34.84
CA THR A 660 -1.10 -0.47 35.21
C THR A 660 -1.18 0.38 33.94
N ASN A 661 -2.22 1.21 33.86
CA ASN A 661 -2.33 2.16 32.77
C ASN A 661 -1.19 3.17 32.90
N PRO A 662 -0.26 3.21 31.95
CA PRO A 662 0.88 4.13 32.04
C PRO A 662 0.63 5.53 31.52
N LEU A 663 -0.58 5.85 31.05
CA LEU A 663 -0.86 7.11 30.36
C LEU A 663 -1.68 8.05 31.22
N LYS A 664 -1.68 9.32 30.85
CA LYS A 664 -2.57 10.33 31.41
C LYS A 664 -3.94 10.32 30.74
N GLU A 665 -4.25 9.25 29.99
CA GLU A 665 -5.49 9.08 29.26
C GLU A 665 -6.15 7.78 29.70
N THR A 666 -7.39 7.58 29.28
CA THR A 666 -8.16 6.40 29.66
C THR A 666 -8.14 5.38 28.52
N LEU A 667 -8.01 4.09 28.88
CA LEU A 667 -7.91 3.00 27.92
C LEU A 667 -9.24 2.26 27.81
N ARG A 668 -9.69 2.03 26.57
CA ARG A 668 -10.99 1.46 26.31
C ARG A 668 -10.86 0.10 25.63
N ASN A 669 -11.76 -0.83 25.99
CA ASN A 669 -11.86 -2.15 25.36
C ASN A 669 -10.56 -2.93 25.51
N VAL A 670 -9.96 -2.84 26.70
CA VAL A 670 -8.68 -3.46 26.95
C VAL A 670 -8.87 -4.97 26.98
N TRP A 671 -8.35 -5.66 25.98
CA TRP A 671 -8.31 -7.12 26.00
C TRP A 671 -6.97 -7.56 26.55
N VAL A 672 -7.01 -8.34 27.63
CA VAL A 672 -5.82 -8.99 28.17
C VAL A 672 -5.88 -10.45 27.77
N HIS A 673 -4.72 -11.02 27.42
CA HIS A 673 -4.62 -12.41 26.97
CA HIS A 673 -4.62 -12.40 26.96
C HIS A 673 -3.55 -13.14 27.75
N LEU A 674 -3.77 -14.44 27.96
CA LEU A 674 -2.82 -15.28 28.68
C LEU A 674 -2.57 -16.55 27.89
N ASP A 675 -1.31 -16.76 27.51
CA ASP A 675 -0.85 -17.89 26.73
C ASP A 675 0.14 -18.66 27.61
N GLY A 676 0.00 -19.98 27.64
CA GLY A 676 0.84 -20.81 28.45
C GLY A 676 0.89 -22.21 27.90
N PRO A 677 1.80 -22.45 26.95
CA PRO A 677 1.78 -23.68 26.13
C PRO A 677 1.53 -24.97 26.91
N GLY A 678 2.19 -25.14 28.04
CA GLY A 678 2.02 -26.35 28.82
C GLY A 678 1.14 -26.16 30.02
N VAL A 679 0.77 -24.90 30.31
CA VAL A 679 0.11 -24.55 31.55
C VAL A 679 -1.37 -24.26 31.35
N THR A 680 -1.73 -23.51 30.32
CA THR A 680 -3.13 -23.17 30.08
C THR A 680 -3.43 -23.12 28.60
N ARG A 681 -4.62 -23.58 28.23
CA ARG A 681 -5.15 -23.18 26.95
C ARG A 681 -5.33 -21.66 27.01
N PRO A 682 -5.21 -20.97 25.88
CA PRO A 682 -5.25 -19.50 25.90
C PRO A 682 -6.57 -18.95 26.44
N MET A 683 -6.48 -17.80 27.12
CA MET A 683 -7.62 -17.22 27.83
C MET A 683 -7.56 -15.70 27.71
N LYS A 684 -8.74 -15.06 27.75
CA LYS A 684 -8.84 -13.61 27.64
C LYS A 684 -9.79 -13.04 28.66
N LYS A 685 -9.46 -11.83 29.13
CA LYS A 685 -10.33 -10.99 29.91
C LYS A 685 -10.44 -9.64 29.21
N MET A 686 -11.63 -9.08 29.20
CA MET A 686 -11.83 -7.75 28.65
C MET A 686 -12.14 -6.77 29.77
N PHE A 687 -11.57 -5.57 29.67
CA PHE A 687 -11.93 -4.45 30.51
C PHE A 687 -12.44 -3.33 29.62
N ARG A 688 -13.67 -2.87 29.87
CA ARG A 688 -14.25 -1.82 29.05
C ARG A 688 -13.51 -0.50 29.23
N GLU A 689 -12.86 -0.30 30.38
CA GLU A 689 -12.24 0.98 30.70
C GLU A 689 -11.21 0.76 31.82
N ILE A 690 -10.04 1.37 31.67
CA ILE A 690 -9.04 1.48 32.73
C ILE A 690 -8.64 2.94 32.83
N ARG A 691 -8.91 3.55 33.98
CA ARG A 691 -8.67 4.96 34.22
C ARG A 691 -7.17 5.25 34.27
N PRO A 692 -6.78 6.52 34.19
CA PRO A 692 -5.35 6.86 34.20
C PRO A 692 -4.65 6.40 35.46
N ASN A 693 -3.46 5.82 35.27
CA ASN A 693 -2.63 5.32 36.36
C ASN A 693 -3.34 4.28 37.19
N SER A 694 -4.36 3.64 36.64
CA SER A 694 -5.13 2.64 37.37
C SER A 694 -4.60 1.25 37.08
N THR A 695 -4.84 0.34 38.01
CA THR A 695 -4.31 -1.02 37.97
C THR A 695 -5.45 -2.00 38.03
N VAL A 696 -5.51 -2.89 37.05
CA VAL A 696 -6.47 -3.98 37.04
C VAL A 696 -5.75 -5.29 37.34
N GLN A 697 -6.50 -6.27 37.82
CA GLN A 697 -5.94 -7.58 38.13
C GLN A 697 -6.88 -8.65 37.60
N TRP A 698 -6.30 -9.73 37.10
CA TRP A 698 -7.03 -10.82 36.48
C TRP A 698 -6.51 -12.12 37.09
N GLU A 699 -7.40 -12.88 37.72
CA GLU A 699 -7.02 -14.15 38.31
C GLU A 699 -7.57 -15.27 37.44
N GLU A 700 -6.73 -16.25 37.12
CA GLU A 700 -7.08 -17.30 36.18
C GLU A 700 -6.68 -18.65 36.76
N VAL A 701 -7.60 -19.60 36.72
CA VAL A 701 -7.33 -20.94 37.23
C VAL A 701 -6.76 -21.78 36.10
N CYS A 702 -5.59 -22.37 36.35
CA CYS A 702 -4.89 -23.20 35.38
C CYS A 702 -4.61 -24.58 35.96
N ARG A 703 -4.34 -25.54 35.07
CA ARG A 703 -4.01 -26.91 35.47
C ARG A 703 -3.02 -27.45 34.45
N PRO A 704 -1.73 -27.42 34.77
CA PRO A 704 -0.71 -27.83 33.80
C PRO A 704 -0.74 -29.32 33.49
N TRP A 705 -0.41 -29.64 32.23
CA TRP A 705 -0.38 -31.02 31.78
C TRP A 705 0.95 -31.45 31.14
N VAL A 706 1.94 -30.57 31.10
CA VAL A 706 3.29 -30.90 30.61
C VAL A 706 4.28 -30.43 31.68
N SER A 707 4.93 -31.38 32.34
CA SER A 707 5.88 -31.05 33.39
C SER A 707 7.22 -30.61 32.80
N GLY A 708 7.88 -29.69 33.50
CA GLY A 708 9.19 -29.23 33.08
C GLY A 708 9.35 -27.73 33.17
N HIS A 709 10.17 -27.16 32.30
CA HIS A 709 10.33 -25.72 32.18
C HIS A 709 9.29 -25.22 31.18
N ARG A 710 8.21 -24.64 31.69
CA ARG A 710 7.12 -24.07 30.91
C ARG A 710 7.13 -22.54 31.06
N LYS A 711 6.27 -21.85 30.29
CA LYS A 711 6.31 -20.39 30.27
C LYS A 711 4.93 -19.77 30.11
N LEU A 712 4.68 -18.69 30.84
CA LEU A 712 3.44 -17.90 30.73
C LEU A 712 3.68 -16.57 30.04
N ILE A 713 2.77 -16.20 29.15
CA ILE A 713 2.91 -14.98 28.35
C ILE A 713 1.59 -14.22 28.42
N ALA A 714 1.68 -12.91 28.67
CA ALA A 714 0.49 -12.09 28.70
C ALA A 714 0.58 -10.99 27.64
N SER A 715 -0.58 -10.56 27.16
CA SER A 715 -0.66 -9.52 26.16
C SER A 715 -1.81 -8.60 26.51
N MET A 716 -1.66 -7.37 26.09
CA MET A 716 -2.68 -6.36 26.29
C MET A 716 -2.80 -5.56 25.00
N SER A 717 -4.04 -5.38 24.52
CA SER A 717 -4.31 -4.44 23.45
C SER A 717 -5.60 -3.70 23.75
N SER A 718 -5.58 -2.39 23.48
CA SER A 718 -6.76 -1.55 23.64
C SER A 718 -6.93 -0.70 22.38
N ASP A 719 -7.85 0.27 22.42
CA ASP A 719 -8.10 1.14 21.28
C ASP A 719 -6.89 2.02 20.94
N SER A 720 -6.08 2.38 21.94
CA SER A 720 -4.93 3.24 21.72
C SER A 720 -3.62 2.47 21.89
N LEU A 721 -3.30 2.05 23.12
CA LEU A 721 -2.09 1.29 23.38
C LEU A 721 -2.31 -0.16 22.97
N ARG A 722 -1.40 -0.71 22.15
CA ARG A 722 -1.61 -2.09 21.70
C ARG A 722 -0.32 -2.92 21.74
N HIS A 723 -0.52 -4.24 21.83
CA HIS A 723 0.54 -5.27 21.72
C HIS A 723 1.69 -5.05 22.69
N VAL A 724 1.33 -4.89 23.96
CA VAL A 724 2.28 -4.84 25.07
C VAL A 724 2.27 -6.20 25.77
N TYR A 725 3.43 -6.68 26.20
CA TYR A 725 3.52 -8.05 26.70
C TYR A 725 4.23 -8.15 28.04
N GLY A 726 3.97 -9.28 28.70
CA GLY A 726 4.72 -9.68 29.87
C GLY A 726 4.98 -11.17 29.79
N GLU A 727 5.98 -11.63 30.54
CA GLU A 727 6.38 -13.03 30.48
C GLU A 727 6.82 -13.48 31.86
N LEU A 728 6.63 -14.78 32.13
CA LEU A 728 7.09 -15.40 33.37
C LEU A 728 7.48 -16.84 33.11
N ASP A 729 8.69 -17.20 33.49
CA ASP A 729 9.10 -18.61 33.42
C ASP A 729 8.63 -19.31 34.70
N VAL A 730 8.08 -20.50 34.54
CA VAL A 730 7.56 -21.28 35.66
C VAL A 730 8.09 -22.70 35.56
N GLN A 731 8.38 -23.30 36.70
CA GLN A 731 8.82 -24.69 36.78
C GLN A 731 7.62 -25.54 37.22
N ILE A 732 7.29 -26.56 36.42
CA ILE A 732 6.13 -27.40 36.64
C ILE A 732 6.60 -28.83 36.86
N GLN A 733 6.19 -29.41 37.98
CA GLN A 733 6.66 -30.73 38.43
C GLN A 733 5.95 -31.90 37.75
N PRO B 22 0.43 9.00 -2.29
CA PRO B 22 0.58 8.71 -3.72
C PRO B 22 -0.73 8.20 -4.31
N PRO B 23 -1.14 8.76 -5.44
CA PRO B 23 -2.45 8.39 -6.00
C PRO B 23 -2.62 6.89 -6.17
N ASN B 24 -3.77 6.39 -5.72
CA ASN B 24 -4.11 4.98 -5.85
C ASN B 24 -5.02 4.86 -7.07
N ASN B 25 -4.41 4.92 -8.27
CA ASN B 25 -5.18 5.03 -9.50
C ASN B 25 -4.88 3.90 -10.48
N SER B 26 -4.43 2.75 -10.00
CA SER B 26 -4.18 1.62 -10.86
C SER B 26 -4.70 0.34 -10.20
N ASN B 27 -5.64 -0.32 -10.87
CA ASN B 27 -6.16 -1.60 -10.40
C ASN B 27 -5.11 -2.69 -10.52
N ALA B 28 -4.17 -2.58 -11.46
CA ALA B 28 -3.16 -3.61 -11.66
C ALA B 28 -2.05 -3.54 -10.63
N ALA B 29 -1.73 -2.36 -10.11
CA ALA B 29 -0.71 -2.30 -9.09
C ALA B 29 -1.22 -2.95 -7.81
N GLU B 30 -0.32 -3.56 -7.06
CA GLU B 30 -0.76 -4.16 -5.82
C GLU B 30 0.33 -4.04 -4.78
N ASP B 31 -0.08 -4.11 -3.53
CA ASP B 31 0.86 -4.06 -2.43
C ASP B 31 1.03 -5.46 -1.89
N ASP B 32 2.10 -5.64 -1.13
CA ASP B 32 2.37 -6.93 -0.50
C ASP B 32 1.80 -6.89 0.92
N LEU B 33 0.85 -7.84 1.23
CA LEU B 33 0.38 -7.85 2.62
C LEU B 33 1.14 -8.90 3.41
N PRO B 34 1.67 -8.49 4.56
CA PRO B 34 2.32 -9.45 5.48
C PRO B 34 1.47 -10.68 5.73
N THR B 35 2.14 -11.85 5.81
CA THR B 35 1.46 -13.06 6.26
C THR B 35 1.60 -13.26 7.76
N VAL B 36 2.71 -12.82 8.35
CA VAL B 36 2.98 -12.94 9.77
C VAL B 36 3.27 -11.55 10.27
N GLU B 37 2.22 -10.81 10.58
CA GLU B 37 2.28 -9.39 10.91
C GLU B 37 2.39 -9.22 12.42
N LEU B 38 3.57 -9.59 12.93
CA LEU B 38 3.82 -9.57 14.37
C LEU B 38 4.04 -8.14 14.84
N GLN B 39 3.63 -7.86 16.07
CA GLN B 39 3.62 -6.51 16.61
C GLN B 39 4.38 -6.42 17.91
N GLY B 40 5.07 -5.31 18.12
CA GLY B 40 5.81 -5.15 19.34
C GLY B 40 6.95 -6.15 19.44
N VAL B 41 7.38 -6.35 20.68
CA VAL B 41 8.46 -7.27 21.00
C VAL B 41 7.84 -8.55 21.51
N VAL B 42 7.42 -9.40 20.58
CA VAL B 42 6.77 -10.65 20.95
C VAL B 42 7.73 -11.49 21.79
N PRO B 43 7.30 -11.98 22.94
CA PRO B 43 8.18 -12.83 23.77
C PRO B 43 8.58 -14.09 23.03
N ARG B 44 9.78 -14.58 23.35
CA ARG B 44 10.20 -15.87 22.84
C ARG B 44 9.32 -16.97 23.42
N GLY B 45 9.08 -18.00 22.62
CA GLY B 45 8.30 -19.13 23.07
C GLY B 45 6.80 -19.08 22.86
N VAL B 46 6.30 -18.20 21.98
CA VAL B 46 4.91 -18.35 21.57
C VAL B 46 4.76 -19.63 20.74
N ASN B 47 3.53 -20.12 20.66
CA ASN B 47 3.16 -21.19 19.71
C ASN B 47 2.01 -20.70 18.84
N LEU B 48 2.32 -20.25 17.61
CA LEU B 48 1.25 -19.75 16.75
C LEU B 48 0.36 -20.86 16.22
N GLN B 49 0.70 -22.12 16.44
CA GLN B 49 -0.20 -23.22 16.04
C GLN B 49 -1.51 -23.19 16.82
N GLU B 50 -1.57 -22.46 17.95
CA GLU B 50 -2.83 -22.35 18.69
C GLU B 50 -3.89 -21.68 17.85
N PHE B 51 -3.48 -20.83 16.91
CA PHE B 51 -4.42 -19.99 16.18
C PHE B 51 -4.81 -20.64 14.87
N LEU B 52 -6.01 -20.36 14.41
CA LEU B 52 -6.45 -20.91 13.12
C LEU B 52 -5.46 -20.51 12.03
N ASN B 53 -5.22 -21.42 11.09
CA ASN B 53 -4.63 -21.04 9.81
C ASN B 53 -5.49 -21.65 8.72
N VAL B 54 -5.52 -20.98 7.57
CA VAL B 54 -6.42 -21.40 6.50
C VAL B 54 -5.74 -22.48 5.69
N THR B 55 -6.45 -23.57 5.43
CA THR B 55 -5.93 -24.61 4.56
C THR B 55 -6.42 -24.52 3.13
N SER B 56 -7.52 -23.80 2.90
CA SER B 56 -8.16 -23.78 1.58
C SER B 56 -9.29 -22.76 1.59
N VAL B 57 -9.44 -22.05 0.48
CA VAL B 57 -10.57 -21.14 0.25
C VAL B 57 -11.29 -21.61 -1.00
N HIS B 58 -12.61 -21.71 -0.93
CA HIS B 58 -13.46 -22.08 -2.05
C HIS B 58 -14.44 -20.95 -2.33
N LEU B 59 -14.57 -20.57 -3.60
CA LEU B 59 -15.45 -19.47 -3.97
C LEU B 59 -16.66 -19.92 -4.77
N PHE B 60 -16.85 -21.22 -4.98
CA PHE B 60 -17.95 -21.75 -5.78
C PHE B 60 -18.13 -20.90 -7.04
N LYS B 61 -17.06 -20.78 -7.79
CA LYS B 61 -16.99 -19.82 -8.89
C LYS B 61 -17.32 -20.41 -10.26
N GLU B 62 -17.65 -21.71 -10.34
CA GLU B 62 -17.99 -22.30 -11.64
C GLU B 62 -19.22 -21.61 -12.23
N ARG B 63 -19.30 -21.62 -13.55
CA ARG B 63 -20.30 -20.82 -14.24
C ARG B 63 -21.69 -21.44 -14.28
N TRP B 64 -21.87 -22.65 -13.75
CA TRP B 64 -23.18 -23.24 -13.53
C TRP B 64 -23.72 -23.06 -12.11
N ASP B 65 -22.91 -22.54 -11.19
CA ASP B 65 -23.23 -22.52 -9.76
C ASP B 65 -23.97 -21.26 -9.37
N THR B 66 -24.49 -21.23 -8.14
CA THR B 66 -25.46 -20.20 -7.76
C THR B 66 -24.84 -18.82 -7.74
N ASN B 67 -23.56 -18.69 -7.37
CA ASN B 67 -22.96 -17.36 -7.37
C ASN B 67 -23.07 -16.67 -8.73
N LYS B 68 -22.38 -17.19 -9.75
CA LYS B 68 -22.36 -16.47 -11.03
C LYS B 68 -23.74 -16.46 -11.67
N VAL B 69 -24.50 -17.53 -11.50
CA VAL B 69 -25.82 -17.59 -12.11
C VAL B 69 -26.74 -16.55 -11.50
N ASP B 70 -26.77 -16.48 -10.16
CA ASP B 70 -27.64 -15.52 -9.49
C ASP B 70 -27.13 -14.09 -9.61
N HIS B 71 -25.82 -13.90 -9.79
CA HIS B 71 -25.28 -12.56 -9.99
C HIS B 71 -25.26 -12.14 -11.47
N HIS B 72 -25.75 -12.99 -12.39
CA HIS B 72 -25.77 -12.71 -13.83
C HIS B 72 -24.37 -12.37 -14.36
N THR B 73 -23.41 -13.21 -14.00
CA THR B 73 -22.03 -13.06 -14.44
C THR B 73 -21.52 -14.36 -15.02
N ASP B 74 -22.40 -15.32 -15.23
CA ASP B 74 -22.04 -16.63 -15.79
C ASP B 74 -21.67 -16.56 -17.26
N LYS B 75 -21.92 -15.45 -17.94
CA LYS B 75 -21.58 -15.39 -19.36
C LYS B 75 -20.13 -15.02 -19.59
N TYR B 76 -19.48 -14.34 -18.65
CA TYR B 76 -18.09 -13.95 -18.83
C TYR B 76 -17.20 -15.16 -19.05
N GLU B 77 -16.28 -15.05 -20.00
CA GLU B 77 -15.25 -16.07 -20.23
C GLU B 77 -14.05 -15.68 -19.39
N ASN B 78 -14.16 -16.02 -18.11
CA ASN B 78 -13.22 -15.66 -17.06
C ASN B 78 -13.43 -16.67 -15.96
N ASN B 79 -12.38 -17.32 -15.50
CA ASN B 79 -12.60 -18.35 -14.50
C ASN B 79 -12.55 -17.81 -13.07
N LYS B 80 -12.25 -16.52 -12.86
CA LYS B 80 -12.28 -16.01 -11.50
C LYS B 80 -13.70 -15.69 -11.09
N LEU B 81 -13.89 -15.55 -9.76
CA LEU B 81 -15.18 -15.15 -9.23
C LEU B 81 -15.54 -13.74 -9.68
N ILE B 82 -16.76 -13.59 -10.20
CA ILE B 82 -17.32 -12.29 -10.59
C ILE B 82 -18.68 -12.11 -9.91
N VAL B 83 -18.81 -11.05 -9.11
CA VAL B 83 -20.07 -10.78 -8.41
C VAL B 83 -20.44 -9.33 -8.64
N ARG B 84 -21.71 -9.02 -8.39
CA ARG B 84 -22.20 -7.65 -8.50
C ARG B 84 -22.45 -7.07 -7.11
N ARG B 85 -22.15 -5.79 -6.95
CA ARG B 85 -22.10 -5.17 -5.63
C ARG B 85 -23.49 -5.11 -4.99
N GLY B 86 -23.52 -5.06 -3.66
CA GLY B 86 -24.74 -4.96 -2.91
C GLY B 86 -25.60 -6.21 -2.87
N GLN B 87 -25.03 -7.37 -3.16
CA GLN B 87 -25.74 -8.65 -3.21
C GLN B 87 -24.84 -9.72 -2.63
N SER B 88 -25.44 -10.74 -2.03
CA SER B 88 -24.63 -11.71 -1.31
C SER B 88 -24.16 -12.88 -2.20
N PHE B 89 -23.03 -13.46 -1.81
CA PHE B 89 -22.47 -14.66 -2.44
C PHE B 89 -21.84 -15.57 -1.41
N TYR B 90 -21.71 -16.85 -1.75
CA TYR B 90 -21.20 -17.87 -0.84
C TYR B 90 -19.73 -18.14 -1.06
N VAL B 91 -18.96 -18.18 0.02
CA VAL B 91 -17.64 -18.77 0.01
C VAL B 91 -17.56 -19.79 1.13
N GLN B 92 -16.45 -20.51 1.16
CA GLN B 92 -16.22 -21.52 2.18
C GLN B 92 -14.76 -21.54 2.53
N ILE B 93 -14.45 -21.39 3.82
CA ILE B 93 -13.09 -21.37 4.32
C ILE B 93 -12.87 -22.65 5.11
N ASP B 94 -11.75 -23.31 4.86
CA ASP B 94 -11.37 -24.52 5.60
C ASP B 94 -10.24 -24.17 6.54
N PHE B 95 -10.37 -24.54 7.81
CA PHE B 95 -9.35 -24.22 8.79
C PHE B 95 -8.66 -25.49 9.26
N SER B 96 -7.52 -25.29 9.94
CA SER B 96 -6.75 -26.41 10.47
C SER B 96 -7.50 -27.14 11.59
N ARG B 97 -8.46 -26.49 12.23
CA ARG B 97 -9.39 -27.13 13.15
C ARG B 97 -10.72 -26.40 13.02
N PRO B 98 -11.79 -26.91 13.64
CA PRO B 98 -13.07 -26.21 13.54
C PRO B 98 -13.04 -24.84 14.18
N TYR B 99 -13.55 -23.84 13.45
CA TYR B 99 -13.64 -22.49 13.98
C TYR B 99 -14.48 -22.48 15.25
N ASP B 100 -14.00 -21.77 16.27
CA ASP B 100 -14.62 -21.74 17.58
C ASP B 100 -14.77 -20.28 18.02
N PRO B 101 -15.97 -19.71 17.98
CA PRO B 101 -16.10 -18.28 18.29
C PRO B 101 -15.70 -17.95 19.71
N ARG B 102 -15.71 -18.95 20.61
CA ARG B 102 -15.21 -18.69 21.96
C ARG B 102 -13.72 -18.35 21.95
N ARG B 103 -12.94 -18.94 21.06
CA ARG B 103 -11.50 -18.70 21.06
C ARG B 103 -10.96 -18.01 19.81
N ASP B 104 -11.65 -18.09 18.67
CA ASP B 104 -11.12 -17.59 17.40
C ASP B 104 -11.80 -16.30 16.96
N LEU B 105 -11.06 -15.48 16.23
CA LEU B 105 -11.58 -14.26 15.63
C LEU B 105 -10.90 -14.02 14.28
N PHE B 106 -11.69 -13.96 13.19
CA PHE B 106 -11.13 -13.63 11.88
C PHE B 106 -12.06 -12.73 11.09
N ARG B 107 -11.51 -12.17 10.01
CA ARG B 107 -12.23 -11.34 9.06
C ARG B 107 -11.69 -11.66 7.68
N VAL B 108 -12.50 -11.37 6.67
CA VAL B 108 -12.05 -11.40 5.29
C VAL B 108 -11.67 -9.98 4.90
N GLU B 109 -10.64 -9.83 4.07
CA GLU B 109 -10.25 -8.53 3.58
C GLU B 109 -10.26 -8.52 2.06
N TYR B 110 -10.78 -7.45 1.46
CA TYR B 110 -10.69 -7.23 0.02
C TYR B 110 -9.86 -5.98 -0.21
N VAL B 111 -8.90 -6.08 -1.12
CA VAL B 111 -7.86 -5.07 -1.29
C VAL B 111 -7.72 -4.76 -2.77
N ILE B 112 -7.61 -3.48 -3.09
CA ILE B 112 -7.46 -3.06 -4.47
C ILE B 112 -6.48 -1.92 -4.51
N GLY B 113 -5.52 -2.00 -5.44
CA GLY B 113 -4.54 -0.94 -5.65
C GLY B 113 -3.27 -1.17 -4.84
N ARG B 114 -2.24 -0.40 -5.18
CA ARG B 114 -0.97 -0.48 -4.45
C ARG B 114 -0.96 0.32 -3.14
N TYR B 115 -1.89 1.25 -2.95
CA TYR B 115 -1.96 2.04 -1.72
C TYR B 115 -3.39 2.02 -1.17
N PRO B 116 -3.85 0.86 -0.72
CA PRO B 116 -5.23 0.77 -0.23
C PRO B 116 -5.37 1.47 1.10
N GLN B 117 -6.50 2.16 1.27
CA GLN B 117 -6.87 2.81 2.52
C GLN B 117 -8.31 2.51 2.86
N GLU B 118 -8.56 2.21 4.14
CA GLU B 118 -9.90 1.84 4.56
C GLU B 118 -10.87 3.00 4.36
N ASN B 119 -10.46 4.22 4.70
CA ASN B 119 -11.37 5.36 4.54
C ASN B 119 -11.53 5.82 3.10
N LYS B 120 -10.83 5.20 2.15
CA LYS B 120 -11.06 5.46 0.75
C LYS B 120 -11.80 4.30 0.08
N GLY B 121 -12.16 3.27 0.84
CA GLY B 121 -12.89 2.16 0.28
C GLY B 121 -12.06 1.14 -0.47
N THR B 122 -10.73 1.22 -0.42
CA THR B 122 -9.85 0.32 -1.14
C THR B 122 -9.19 -0.72 -0.26
N TYR B 123 -9.32 -0.60 1.06
CA TYR B 123 -9.08 -1.71 1.98
C TYR B 123 -10.41 -1.95 2.65
N ILE B 124 -11.01 -3.11 2.39
CA ILE B 124 -12.34 -3.43 2.88
C ILE B 124 -12.25 -4.57 3.89
N PRO B 125 -12.28 -4.29 5.20
CA PRO B 125 -12.45 -5.38 6.17
C PRO B 125 -13.87 -5.90 6.12
N VAL B 126 -14.03 -7.21 6.23
CA VAL B 126 -15.34 -7.83 6.22
C VAL B 126 -15.48 -8.65 7.50
N PRO B 127 -16.15 -8.11 8.52
CA PRO B 127 -16.26 -8.84 9.80
C PRO B 127 -17.24 -9.99 9.71
N ILE B 128 -16.99 -11.02 10.51
CA ILE B 128 -17.95 -12.11 10.68
C ILE B 128 -19.02 -11.67 11.69
N VAL B 129 -20.28 -11.59 11.26
CA VAL B 129 -21.35 -11.00 12.07
C VAL B 129 -22.47 -12.01 12.33
N SER B 130 -23.30 -11.72 13.35
CA SER B 130 -24.49 -12.53 13.63
C SER B 130 -25.52 -12.36 12.54
N GLU B 131 -25.80 -11.12 12.17
CA GLU B 131 -26.79 -10.78 11.16
C GLU B 131 -26.20 -9.80 10.17
N LEU B 132 -26.42 -10.07 8.88
CA LEU B 132 -26.07 -9.10 7.85
C LEU B 132 -26.91 -7.85 8.02
N GLN B 133 -26.26 -6.70 7.82
CA GLN B 133 -26.90 -5.40 7.93
C GLN B 133 -27.12 -4.82 6.54
N SER B 134 -28.18 -4.03 6.40
CA SER B 134 -28.54 -3.46 5.12
C SER B 134 -27.45 -2.53 4.61
N GLY B 135 -26.97 -2.80 3.40
CA GLY B 135 -26.02 -1.93 2.74
C GLY B 135 -24.61 -1.95 3.26
N LYS B 136 -24.29 -2.79 4.25
CA LYS B 136 -22.96 -2.81 4.86
C LYS B 136 -22.23 -4.12 4.55
N TRP B 137 -20.92 -4.01 4.32
CA TRP B 137 -20.08 -5.20 4.18
C TRP B 137 -20.16 -6.04 5.44
N GLY B 138 -20.42 -7.33 5.26
CA GLY B 138 -20.34 -8.28 6.34
C GLY B 138 -20.41 -9.69 5.80
N ALA B 139 -20.08 -10.64 6.67
CA ALA B 139 -20.11 -12.05 6.34
C ALA B 139 -20.78 -12.82 7.47
N LYS B 140 -21.69 -13.72 7.12
CA LYS B 140 -22.42 -14.51 8.11
C LYS B 140 -22.11 -15.99 7.90
N ILE B 141 -21.81 -16.68 9.00
CA ILE B 141 -21.60 -18.12 8.95
C ILE B 141 -22.94 -18.80 8.75
N VAL B 142 -23.02 -19.64 7.72
CA VAL B 142 -24.27 -20.25 7.31
C VAL B 142 -24.24 -21.77 7.41
N MET B 143 -23.06 -22.38 7.50
CA MET B 143 -22.92 -23.82 7.67
C MET B 143 -21.58 -24.08 8.33
N ARG B 144 -21.52 -25.14 9.11
CA ARG B 144 -20.31 -25.60 9.77
C ARG B 144 -20.27 -27.11 9.60
N GLU B 145 -19.22 -27.61 8.95
CA GLU B 145 -19.07 -29.05 8.75
C GLU B 145 -17.60 -29.37 8.94
N ASP B 146 -17.31 -30.29 9.87
CA ASP B 146 -15.93 -30.61 10.21
C ASP B 146 -15.13 -29.34 10.42
N ARG B 147 -14.13 -29.10 9.59
CA ARG B 147 -13.22 -27.97 9.79
C ARG B 147 -13.54 -26.76 8.92
N SER B 148 -14.65 -26.78 8.18
CA SER B 148 -14.96 -25.68 7.27
C SER B 148 -16.16 -24.89 7.75
N VAL B 149 -16.24 -23.65 7.27
CA VAL B 149 -17.40 -22.80 7.50
C VAL B 149 -17.81 -22.21 6.16
N ARG B 150 -19.10 -22.27 5.86
CA ARG B 150 -19.65 -21.61 4.68
C ARG B 150 -20.15 -20.24 5.07
N LEU B 151 -19.77 -19.23 4.30
CA LEU B 151 -20.06 -17.84 4.60
C LEU B 151 -21.02 -17.29 3.56
N SER B 152 -21.94 -16.46 4.01
CA SER B 152 -22.68 -15.59 3.13
C SER B 152 -22.07 -14.21 3.28
N ILE B 153 -21.44 -13.73 2.20
CA ILE B 153 -20.77 -12.43 2.20
C ILE B 153 -21.63 -11.43 1.46
N GLN B 154 -21.83 -10.26 2.08
CA GLN B 154 -22.60 -9.18 1.49
C GLN B 154 -21.72 -7.96 1.33
N SER B 155 -21.73 -7.38 0.12
CA SER B 155 -20.97 -6.18 -0.19
C SER B 155 -21.88 -4.95 -0.18
N SER B 156 -21.25 -3.79 -0.02
CA SER B 156 -21.95 -2.51 -0.08
C SER B 156 -22.40 -2.19 -1.50
N PRO B 157 -23.61 -1.62 -1.66
CA PRO B 157 -24.05 -1.19 -3.00
C PRO B 157 -23.31 0.02 -3.54
N LYS B 158 -22.46 0.66 -2.74
CA LYS B 158 -21.62 1.75 -3.21
C LYS B 158 -20.18 1.30 -3.50
N CYS B 159 -19.93 0.00 -3.52
CA CYS B 159 -18.56 -0.54 -3.62
C CYS B 159 -17.83 -0.08 -4.88
N ILE B 160 -16.54 0.20 -4.71
CA ILE B 160 -15.64 0.43 -5.85
C ILE B 160 -15.78 -0.76 -6.79
N VAL B 161 -15.83 -0.48 -8.08
CA VAL B 161 -15.95 -1.52 -9.09
C VAL B 161 -14.56 -1.83 -9.61
N GLY B 162 -14.18 -3.11 -9.62
CA GLY B 162 -12.83 -3.47 -9.99
C GLY B 162 -12.52 -4.91 -9.59
N LYS B 163 -11.24 -5.26 -9.73
CA LYS B 163 -10.73 -6.59 -9.41
C LYS B 163 -10.01 -6.55 -8.07
N PHE B 164 -10.53 -7.28 -7.09
CA PHE B 164 -10.00 -7.22 -5.72
C PHE B 164 -9.21 -8.46 -5.35
N ARG B 165 -8.20 -8.27 -4.53
CA ARG B 165 -7.51 -9.38 -3.91
C ARG B 165 -8.18 -9.74 -2.59
N MET B 166 -8.36 -11.04 -2.39
CA MET B 166 -9.00 -11.58 -1.20
C MET B 166 -7.98 -12.14 -0.22
N TYR B 167 -8.19 -11.85 1.06
CA TYR B 167 -7.36 -12.43 2.11
C TYR B 167 -8.24 -12.85 3.28
N VAL B 168 -7.81 -13.89 3.99
CA VAL B 168 -8.40 -14.27 5.28
C VAL B 168 -7.39 -13.87 6.36
N ALA B 169 -7.83 -13.07 7.32
CA ALA B 169 -6.96 -12.51 8.35
C ALA B 169 -7.40 -13.03 9.72
N VAL B 170 -6.56 -13.85 10.35
CA VAL B 170 -6.84 -14.41 11.67
C VAL B 170 -6.16 -13.55 12.72
N TRP B 171 -6.92 -13.08 13.71
CA TRP B 171 -6.41 -12.16 14.72
C TRP B 171 -5.89 -12.93 15.94
N THR B 172 -4.74 -12.48 16.45
CA THR B 172 -4.05 -13.14 17.55
C THR B 172 -3.55 -12.05 18.49
N PRO B 173 -3.25 -12.38 19.76
CA PRO B 173 -2.69 -11.35 20.65
C PRO B 173 -1.32 -10.87 20.19
N TYR B 174 -0.67 -11.58 19.26
CA TYR B 174 0.64 -11.20 18.77
C TYR B 174 0.57 -10.49 17.43
N GLY B 175 -0.62 -10.31 16.86
CA GLY B 175 -0.83 -9.66 15.58
C GLY B 175 -1.57 -10.56 14.62
N VAL B 176 -1.69 -10.09 13.36
CA VAL B 176 -2.51 -10.78 12.38
C VAL B 176 -1.71 -11.87 11.70
N LEU B 177 -2.37 -12.98 11.41
CA LEU B 177 -1.86 -14.06 10.56
C LEU B 177 -2.75 -14.15 9.34
N ARG B 178 -2.19 -13.87 8.17
CA ARG B 178 -2.96 -13.63 6.96
C ARG B 178 -2.60 -14.65 5.89
N THR B 179 -3.59 -15.07 5.09
CA THR B 179 -3.32 -15.92 3.94
C THR B 179 -2.34 -15.26 2.96
N SER B 180 -1.67 -16.11 2.19
CA SER B 180 -0.75 -15.66 1.15
C SER B 180 -1.53 -15.09 -0.03
N ARG B 181 -0.85 -14.22 -0.78
CA ARG B 181 -1.32 -13.83 -2.10
C ARG B 181 -1.73 -15.06 -2.89
N ASN B 182 -2.94 -15.03 -3.44
CA ASN B 182 -3.48 -16.17 -4.18
C ASN B 182 -4.27 -15.63 -5.36
N PRO B 183 -3.70 -15.63 -6.55
CA PRO B 183 -4.43 -15.06 -7.71
C PRO B 183 -5.74 -15.78 -8.01
N GLU B 184 -5.89 -17.03 -7.57
CA GLU B 184 -7.10 -17.78 -7.88
C GLU B 184 -8.32 -17.32 -7.09
N THR B 185 -8.15 -16.56 -6.01
CA THR B 185 -9.30 -16.04 -5.31
C THR B 185 -9.54 -14.56 -5.58
N ASP B 186 -8.77 -13.96 -6.49
CA ASP B 186 -9.07 -12.62 -6.97
C ASP B 186 -10.53 -12.55 -7.41
N THR B 187 -11.20 -11.47 -7.04
CA THR B 187 -12.64 -11.39 -7.20
C THR B 187 -13.01 -10.06 -7.86
N TYR B 188 -13.79 -10.13 -8.93
CA TYR B 188 -14.31 -8.95 -9.62
C TYR B 188 -15.65 -8.56 -9.01
N ILE B 189 -15.82 -7.26 -8.74
CA ILE B 189 -17.09 -6.70 -8.26
C ILE B 189 -17.58 -5.69 -9.29
N LEU B 190 -18.78 -5.92 -9.79
CA LEU B 190 -19.35 -5.11 -10.85
C LEU B 190 -20.52 -4.29 -10.33
N PHE B 191 -20.95 -3.34 -11.17
CA PHE B 191 -22.22 -2.65 -10.96
C PHE B 191 -23.36 -3.66 -10.99
N ASN B 192 -24.43 -3.35 -10.25
CA ASN B 192 -25.56 -4.28 -10.11
C ASN B 192 -26.86 -3.59 -10.49
N PRO B 193 -27.27 -3.70 -11.76
CA PRO B 193 -28.61 -3.25 -12.17
C PRO B 193 -29.75 -4.01 -11.50
N TRP B 194 -29.46 -5.10 -10.79
CA TRP B 194 -30.51 -5.84 -10.10
C TRP B 194 -30.70 -5.46 -8.64
N CYS B 195 -29.74 -4.76 -8.03
CA CYS B 195 -29.84 -4.35 -6.63
C CYS B 195 -30.50 -2.98 -6.57
N GLU B 196 -31.57 -2.87 -5.80
CA GLU B 196 -32.33 -1.63 -5.85
C GLU B 196 -31.68 -0.49 -5.07
N ASP B 197 -30.65 -0.78 -4.27
CA ASP B 197 -29.84 0.25 -3.63
C ASP B 197 -28.67 0.70 -4.49
N ASP B 198 -28.51 0.12 -5.68
CA ASP B 198 -27.41 0.52 -6.57
C ASP B 198 -27.84 1.74 -7.37
N ALA B 199 -26.90 2.66 -7.56
CA ALA B 199 -27.17 3.83 -8.40
C ALA B 199 -27.55 3.45 -9.83
N VAL B 200 -27.26 2.25 -10.30
CA VAL B 200 -27.63 1.85 -11.66
C VAL B 200 -28.84 0.91 -11.70
N TYR B 201 -29.59 0.81 -10.59
CA TYR B 201 -30.75 -0.08 -10.52
C TYR B 201 -31.73 0.18 -11.67
N LEU B 202 -32.22 -0.90 -12.24
CA LEU B 202 -33.12 -0.88 -13.39
C LEU B 202 -34.19 -1.93 -13.15
N ASP B 203 -35.40 -1.50 -12.79
CA ASP B 203 -36.40 -2.40 -12.22
C ASP B 203 -37.11 -3.29 -13.23
N ASN B 204 -36.69 -3.30 -14.50
CA ASN B 204 -37.35 -4.08 -15.56
C ASN B 204 -36.43 -5.20 -16.03
N GLU B 205 -36.88 -6.45 -15.91
CA GLU B 205 -36.02 -7.58 -16.26
C GLU B 205 -35.66 -7.58 -17.74
N LYS B 206 -36.64 -7.33 -18.63
CA LYS B 206 -36.36 -7.34 -20.06
C LYS B 206 -35.41 -6.22 -20.45
N GLU B 207 -35.54 -5.05 -19.83
CA GLU B 207 -34.60 -3.98 -20.14
C GLU B 207 -33.20 -4.30 -19.61
N ARG B 208 -33.10 -5.03 -18.49
CA ARG B 208 -31.79 -5.45 -18.00
C ARG B 208 -31.17 -6.47 -18.95
N GLU B 209 -31.99 -7.36 -19.50
CA GLU B 209 -31.47 -8.33 -20.46
C GLU B 209 -30.91 -7.62 -21.68
N GLU B 210 -31.58 -6.56 -22.13
CA GLU B 210 -31.18 -5.90 -23.35
C GLU B 210 -30.02 -4.93 -23.13
N TYR B 211 -30.04 -4.17 -22.04
CA TYR B 211 -29.07 -3.09 -21.86
C TYR B 211 -27.85 -3.51 -21.05
N VAL B 212 -27.83 -4.73 -20.51
CA VAL B 212 -26.68 -5.24 -19.77
C VAL B 212 -26.15 -6.54 -20.38
N LEU B 213 -27.05 -7.48 -20.66
CA LEU B 213 -26.66 -8.85 -20.96
C LEU B 213 -26.61 -9.22 -22.44
N ASN B 214 -27.12 -8.37 -23.33
CA ASN B 214 -27.09 -8.67 -24.75
C ASN B 214 -25.75 -8.25 -25.32
N ASP B 215 -25.00 -9.18 -25.91
CA ASP B 215 -23.67 -8.85 -26.43
C ASP B 215 -23.66 -8.59 -27.94
N ILE B 216 -24.82 -8.58 -28.60
CA ILE B 216 -24.93 -8.13 -29.99
C ILE B 216 -26.00 -7.04 -30.06
N GLY B 217 -25.86 -6.20 -31.06
CA GLY B 217 -26.73 -5.04 -31.19
C GLY B 217 -26.91 -4.64 -32.63
N VAL B 218 -27.72 -3.62 -32.83
CA VAL B 218 -27.93 -3.02 -34.13
C VAL B 218 -27.65 -1.54 -33.95
N ILE B 219 -26.95 -0.96 -34.92
CA ILE B 219 -26.68 0.47 -34.94
C ILE B 219 -27.30 1.01 -36.23
N PHE B 220 -28.15 2.02 -36.09
CA PHE B 220 -28.88 2.60 -37.21
C PHE B 220 -28.12 3.77 -37.79
N TYR B 221 -28.19 3.92 -39.11
CA TYR B 221 -27.56 5.04 -39.80
C TYR B 221 -28.34 5.26 -41.10
N GLY B 222 -27.70 5.91 -42.08
CA GLY B 222 -28.39 6.26 -43.31
C GLY B 222 -29.10 7.61 -43.24
N GLU B 223 -30.33 7.69 -43.74
CA GLU B 223 -31.12 8.91 -43.66
C GLU B 223 -32.54 8.57 -43.23
N VAL B 224 -33.29 9.61 -42.88
CA VAL B 224 -34.54 9.47 -42.14
C VAL B 224 -35.57 8.62 -42.89
N ASN B 225 -35.52 8.60 -44.22
CA ASN B 225 -36.43 7.76 -45.00
C ASN B 225 -35.69 6.73 -45.86
N ASP B 226 -34.36 6.58 -45.66
CA ASP B 226 -33.59 5.45 -46.17
C ASP B 226 -32.72 4.94 -45.02
N ILE B 227 -33.35 4.24 -44.07
CA ILE B 227 -32.70 3.84 -42.82
C ILE B 227 -31.83 2.61 -43.09
N LYS B 228 -30.57 2.70 -42.70
CA LYS B 228 -29.64 1.59 -42.78
C LYS B 228 -29.35 1.07 -41.37
N THR B 229 -29.06 -0.22 -41.28
CA THR B 229 -28.71 -0.87 -40.02
C THR B 229 -27.37 -1.60 -40.18
N ARG B 230 -26.59 -1.60 -39.10
CA ARG B 230 -25.26 -2.22 -39.07
C ARG B 230 -25.21 -3.08 -37.82
N SER B 231 -24.95 -4.38 -37.99
CA SER B 231 -24.86 -5.21 -36.80
C SER B 231 -23.56 -4.92 -36.04
N TRP B 232 -23.56 -5.22 -34.74
CA TRP B 232 -22.38 -4.95 -33.93
C TRP B 232 -22.26 -5.98 -32.82
N SER B 233 -21.06 -6.55 -32.67
CA SER B 233 -20.76 -7.49 -31.60
C SER B 233 -20.13 -6.73 -30.45
N TYR B 234 -20.91 -6.40 -29.42
CA TYR B 234 -20.32 -5.72 -28.26
C TYR B 234 -19.28 -6.61 -27.58
N GLY B 235 -19.56 -7.90 -27.47
CA GLY B 235 -18.62 -8.87 -26.92
C GLY B 235 -18.11 -8.57 -25.52
N GLN B 236 -18.94 -7.96 -24.65
CA GLN B 236 -18.43 -7.62 -23.32
C GLN B 236 -18.12 -8.85 -22.48
N PHE B 237 -18.53 -10.05 -22.89
CA PHE B 237 -18.30 -11.25 -22.09
C PHE B 237 -17.09 -12.05 -22.56
N GLU B 238 -16.45 -11.66 -23.66
CA GLU B 238 -15.36 -12.44 -24.25
C GLU B 238 -14.10 -12.36 -23.38
N ASP B 239 -13.25 -13.35 -23.55
CA ASP B 239 -12.03 -13.45 -22.76
C ASP B 239 -11.14 -12.24 -23.01
N GLY B 240 -10.73 -11.58 -21.91
CA GLY B 240 -9.87 -10.41 -21.98
C GLY B 240 -10.58 -9.06 -21.94
N ILE B 241 -11.90 -9.03 -22.16
CA ILE B 241 -12.58 -7.74 -22.33
C ILE B 241 -12.76 -7.02 -20.99
N LEU B 242 -13.25 -7.72 -19.96
CA LEU B 242 -13.34 -7.12 -18.63
C LEU B 242 -11.99 -6.61 -18.14
N ASP B 243 -10.92 -7.38 -18.37
CA ASP B 243 -9.61 -6.93 -17.96
C ASP B 243 -9.20 -5.66 -18.71
N THR B 244 -9.56 -5.57 -20.00
CA THR B 244 -9.22 -4.38 -20.78
C THR B 244 -9.95 -3.14 -20.27
N CYS B 245 -11.23 -3.27 -19.91
CA CYS B 245 -11.96 -2.14 -19.35
C CYS B 245 -11.32 -1.64 -18.07
N LEU B 246 -10.79 -2.55 -17.24
CA LEU B 246 -10.04 -2.11 -16.07
C LEU B 246 -8.74 -1.43 -16.49
N TYR B 247 -8.06 -1.98 -17.50
CA TYR B 247 -6.82 -1.38 -18.00
C TYR B 247 -7.07 0.01 -18.57
N VAL B 248 -8.22 0.22 -19.21
CA VAL B 248 -8.59 1.53 -19.73
C VAL B 248 -8.65 2.57 -18.61
N MET B 249 -9.30 2.22 -17.49
CA MET B 249 -9.36 3.13 -16.35
C MET B 249 -7.99 3.31 -15.71
N ASP B 250 -7.19 2.25 -15.65
CA ASP B 250 -5.83 2.39 -15.16
C ASP B 250 -5.03 3.37 -16.03
N ARG B 251 -5.12 3.19 -17.35
CA ARG B 251 -4.36 4.08 -18.22
C ARG B 251 -4.86 5.53 -18.13
N ALA B 252 -6.15 5.73 -17.90
CA ALA B 252 -6.66 7.09 -17.69
C ALA B 252 -6.25 7.69 -16.35
N GLN B 253 -5.63 6.92 -15.47
CA GLN B 253 -5.27 7.36 -14.12
C GLN B 253 -6.50 7.81 -13.31
N MET B 254 -7.60 7.10 -13.48
CA MET B 254 -8.78 7.31 -12.65
C MET B 254 -8.52 6.79 -11.23
N ASP B 255 -8.67 7.66 -10.23
CA ASP B 255 -8.53 7.22 -8.83
C ASP B 255 -9.49 6.09 -8.50
N LEU B 256 -8.96 5.05 -7.85
CA LEU B 256 -9.79 3.88 -7.53
C LEU B 256 -11.01 4.28 -6.72
N SER B 257 -10.87 5.24 -5.82
CA SER B 257 -11.94 5.50 -4.87
C SER B 257 -13.19 6.05 -5.57
N GLY B 258 -13.06 6.50 -6.81
CA GLY B 258 -14.17 7.00 -7.60
C GLY B 258 -14.81 5.99 -8.52
N ARG B 259 -14.30 4.76 -8.59
CA ARG B 259 -14.76 3.82 -9.61
C ARG B 259 -16.04 3.12 -9.22
N GLY B 260 -16.62 3.43 -8.05
CA GLY B 260 -17.95 2.96 -7.75
C GLY B 260 -19.04 3.93 -8.12
N ASN B 261 -18.65 5.05 -8.68
CA ASN B 261 -19.58 6.08 -9.09
C ASN B 261 -19.77 6.00 -10.60
N PRO B 262 -20.96 5.66 -11.10
CA PRO B 262 -21.14 5.52 -12.56
C PRO B 262 -21.17 6.85 -13.28
N ILE B 263 -21.25 7.96 -12.55
CA ILE B 263 -21.08 9.26 -13.16
C ILE B 263 -19.62 9.46 -13.54
N LYS B 264 -18.72 9.08 -12.64
CA LYS B 264 -17.29 9.23 -12.88
C LYS B 264 -16.78 8.21 -13.89
N VAL B 265 -17.33 7.01 -13.85
CA VAL B 265 -16.86 5.94 -14.73
C VAL B 265 -17.31 6.19 -16.17
N SER B 266 -18.51 6.76 -16.36
CA SER B 266 -18.99 7.04 -17.72
C SER B 266 -18.32 8.27 -18.35
N ARG B 267 -17.97 9.27 -17.53
CA ARG B 267 -17.25 10.43 -18.03
C ARG B 267 -15.79 10.12 -18.29
N VAL B 268 -15.16 9.28 -17.45
CA VAL B 268 -13.82 8.80 -17.74
C VAL B 268 -13.85 7.95 -19.00
N GLY B 269 -14.91 7.16 -19.18
CA GLY B 269 -15.05 6.38 -20.40
C GLY B 269 -15.28 7.25 -21.63
N SER B 270 -16.01 8.36 -21.48
CA SER B 270 -16.21 9.28 -22.60
C SER B 270 -14.89 9.81 -23.14
N ALA B 271 -13.93 10.05 -22.24
CA ALA B 271 -12.63 10.57 -22.62
C ALA B 271 -11.72 9.47 -23.14
N MET B 272 -11.69 8.34 -22.44
CA MET B 272 -10.66 7.33 -22.66
C MET B 272 -10.90 6.43 -23.87
N VAL B 273 -12.13 6.39 -24.40
CA VAL B 273 -12.39 5.61 -25.61
C VAL B 273 -11.84 6.28 -26.87
N ASN B 274 -11.62 7.59 -26.84
CA ASN B 274 -10.94 8.24 -27.96
C ASN B 274 -9.50 8.57 -27.57
N ALA B 275 -8.65 8.67 -28.58
CA ALA B 275 -7.22 8.76 -28.32
C ALA B 275 -6.78 10.16 -27.96
N LYS B 276 -7.59 11.17 -28.26
CA LYS B 276 -7.20 12.53 -27.98
C LYS B 276 -6.86 12.73 -26.51
N ASP B 277 -5.83 13.53 -26.25
CA ASP B 277 -5.46 14.02 -24.92
C ASP B 277 -4.73 13.00 -24.06
N ASP B 278 -5.00 11.71 -24.27
CA ASP B 278 -4.69 10.73 -23.23
C ASP B 278 -4.34 9.34 -23.76
N GLU B 279 -4.14 9.19 -25.08
CA GLU B 279 -3.71 7.93 -25.70
C GLU B 279 -4.72 6.80 -25.51
N GLY B 280 -6.00 7.16 -25.45
CA GLY B 280 -7.07 6.20 -25.27
C GLY B 280 -7.26 5.29 -26.48
N VAL B 281 -8.40 4.59 -26.49
CA VAL B 281 -8.55 3.36 -27.26
C VAL B 281 -8.49 3.61 -28.77
N LEU B 282 -9.26 4.58 -29.26
CA LEU B 282 -9.64 4.60 -30.67
C LEU B 282 -9.27 5.94 -31.31
N VAL B 283 -8.64 5.89 -32.48
CA VAL B 283 -8.25 7.07 -33.25
C VAL B 283 -9.30 7.30 -34.33
N GLY B 284 -9.98 8.44 -34.28
CA GLY B 284 -10.95 8.73 -35.31
C GLY B 284 -10.31 9.25 -36.59
N SER B 285 -10.94 8.95 -37.73
CA SER B 285 -10.45 9.51 -38.99
C SER B 285 -11.54 9.46 -40.05
N TRP B 286 -11.64 10.56 -40.80
CA TRP B 286 -12.52 10.64 -41.97
C TRP B 286 -11.73 11.00 -43.22
N ASP B 287 -10.43 10.71 -43.27
CA ASP B 287 -9.56 11.31 -44.28
C ASP B 287 -9.46 10.53 -45.59
N ASN B 288 -10.19 9.42 -45.74
CA ASN B 288 -10.28 8.68 -46.99
C ASN B 288 -8.99 7.93 -47.34
N ILE B 289 -7.98 7.93 -46.45
CA ILE B 289 -6.72 7.19 -46.66
C ILE B 289 -6.56 6.05 -45.63
N TYR B 290 -6.57 6.38 -44.34
CA TYR B 290 -6.42 5.41 -43.25
C TYR B 290 -5.06 4.71 -43.31
N ALA B 291 -4.02 5.52 -43.31
CA ALA B 291 -2.65 5.02 -43.39
C ALA B 291 -2.32 4.21 -42.15
N TYR B 292 -1.76 3.01 -42.35
CA TYR B 292 -1.24 2.22 -41.26
C TYR B 292 -2.35 1.89 -40.26
N GLY B 293 -3.44 1.32 -40.77
CA GLY B 293 -4.54 0.99 -39.90
C GLY B 293 -5.65 0.27 -40.64
N VAL B 294 -6.73 0.08 -39.90
CA VAL B 294 -7.93 -0.59 -40.39
C VAL B 294 -8.94 0.49 -40.78
N PRO B 295 -9.61 0.37 -41.91
CA PRO B 295 -10.61 1.39 -42.29
C PRO B 295 -11.87 1.27 -41.44
N PRO B 296 -12.47 2.39 -41.05
CA PRO B 296 -13.53 2.35 -40.03
C PRO B 296 -14.67 1.39 -40.31
N SER B 297 -15.06 1.26 -41.58
CA SER B 297 -16.15 0.37 -41.95
C SER B 297 -15.77 -1.11 -41.93
N ALA B 298 -14.50 -1.44 -41.72
CA ALA B 298 -14.15 -2.86 -41.66
C ALA B 298 -14.57 -3.48 -40.33
N TRP B 299 -14.54 -2.73 -39.23
CA TRP B 299 -14.89 -3.32 -37.95
C TRP B 299 -16.33 -3.82 -37.96
N THR B 300 -16.56 -4.96 -37.31
CA THR B 300 -17.89 -5.50 -37.11
C THR B 300 -18.22 -5.69 -35.64
N GLY B 301 -17.37 -5.19 -34.74
CA GLY B 301 -17.59 -5.36 -33.32
C GLY B 301 -16.51 -4.64 -32.56
N SER B 302 -16.56 -4.78 -31.23
CA SER B 302 -15.64 -4.05 -30.36
C SER B 302 -14.43 -4.88 -29.93
N VAL B 303 -14.50 -6.20 -30.03
CA VAL B 303 -13.54 -7.06 -29.34
C VAL B 303 -12.15 -6.93 -29.94
N ASP B 304 -12.04 -6.95 -31.27
CA ASP B 304 -10.72 -6.83 -31.88
C ASP B 304 -10.07 -5.49 -31.51
N ILE B 305 -10.85 -4.43 -31.38
CA ILE B 305 -10.28 -3.13 -31.03
C ILE B 305 -9.76 -3.13 -29.60
N LEU B 306 -10.58 -3.55 -28.63
CA LEU B 306 -10.14 -3.52 -27.24
C LEU B 306 -9.00 -4.49 -27.01
N LEU B 307 -9.08 -5.69 -27.58
CA LEU B 307 -7.97 -6.63 -27.41
C LEU B 307 -6.70 -6.13 -28.10
N GLU B 308 -6.84 -5.52 -29.29
CA GLU B 308 -5.68 -4.94 -29.93
C GLU B 308 -5.15 -3.75 -29.12
N TYR B 309 -6.04 -2.96 -28.51
CA TYR B 309 -5.54 -1.87 -27.67
C TYR B 309 -4.77 -2.41 -26.48
N ARG B 310 -5.29 -3.45 -25.82
CA ARG B 310 -4.65 -4.02 -24.63
C ARG B 310 -3.34 -4.72 -25.00
N SER B 311 -3.33 -5.41 -26.13
CA SER B 311 -2.15 -6.13 -26.59
C SER B 311 -1.06 -5.17 -27.04
N SER B 312 -1.42 -4.21 -27.91
CA SER B 312 -0.44 -3.29 -28.48
C SER B 312 -0.07 -2.17 -27.53
N GLU B 313 -0.98 -1.80 -26.62
CA GLU B 313 -0.82 -0.63 -25.77
C GLU B 313 -0.65 0.63 -26.59
N ASN B 314 -1.21 0.64 -27.79
CA ASN B 314 -1.23 1.87 -28.54
C ASN B 314 -2.66 2.10 -28.96
N PRO B 315 -3.05 3.34 -29.18
CA PRO B 315 -4.38 3.59 -29.74
C PRO B 315 -4.56 2.84 -31.05
N VAL B 316 -5.80 2.48 -31.34
CA VAL B 316 -6.16 1.59 -32.43
C VAL B 316 -6.76 2.42 -33.57
N ARG B 317 -6.31 2.18 -34.80
CA ARG B 317 -6.71 2.95 -35.97
C ARG B 317 -7.48 2.11 -36.96
N TYR B 318 -8.62 2.58 -37.47
CA TYR B 318 -9.22 3.90 -37.20
C TYR B 318 -10.71 3.68 -36.90
N GLY B 319 -11.39 4.70 -36.34
CA GLY B 319 -12.82 4.62 -36.14
C GLY B 319 -13.55 5.88 -36.58
N GLN B 320 -14.88 5.75 -36.69
CA GLN B 320 -15.80 6.88 -36.85
C GLN B 320 -16.92 6.71 -35.82
N CYS B 321 -17.98 7.54 -35.92
CA CYS B 321 -18.86 7.75 -34.78
C CYS B 321 -19.45 6.43 -34.26
N TRP B 322 -19.95 5.59 -35.16
CA TRP B 322 -20.59 4.36 -34.72
C TRP B 322 -19.60 3.41 -34.08
N VAL B 323 -18.32 3.49 -34.48
CA VAL B 323 -17.29 2.67 -33.87
C VAL B 323 -17.00 3.15 -32.45
N PHE B 324 -16.86 4.46 -32.28
CA PHE B 324 -16.72 5.00 -30.92
C PHE B 324 -17.87 4.55 -30.03
N ALA B 325 -19.10 4.66 -30.53
CA ALA B 325 -20.26 4.30 -29.73
C ALA B 325 -20.28 2.81 -29.44
N GLY B 326 -19.96 2.00 -30.47
CA GLY B 326 -19.84 0.56 -30.26
C GLY B 326 -18.86 0.21 -29.16
N VAL B 327 -17.65 0.81 -29.19
CA VAL B 327 -16.66 0.48 -28.17
C VAL B 327 -17.06 1.05 -26.80
N PHE B 328 -17.61 2.26 -26.77
CA PHE B 328 -18.11 2.80 -25.51
C PHE B 328 -19.19 1.90 -24.91
N ASN B 329 -20.10 1.40 -25.75
CA ASN B 329 -21.19 0.57 -25.26
C ASN B 329 -20.66 -0.71 -24.62
N THR B 330 -19.64 -1.32 -25.23
CA THR B 330 -19.06 -2.51 -24.65
C THR B 330 -18.49 -2.22 -23.26
N PHE B 331 -17.69 -1.16 -23.16
CA PHE B 331 -17.12 -0.74 -21.87
C PHE B 331 -18.20 -0.59 -20.80
N LEU B 332 -19.30 0.10 -21.12
CA LEU B 332 -20.35 0.32 -20.13
C LEU B 332 -21.02 -0.99 -19.72
N ARG B 333 -21.42 -1.82 -20.71
CA ARG B 333 -22.16 -3.03 -20.38
C ARG B 333 -21.29 -4.05 -19.66
N CYS B 334 -20.00 -4.08 -20.02
CA CYS B 334 -19.04 -4.98 -19.38
C CYS B 334 -18.98 -4.73 -17.88
N LEU B 335 -18.92 -3.45 -17.48
CA LEU B 335 -18.80 -3.05 -16.08
C LEU B 335 -20.13 -3.12 -15.33
N GLY B 336 -21.25 -3.29 -16.03
CA GLY B 336 -22.56 -3.37 -15.40
C GLY B 336 -23.40 -2.12 -15.44
N ILE B 337 -22.96 -1.08 -16.14
CA ILE B 337 -23.80 0.09 -16.34
C ILE B 337 -24.70 -0.19 -17.54
N PRO B 338 -26.02 -0.11 -17.40
CA PRO B 338 -26.89 -0.35 -18.54
C PRO B 338 -26.73 0.74 -19.57
N ALA B 339 -26.68 0.36 -20.84
CA ALA B 339 -26.32 1.30 -21.89
C ALA B 339 -26.87 0.86 -23.23
N ARG B 340 -27.09 1.85 -24.09
CA ARG B 340 -27.57 1.63 -25.45
C ARG B 340 -27.01 2.73 -26.33
N ILE B 341 -27.07 2.50 -27.64
CA ILE B 341 -26.55 3.42 -28.65
C ILE B 341 -27.72 4.14 -29.32
N VAL B 342 -27.65 5.47 -29.41
CA VAL B 342 -28.68 6.27 -30.05
C VAL B 342 -28.12 6.93 -31.29
N THR B 343 -28.94 7.04 -32.33
CA THR B 343 -28.57 7.68 -33.59
C THR B 343 -29.41 8.93 -33.81
N ASN B 344 -28.74 10.05 -34.06
CA ASN B 344 -29.37 11.33 -34.30
C ASN B 344 -29.25 11.69 -35.79
N TYR B 345 -30.38 11.88 -36.47
CA TYR B 345 -30.38 12.19 -37.90
C TYR B 345 -30.40 13.70 -38.10
N PHE B 346 -29.44 14.19 -38.90
CA PHE B 346 -29.14 15.61 -39.04
C PHE B 346 -28.67 16.16 -37.70
N SER B 347 -27.42 15.91 -37.36
CA SER B 347 -26.88 16.13 -36.03
C SER B 347 -25.96 17.33 -36.09
N ALA B 348 -26.23 18.31 -35.24
CA ALA B 348 -25.53 19.58 -35.27
C ALA B 348 -24.30 19.58 -34.37
N HIS B 349 -23.21 20.12 -34.89
CA HIS B 349 -21.95 20.26 -34.16
C HIS B 349 -21.71 21.75 -33.99
N ASP B 350 -22.02 22.24 -32.79
CA ASP B 350 -21.81 23.63 -32.42
C ASP B 350 -20.34 23.82 -32.09
N ASN B 351 -19.73 24.86 -32.68
CA ASN B 351 -18.31 25.13 -32.50
C ASN B 351 -18.01 26.31 -31.59
N ASP B 352 -18.99 27.20 -31.35
CA ASP B 352 -18.78 28.40 -30.54
C ASP B 352 -19.76 28.48 -29.38
N ALA B 353 -20.39 27.37 -29.01
CA ALA B 353 -21.14 27.24 -27.76
C ALA B 353 -22.24 28.29 -27.61
N ASN B 354 -22.81 28.79 -28.70
CA ASN B 354 -23.97 29.67 -28.58
C ASN B 354 -25.28 28.95 -28.83
N LEU B 355 -25.22 27.64 -29.12
CA LEU B 355 -26.37 26.75 -29.15
C LEU B 355 -27.23 26.93 -30.40
N GLN B 356 -26.67 27.48 -31.47
CA GLN B 356 -27.38 27.59 -32.73
C GLN B 356 -26.40 27.32 -33.85
N MET B 357 -26.90 26.84 -34.97
CA MET B 357 -26.06 26.55 -36.13
C MET B 357 -25.91 27.83 -36.95
N ASP B 358 -24.71 28.40 -36.92
CA ASP B 358 -24.41 29.65 -37.62
C ASP B 358 -23.85 29.28 -38.99
N ILE B 359 -24.64 29.47 -40.05
CA ILE B 359 -24.21 29.13 -41.40
C ILE B 359 -24.10 30.41 -42.20
N PHE B 360 -22.86 30.76 -42.57
CA PHE B 360 -22.58 31.98 -43.32
C PHE B 360 -22.63 31.72 -44.81
N LEU B 361 -23.40 32.54 -45.51
CA LEU B 361 -23.51 32.51 -46.96
C LEU B 361 -22.75 33.71 -47.54
N GLU B 362 -22.14 33.49 -48.70
CA GLU B 362 -21.63 34.62 -49.46
C GLU B 362 -22.80 35.39 -50.07
N GLU B 363 -22.57 36.66 -50.41
CA GLU B 363 -23.60 37.43 -51.09
C GLU B 363 -24.14 36.65 -52.29
N ASP B 364 -23.29 35.83 -52.92
CA ASP B 364 -23.75 34.95 -53.99
C ASP B 364 -24.85 34.01 -53.51
N GLY B 365 -24.70 33.40 -52.33
CA GLY B 365 -25.70 32.48 -51.83
C GLY B 365 -25.15 31.12 -51.42
N ASN B 366 -23.92 30.81 -51.85
CA ASN B 366 -23.27 29.57 -51.45
C ASN B 366 -22.73 29.68 -50.04
N VAL B 367 -22.50 28.53 -49.42
CA VAL B 367 -21.99 28.47 -48.05
C VAL B 367 -20.54 28.95 -48.06
N ASN B 368 -20.28 30.12 -47.47
CA ASN B 368 -18.92 30.61 -47.25
C ASN B 368 -18.21 29.70 -46.26
N SER B 369 -17.27 28.88 -46.76
CA SER B 369 -16.61 27.82 -45.99
C SER B 369 -15.44 28.32 -45.14
N LYS B 370 -15.02 29.58 -45.27
CA LYS B 370 -14.00 30.11 -44.37
C LYS B 370 -14.62 30.61 -43.08
N LEU B 371 -15.75 31.31 -43.19
CA LEU B 371 -16.45 31.85 -42.03
C LEU B 371 -17.25 30.80 -41.27
N THR B 372 -17.66 29.71 -41.93
CA THR B 372 -18.55 28.73 -41.33
C THR B 372 -17.74 27.69 -40.57
N LYS B 373 -17.92 27.64 -39.25
CA LYS B 373 -17.26 26.64 -38.42
C LYS B 373 -18.20 25.54 -37.96
N ASP B 374 -19.43 25.88 -37.56
CA ASP B 374 -20.44 24.90 -37.22
C ASP B 374 -20.71 23.99 -38.42
N SER B 375 -21.32 22.85 -38.15
CA SER B 375 -21.64 21.88 -39.19
C SER B 375 -22.78 21.01 -38.70
N VAL B 376 -23.50 20.40 -39.65
CA VAL B 376 -24.46 19.36 -39.33
C VAL B 376 -24.16 18.15 -40.19
N TRP B 377 -24.31 16.96 -39.60
CA TRP B 377 -23.94 15.69 -40.19
C TRP B 377 -25.19 14.89 -40.51
N ASN B 378 -25.13 14.05 -41.55
CA ASN B 378 -26.32 13.30 -41.95
C ASN B 378 -26.80 12.37 -40.84
N TYR B 379 -25.88 11.82 -40.04
CA TYR B 379 -26.27 11.13 -38.81
C TYR B 379 -25.09 11.17 -37.86
N HIS B 380 -25.38 10.86 -36.60
CA HIS B 380 -24.36 10.77 -35.57
C HIS B 380 -24.88 9.84 -34.48
N CYS B 381 -23.95 9.10 -33.87
CA CYS B 381 -24.22 8.07 -32.87
C CYS B 381 -23.60 8.44 -31.53
N TRP B 382 -24.31 8.18 -30.44
CA TRP B 382 -23.67 8.25 -29.12
C TRP B 382 -24.34 7.26 -28.19
N ASN B 383 -24.02 7.36 -26.91
CA ASN B 383 -24.50 6.38 -25.94
C ASN B 383 -25.36 7.05 -24.89
N GLU B 384 -26.26 6.27 -24.34
CA GLU B 384 -26.92 6.65 -23.10
C GLU B 384 -26.56 5.62 -22.06
N ALA B 385 -26.20 6.09 -20.87
CA ALA B 385 -25.91 5.25 -19.73
C ALA B 385 -26.93 5.54 -18.64
N TRP B 386 -27.43 4.48 -18.00
CA TRP B 386 -28.54 4.59 -17.05
C TRP B 386 -28.01 4.68 -15.62
N MET B 387 -28.40 5.73 -14.90
CA MET B 387 -27.95 5.94 -13.54
C MET B 387 -28.81 6.99 -12.83
N THR B 388 -28.80 6.94 -11.49
CA THR B 388 -29.25 8.07 -10.71
C THR B 388 -28.26 9.22 -10.81
N ARG B 389 -28.74 10.42 -10.54
CA ARG B 389 -27.92 11.62 -10.56
C ARG B 389 -28.05 12.33 -9.21
N PRO B 390 -27.45 11.77 -8.15
CA PRO B 390 -27.56 12.42 -6.83
C PRO B 390 -26.92 13.81 -6.81
N ASP B 391 -26.09 14.14 -7.79
CA ASP B 391 -25.46 15.46 -7.88
C ASP B 391 -26.40 16.51 -8.50
N LEU B 392 -27.52 16.10 -9.07
CA LEU B 392 -28.54 16.97 -9.65
C LEU B 392 -29.82 16.89 -8.82
N PRO B 393 -30.74 17.86 -8.96
CA PRO B 393 -32.01 17.74 -8.24
C PRO B 393 -32.76 16.47 -8.65
N VAL B 394 -33.69 16.06 -7.79
CA VAL B 394 -34.46 14.85 -8.12
C VAL B 394 -35.25 15.11 -9.40
N GLY B 395 -35.41 14.06 -10.19
CA GLY B 395 -36.08 14.12 -11.46
C GLY B 395 -35.19 14.03 -12.68
N PHE B 396 -33.85 14.09 -12.51
CA PHE B 396 -32.93 14.12 -13.65
C PHE B 396 -32.10 12.85 -13.80
N GLY B 397 -32.44 11.78 -13.09
CA GLY B 397 -31.80 10.49 -13.29
C GLY B 397 -32.29 9.80 -14.56
N GLY B 398 -32.09 8.50 -14.60
CA GLY B 398 -32.45 7.77 -15.81
C GLY B 398 -31.37 7.87 -16.87
N TRP B 399 -31.79 8.00 -18.13
CA TRP B 399 -30.85 7.99 -19.23
C TRP B 399 -29.97 9.25 -19.24
N GLN B 400 -28.66 9.04 -19.30
CA GLN B 400 -27.68 10.11 -19.41
C GLN B 400 -26.94 9.97 -20.74
N ALA B 401 -26.94 11.03 -21.54
CA ALA B 401 -26.22 11.01 -22.81
C ALA B 401 -24.73 11.14 -22.55
N VAL B 402 -23.94 10.22 -23.12
CA VAL B 402 -22.47 10.30 -23.12
C VAL B 402 -21.95 10.01 -24.53
N ASP B 403 -20.99 10.81 -24.98
CA ASP B 403 -20.46 10.73 -26.35
C ASP B 403 -18.94 10.70 -26.29
N SER B 404 -18.34 9.65 -26.85
CA SER B 404 -16.88 9.54 -26.92
C SER B 404 -16.28 9.99 -28.26
N THR B 405 -17.10 10.39 -29.24
CA THR B 405 -16.52 10.93 -30.48
C THR B 405 -15.95 12.31 -30.19
N PRO B 406 -14.67 12.57 -30.45
CA PRO B 406 -14.15 13.94 -30.23
C PRO B 406 -14.92 14.94 -31.08
N GLN B 407 -15.48 15.95 -30.41
CA GLN B 407 -16.18 17.03 -31.09
C GLN B 407 -15.77 18.37 -30.49
N GLU B 408 -16.06 18.58 -29.21
CA GLU B 408 -15.65 19.81 -28.54
C GLU B 408 -15.00 19.46 -27.22
N ASN B 409 -14.07 20.31 -26.79
CA ASN B 409 -13.45 20.09 -25.49
C ASN B 409 -14.45 20.38 -24.38
N SER B 410 -14.43 19.52 -23.37
CA SER B 410 -15.17 19.74 -22.13
C SER B 410 -14.15 19.78 -21.01
N ASP B 411 -13.90 20.98 -20.48
CA ASP B 411 -12.92 21.18 -19.43
C ASP B 411 -11.54 20.63 -19.83
N GLY B 412 -11.12 20.95 -21.06
CA GLY B 412 -9.77 20.70 -21.49
C GLY B 412 -9.49 19.34 -22.14
N MET B 413 -10.52 18.50 -22.31
CA MET B 413 -10.35 17.24 -23.02
C MET B 413 -11.58 16.97 -23.87
N TYR B 414 -11.40 16.16 -24.92
CA TYR B 414 -12.54 15.71 -25.74
C TYR B 414 -13.32 14.63 -24.97
N ARG B 415 -14.46 15.04 -24.42
CA ARG B 415 -15.37 14.15 -23.71
C ARG B 415 -16.72 14.83 -23.67
N CYS B 416 -17.75 14.08 -23.29
CA CYS B 416 -19.09 14.62 -23.33
C CYS B 416 -19.99 13.83 -22.39
N GLY B 417 -20.60 14.50 -21.43
CA GLY B 417 -21.53 13.87 -20.50
C GLY B 417 -20.92 13.34 -19.21
N PRO B 418 -21.74 12.67 -18.38
CA PRO B 418 -23.18 12.41 -18.54
C PRO B 418 -24.05 13.66 -18.48
N ALA B 419 -24.88 13.83 -19.50
CA ALA B 419 -25.85 14.90 -19.58
C ALA B 419 -27.22 14.28 -19.44
N SER B 420 -27.99 14.76 -18.46
CA SER B 420 -29.32 14.22 -18.23
C SER B 420 -30.22 14.46 -19.44
N VAL B 421 -30.72 13.38 -20.02
CA VAL B 421 -31.63 13.54 -21.15
C VAL B 421 -32.89 14.29 -20.73
N GLN B 422 -33.36 14.09 -19.49
CA GLN B 422 -34.56 14.80 -19.06
C GLN B 422 -34.30 16.31 -18.88
N ALA B 423 -33.09 16.70 -18.46
CA ALA B 423 -32.80 18.13 -18.42
C ALA B 423 -32.71 18.72 -19.83
N ILE B 424 -32.21 17.95 -20.79
CA ILE B 424 -32.15 18.43 -22.17
C ILE B 424 -33.55 18.69 -22.72
N LYS B 425 -34.52 17.80 -22.41
CA LYS B 425 -35.87 17.95 -22.95
C LYS B 425 -36.48 19.28 -22.55
N HIS B 426 -36.32 19.67 -21.29
CA HIS B 426 -36.85 20.91 -20.80
C HIS B 426 -35.88 22.06 -20.94
N GLY B 427 -34.71 21.83 -21.54
CA GLY B 427 -33.76 22.91 -21.74
C GLY B 427 -33.11 23.44 -20.48
N HIS B 428 -33.14 22.68 -19.39
CA HIS B 428 -32.39 23.04 -18.19
C HIS B 428 -30.94 22.54 -18.36
N VAL B 429 -30.23 23.16 -19.29
CA VAL B 429 -28.87 22.74 -19.65
C VAL B 429 -27.82 23.26 -18.69
N CYS B 430 -28.21 24.07 -17.70
CA CYS B 430 -27.30 24.47 -16.63
C CYS B 430 -26.78 23.28 -15.80
N PHE B 431 -27.42 22.11 -15.86
CA PHE B 431 -26.97 20.96 -15.07
C PHE B 431 -25.87 20.17 -15.80
N GLN B 432 -24.82 19.80 -15.06
CA GLN B 432 -23.65 19.08 -15.62
C GLN B 432 -24.01 17.65 -16.04
N PHE B 433 -23.30 17.04 -17.00
CA PHE B 433 -22.15 17.61 -17.74
C PHE B 433 -22.46 17.82 -19.25
N ASP B 434 -22.06 18.96 -19.81
CA ASP B 434 -22.11 19.23 -21.26
C ASP B 434 -23.53 19.17 -21.83
N ALA B 435 -24.55 19.43 -21.02
CA ALA B 435 -25.90 19.44 -21.56
C ALA B 435 -26.11 20.52 -22.63
N PRO B 436 -25.49 21.70 -22.56
CA PRO B 436 -25.64 22.64 -23.70
C PRO B 436 -25.22 22.06 -25.04
N PHE B 437 -24.05 21.42 -25.11
CA PHE B 437 -23.60 20.88 -26.39
C PHE B 437 -24.59 19.83 -26.92
N VAL B 438 -25.02 18.90 -26.07
CA VAL B 438 -25.90 17.83 -26.51
C VAL B 438 -27.24 18.39 -26.96
N PHE B 439 -27.75 19.39 -26.24
CA PHE B 439 -28.99 20.01 -26.64
C PHE B 439 -28.86 20.60 -28.04
N ALA B 440 -27.73 21.24 -28.33
CA ALA B 440 -27.51 21.80 -29.66
C ALA B 440 -27.39 20.72 -30.73
N GLU B 441 -27.00 19.49 -30.36
CA GLU B 441 -26.94 18.41 -31.34
C GLU B 441 -28.33 17.98 -31.78
N VAL B 442 -29.33 18.07 -30.90
CA VAL B 442 -30.63 17.51 -31.19
C VAL B 442 -31.69 18.57 -31.48
N ASN B 443 -31.45 19.86 -31.17
CA ASN B 443 -32.51 20.83 -31.46
C ASN B 443 -32.02 22.25 -31.66
N SER B 444 -30.79 22.47 -32.09
CA SER B 444 -30.39 23.85 -32.39
C SER B 444 -31.13 24.36 -33.61
N ASP B 445 -31.32 25.69 -33.66
CA ASP B 445 -31.85 26.34 -34.85
C ASP B 445 -30.76 26.54 -35.89
N LEU B 446 -31.10 26.31 -37.15
CA LEU B 446 -30.21 26.63 -38.27
C LEU B 446 -30.42 28.09 -38.67
N ILE B 447 -29.38 28.91 -38.50
CA ILE B 447 -29.47 30.35 -38.73
C ILE B 447 -28.61 30.71 -39.94
N TYR B 448 -29.25 31.06 -41.06
CA TYR B 448 -28.53 31.43 -42.28
C TYR B 448 -28.22 32.93 -42.28
N ILE B 449 -26.92 33.25 -42.29
CA ILE B 449 -26.42 34.62 -42.16
C ILE B 449 -25.59 34.94 -43.40
N THR B 450 -25.71 36.18 -43.89
CA THR B 450 -24.94 36.63 -45.03
C THR B 450 -23.88 37.63 -44.57
N ALA B 451 -22.70 37.56 -45.18
CA ALA B 451 -21.62 38.49 -44.83
C ALA B 451 -21.18 39.31 -46.03
N HIS B 457 -23.53 41.47 -41.50
CA HIS B 457 -24.17 40.30 -40.91
C HIS B 457 -25.69 40.37 -40.94
N VAL B 458 -26.32 39.89 -42.01
CA VAL B 458 -27.77 39.95 -42.18
C VAL B 458 -28.34 38.55 -42.15
N VAL B 459 -29.21 38.27 -41.17
CA VAL B 459 -29.88 36.98 -41.08
C VAL B 459 -30.93 36.88 -42.19
N GLU B 460 -30.78 35.89 -43.07
CA GLU B 460 -31.67 35.76 -44.22
C GLU B 460 -32.73 34.66 -44.07
N ASN B 461 -32.43 33.56 -43.40
CA ASN B 461 -33.43 32.53 -43.17
C ASN B 461 -33.14 31.80 -41.87
N VAL B 462 -34.18 31.19 -41.29
CA VAL B 462 -34.07 30.39 -40.08
C VAL B 462 -34.81 29.08 -40.30
N ASP B 463 -34.14 27.95 -40.03
CA ASP B 463 -34.78 26.64 -40.12
C ASP B 463 -34.81 26.02 -38.71
N ALA B 464 -36.01 25.91 -38.15
CA ALA B 464 -36.20 25.43 -36.79
C ALA B 464 -36.56 23.95 -36.71
N THR B 465 -36.83 23.30 -37.84
CA THR B 465 -37.34 21.93 -37.84
C THR B 465 -36.34 20.91 -38.38
N HIS B 466 -35.17 21.33 -38.84
CA HIS B 466 -34.31 20.39 -39.54
C HIS B 466 -33.45 19.56 -38.60
N ILE B 467 -32.75 20.23 -37.68
CA ILE B 467 -31.82 19.53 -36.79
C ILE B 467 -32.57 18.49 -35.96
N GLY B 468 -31.96 17.30 -35.83
CA GLY B 468 -32.47 16.24 -34.97
C GLY B 468 -33.85 15.76 -35.38
N LYS B 469 -34.01 15.44 -36.67
CA LYS B 469 -35.32 15.05 -37.21
C LYS B 469 -35.88 13.79 -36.54
N LEU B 470 -35.01 12.89 -36.08
CA LEU B 470 -35.41 11.58 -35.59
C LEU B 470 -34.24 10.99 -34.81
N ILE B 471 -34.52 10.47 -33.62
CA ILE B 471 -33.52 9.83 -32.76
C ILE B 471 -34.04 8.43 -32.43
N VAL B 472 -33.20 7.41 -32.62
CA VAL B 472 -33.65 6.03 -32.56
C VAL B 472 -32.65 5.18 -31.78
N THR B 473 -33.08 3.97 -31.44
CA THR B 473 -32.27 2.99 -30.76
C THR B 473 -32.90 1.64 -31.02
N LYS B 474 -32.09 0.58 -30.88
CA LYS B 474 -32.56 -0.79 -31.10
C LYS B 474 -33.67 -1.16 -30.12
N GLN B 475 -34.73 -1.79 -30.64
CA GLN B 475 -35.85 -2.13 -29.76
C GLN B 475 -35.49 -3.30 -28.84
N ILE B 476 -36.24 -3.40 -27.74
CA ILE B 476 -36.01 -4.47 -26.79
C ILE B 476 -36.51 -5.78 -27.37
N GLY B 477 -35.64 -6.80 -27.36
CA GLY B 477 -36.05 -8.12 -27.83
C GLY B 477 -36.21 -8.27 -29.32
N GLY B 478 -35.76 -7.32 -30.13
CA GLY B 478 -35.79 -7.45 -31.58
C GLY B 478 -34.80 -6.51 -32.23
N ASP B 479 -34.70 -6.60 -33.56
CA ASP B 479 -33.78 -5.78 -34.33
C ASP B 479 -34.44 -4.54 -34.95
N GLY B 480 -35.70 -4.27 -34.62
CA GLY B 480 -36.36 -3.10 -35.14
C GLY B 480 -35.93 -1.80 -34.48
N MET B 481 -36.42 -0.71 -35.05
CA MET B 481 -36.07 0.64 -34.63
C MET B 481 -37.06 1.13 -33.57
N MET B 482 -36.55 1.67 -32.47
CA MET B 482 -37.39 2.36 -31.48
C MET B 482 -37.17 3.86 -31.60
N ASP B 483 -38.25 4.60 -31.83
CA ASP B 483 -38.21 6.05 -31.94
C ASP B 483 -38.20 6.64 -30.53
N ILE B 484 -37.10 7.29 -30.15
CA ILE B 484 -37.02 7.92 -28.84
C ILE B 484 -36.81 9.43 -28.95
N THR B 485 -37.20 10.01 -30.09
CA THR B 485 -37.10 11.46 -30.28
C THR B 485 -37.79 12.22 -29.17
N ASP B 486 -38.99 11.77 -28.77
CA ASP B 486 -39.76 12.52 -27.78
C ASP B 486 -39.06 12.60 -26.44
N THR B 487 -38.08 11.74 -26.20
CA THR B 487 -37.36 11.80 -24.93
C THR B 487 -36.36 12.96 -24.88
N TYR B 488 -35.86 13.44 -26.02
CA TYR B 488 -34.89 14.53 -26.02
C TYR B 488 -35.50 15.90 -26.22
N LYS B 489 -36.63 15.98 -26.92
CA LYS B 489 -37.21 17.26 -27.26
C LYS B 489 -38.70 17.05 -27.46
N PHE B 490 -39.48 18.11 -27.21
CA PHE B 490 -40.86 18.14 -27.63
C PHE B 490 -40.95 18.13 -29.15
N GLN B 491 -42.17 17.93 -29.65
CA GLN B 491 -42.41 17.82 -31.09
C GLN B 491 -42.31 19.18 -31.77
N GLU B 492 -41.65 19.20 -32.93
CA GLU B 492 -41.60 20.40 -33.75
C GLU B 492 -43.02 20.92 -34.00
N GLY B 493 -43.18 22.25 -33.94
CA GLY B 493 -44.48 22.86 -34.13
C GLY B 493 -45.24 23.14 -32.85
N GLN B 494 -44.93 22.43 -31.77
CA GLN B 494 -45.57 22.66 -30.50
C GLN B 494 -44.91 23.82 -29.77
N GLU B 495 -45.71 24.59 -29.04
CA GLU B 495 -45.18 25.73 -28.29
C GLU B 495 -44.14 25.30 -27.28
N GLU B 496 -44.30 24.11 -26.68
CA GLU B 496 -43.34 23.63 -25.68
C GLU B 496 -41.93 23.47 -26.27
N GLU B 497 -41.83 23.05 -27.54
CA GLU B 497 -40.51 22.97 -28.17
C GLU B 497 -39.83 24.34 -28.22
N ARG B 498 -40.60 25.40 -28.50
CA ARG B 498 -40.01 26.75 -28.55
C ARG B 498 -39.57 27.20 -27.17
N LEU B 499 -40.48 27.11 -26.19
CA LEU B 499 -40.18 27.56 -24.83
C LEU B 499 -39.00 26.79 -24.23
N ALA B 500 -38.90 25.47 -24.49
CA ALA B 500 -37.75 24.72 -23.99
C ALA B 500 -36.45 25.14 -24.67
N LEU B 501 -36.50 25.46 -25.97
CA LEU B 501 -35.31 25.97 -26.64
C LEU B 501 -34.91 27.34 -26.13
N GLU B 502 -35.88 28.24 -25.96
CA GLU B 502 -35.55 29.54 -25.41
C GLU B 502 -35.02 29.43 -23.98
N THR B 503 -35.52 28.46 -23.19
CA THR B 503 -34.93 28.19 -21.87
C THR B 503 -33.47 27.75 -21.99
N ALA B 504 -33.17 26.80 -22.88
CA ALA B 504 -31.79 26.37 -23.05
C ALA B 504 -30.87 27.53 -23.41
N LEU B 505 -31.33 28.43 -24.30
CA LEU B 505 -30.51 29.57 -24.69
C LEU B 505 -30.28 30.52 -23.51
N MET B 506 -31.31 30.80 -22.74
CA MET B 506 -31.16 31.73 -21.63
C MET B 506 -30.14 31.22 -20.62
N TYR B 507 -30.15 29.92 -20.34
CA TYR B 507 -29.12 29.40 -19.44
C TYR B 507 -27.74 29.46 -20.08
N GLY B 508 -27.64 29.12 -21.35
CA GLY B 508 -26.39 29.24 -22.09
C GLY B 508 -25.50 28.03 -22.05
N ARG B 522 -35.17 41.50 -17.13
CA ARG B 522 -34.98 42.66 -18.01
C ARG B 522 -36.31 43.37 -18.25
N SER B 523 -37.40 42.60 -18.28
CA SER B 523 -38.73 43.17 -18.32
C SER B 523 -39.29 43.47 -16.93
N ASN B 524 -38.61 42.98 -15.87
CA ASN B 524 -38.97 43.18 -14.46
C ASN B 524 -40.23 42.38 -14.09
N VAL B 525 -40.29 41.13 -14.52
CA VAL B 525 -41.36 40.21 -14.17
C VAL B 525 -40.74 39.05 -13.39
N ASP B 526 -41.30 38.77 -12.21
CA ASP B 526 -40.91 37.63 -11.39
C ASP B 526 -41.94 36.53 -11.58
N MET B 527 -41.48 35.29 -11.51
CA MET B 527 -42.36 34.15 -11.61
C MET B 527 -41.95 33.10 -10.59
N ASP B 528 -42.94 32.52 -9.92
CA ASP B 528 -42.73 31.43 -8.99
C ASP B 528 -43.99 30.58 -9.00
N PHE B 529 -43.89 29.40 -8.38
CA PHE B 529 -45.08 28.58 -8.18
C PHE B 529 -44.94 27.76 -6.91
N GLU B 530 -46.08 27.32 -6.39
CA GLU B 530 -46.20 26.57 -5.16
C GLU B 530 -47.27 25.51 -5.36
N VAL B 531 -47.05 24.37 -4.71
CA VAL B 531 -47.94 23.21 -4.80
C VAL B 531 -48.57 22.94 -3.44
N GLU B 532 -49.89 22.82 -3.40
CA GLU B 532 -50.58 22.53 -2.14
C GLU B 532 -50.33 21.08 -1.77
N ASN B 533 -50.14 20.83 -0.45
CA ASN B 533 -49.87 19.49 0.07
C ASN B 533 -50.67 18.44 -0.69
N ALA B 534 -49.97 17.49 -1.30
CA ALA B 534 -50.56 16.53 -2.22
C ALA B 534 -50.79 15.19 -1.51
N VAL B 535 -52.05 14.78 -1.43
CA VAL B 535 -52.46 13.52 -0.83
C VAL B 535 -53.02 12.62 -1.93
N LEU B 536 -52.53 11.39 -1.99
CA LEU B 536 -53.00 10.40 -2.96
C LEU B 536 -54.51 10.21 -2.85
N GLY B 537 -55.18 10.31 -3.99
CA GLY B 537 -56.60 10.08 -4.07
C GLY B 537 -57.43 11.34 -4.04
N LYS B 538 -56.79 12.49 -3.89
CA LYS B 538 -57.43 13.78 -3.89
C LYS B 538 -56.83 14.68 -4.98
N ASP B 539 -57.62 15.66 -5.41
CA ASP B 539 -57.09 16.72 -6.26
C ASP B 539 -56.11 17.58 -5.46
N PHE B 540 -55.31 18.36 -6.18
CA PHE B 540 -54.52 19.40 -5.54
C PHE B 540 -54.32 20.52 -6.54
N LYS B 541 -53.88 21.66 -6.02
CA LYS B 541 -53.79 22.89 -6.79
C LYS B 541 -52.33 23.24 -6.99
N LEU B 542 -52.00 23.69 -8.21
CA LEU B 542 -50.72 24.28 -8.53
C LEU B 542 -50.94 25.77 -8.77
N SER B 543 -50.22 26.59 -8.04
CA SER B 543 -50.43 28.04 -8.03
C SER B 543 -49.20 28.72 -8.61
N ILE B 544 -49.30 29.18 -9.85
CA ILE B 544 -48.22 29.96 -10.48
C ILE B 544 -48.50 31.43 -10.26
N THR B 545 -47.53 32.14 -9.66
CA THR B 545 -47.65 33.56 -9.39
C THR B 545 -46.67 34.36 -10.25
N PHE B 546 -47.20 35.36 -10.93
CA PHE B 546 -46.43 36.37 -11.66
C PHE B 546 -46.52 37.69 -10.94
N ARG B 547 -45.40 38.40 -10.86
CA ARG B 547 -45.39 39.78 -10.37
C ARG B 547 -44.82 40.67 -11.47
N ASN B 548 -45.57 41.71 -11.83
CA ASN B 548 -45.12 42.66 -12.84
C ASN B 548 -44.76 43.98 -12.15
N ASN B 549 -43.46 44.28 -12.13
CA ASN B 549 -42.96 45.50 -11.52
C ASN B 549 -42.88 46.65 -12.51
N SER B 550 -43.12 46.40 -13.79
CA SER B 550 -43.02 47.46 -14.78
C SER B 550 -44.35 48.20 -14.88
N HIS B 551 -44.35 49.25 -15.70
CA HIS B 551 -45.54 50.02 -15.98
C HIS B 551 -46.19 49.60 -17.29
N ASN B 552 -45.84 48.42 -17.80
CA ASN B 552 -46.26 47.94 -19.10
C ASN B 552 -47.24 46.78 -18.94
N ARG B 553 -48.13 46.63 -19.93
CA ARG B 553 -48.95 45.43 -20.08
C ARG B 553 -48.17 44.42 -20.90
N TYR B 554 -48.05 43.19 -20.38
CA TYR B 554 -47.32 42.12 -21.04
C TYR B 554 -48.24 40.96 -21.34
N THR B 555 -47.95 40.22 -22.41
CA THR B 555 -48.56 38.92 -22.64
C THR B 555 -47.55 37.80 -22.40
N ILE B 556 -48.01 36.75 -21.73
CA ILE B 556 -47.17 35.67 -21.28
C ILE B 556 -47.62 34.40 -21.97
N THR B 557 -46.67 33.57 -22.39
CA THR B 557 -46.97 32.25 -22.91
C THR B 557 -46.15 31.24 -22.10
N ALA B 558 -46.80 30.19 -21.63
CA ALA B 558 -46.13 29.31 -20.69
C ALA B 558 -46.59 27.89 -20.92
N TYR B 559 -45.80 26.94 -20.43
CA TYR B 559 -46.29 25.58 -20.35
C TYR B 559 -45.99 25.05 -18.96
N LEU B 560 -46.66 23.94 -18.63
CA LEU B 560 -46.50 23.25 -17.36
C LEU B 560 -46.31 21.77 -17.66
N SER B 561 -45.29 21.16 -17.06
CA SER B 561 -45.05 19.73 -17.21
C SER B 561 -45.01 19.09 -15.83
N ALA B 562 -45.94 18.18 -15.57
CA ALA B 562 -46.09 17.53 -14.27
C ALA B 562 -45.75 16.06 -14.42
N ASN B 563 -44.83 15.59 -13.59
CA ASN B 563 -44.19 14.31 -13.81
C ASN B 563 -44.17 13.48 -12.55
N ILE B 564 -44.26 12.17 -12.73
CA ILE B 564 -44.06 11.20 -11.65
C ILE B 564 -42.59 10.79 -11.65
N THR B 565 -41.96 10.80 -10.48
CA THR B 565 -40.56 10.40 -10.34
C THR B 565 -40.41 9.41 -9.19
N PHE B 566 -39.47 8.48 -9.34
CA PHE B 566 -39.08 7.57 -8.27
C PHE B 566 -38.42 8.33 -7.13
N TYR B 567 -38.46 7.73 -5.92
CA TYR B 567 -37.85 8.38 -4.76
C TYR B 567 -36.36 8.60 -4.99
N THR B 568 -35.70 7.73 -5.74
CA THR B 568 -34.29 7.90 -6.07
C THR B 568 -34.04 9.05 -7.05
N GLY B 569 -35.09 9.71 -7.55
CA GLY B 569 -34.88 10.81 -8.49
C GLY B 569 -34.85 10.41 -9.95
N VAL B 570 -35.17 9.16 -10.27
CA VAL B 570 -35.26 8.71 -11.66
C VAL B 570 -36.65 9.06 -12.20
N PRO B 571 -36.73 9.67 -13.38
CA PRO B 571 -38.05 9.98 -13.94
C PRO B 571 -38.82 8.73 -14.32
N LYS B 572 -40.14 8.79 -14.15
CA LYS B 572 -41.04 7.73 -14.58
C LYS B 572 -41.86 8.17 -15.78
N ALA B 573 -42.73 9.16 -15.62
CA ALA B 573 -43.62 9.53 -16.71
C ALA B 573 -44.22 10.90 -16.44
N GLU B 574 -44.56 11.58 -17.53
CA GLU B 574 -45.31 12.82 -17.52
C GLU B 574 -46.81 12.48 -17.47
N PHE B 575 -47.54 13.09 -16.54
CA PHE B 575 -48.97 12.81 -16.38
C PHE B 575 -49.89 13.99 -16.66
N LYS B 576 -49.36 15.20 -16.75
CA LYS B 576 -50.13 16.37 -17.14
C LYS B 576 -49.21 17.36 -17.86
N LYS B 577 -49.72 17.99 -18.90
CA LYS B 577 -48.98 19.03 -19.61
C LYS B 577 -49.98 20.00 -20.21
N GLU B 578 -49.84 21.28 -19.89
CA GLU B 578 -50.71 22.34 -20.39
C GLU B 578 -49.84 23.48 -20.87
N THR B 579 -50.32 24.17 -21.92
CA THR B 579 -49.81 25.48 -22.28
C THR B 579 -50.92 26.49 -22.05
N PHE B 580 -50.54 27.71 -21.67
CA PHE B 580 -51.57 28.71 -21.47
C PHE B 580 -51.00 30.08 -21.79
N ASP B 581 -51.91 30.98 -22.14
CA ASP B 581 -51.60 32.40 -22.38
C ASP B 581 -52.28 33.23 -21.30
N VAL B 582 -51.59 34.27 -20.87
CA VAL B 582 -52.05 35.09 -19.76
C VAL B 582 -51.54 36.50 -20.00
N THR B 583 -52.38 37.48 -19.72
CA THR B 583 -51.94 38.86 -19.81
C THR B 583 -51.63 39.38 -18.40
N LEU B 584 -50.62 40.25 -18.32
CA LEU B 584 -50.03 40.67 -17.05
C LEU B 584 -50.10 42.18 -16.97
N GLU B 585 -51.09 42.70 -16.22
CA GLU B 585 -51.26 44.13 -16.09
C GLU B 585 -50.08 44.77 -15.34
N PRO B 586 -49.85 46.07 -15.55
CA PRO B 586 -48.75 46.75 -14.87
C PRO B 586 -48.91 46.76 -13.36
N LEU B 587 -47.77 46.66 -12.68
CA LEU B 587 -47.66 46.83 -11.23
C LEU B 587 -48.64 45.93 -10.49
N SER B 588 -48.66 44.66 -10.87
CA SER B 588 -49.72 43.78 -10.40
C SER B 588 -49.16 42.38 -10.21
N PHE B 589 -49.66 41.71 -9.17
CA PHE B 589 -49.58 40.27 -9.03
C PHE B 589 -50.69 39.61 -9.84
N LYS B 590 -50.38 38.46 -10.40
CA LYS B 590 -51.40 37.62 -11.02
C LYS B 590 -51.11 36.17 -10.67
N LYS B 591 -52.13 35.47 -10.17
CA LYS B 591 -52.03 34.06 -9.84
C LYS B 591 -52.79 33.26 -10.90
N GLU B 592 -52.14 32.26 -11.47
CA GLU B 592 -52.82 31.32 -12.35
C GLU B 592 -52.90 29.99 -11.61
N ALA B 593 -54.11 29.54 -11.39
CA ALA B 593 -54.38 28.37 -10.54
C ALA B 593 -54.57 27.16 -11.44
N VAL B 594 -53.78 26.12 -11.23
CA VAL B 594 -53.90 24.92 -12.03
C VAL B 594 -54.40 23.81 -11.11
N LEU B 595 -55.59 23.32 -11.41
CA LEU B 595 -56.17 22.21 -10.68
C LEU B 595 -55.66 20.93 -11.27
N ILE B 596 -55.03 20.10 -10.46
CA ILE B 596 -54.62 18.77 -10.88
C ILE B 596 -55.60 17.79 -10.28
N GLN B 597 -56.30 17.08 -11.14
CA GLN B 597 -57.32 16.16 -10.70
C GLN B 597 -56.70 14.79 -10.40
N ALA B 598 -57.34 14.07 -9.48
CA ALA B 598 -56.83 12.77 -9.08
C ALA B 598 -56.72 11.83 -10.27
N GLY B 599 -57.73 11.86 -11.15
CA GLY B 599 -57.71 11.00 -12.31
C GLY B 599 -56.51 11.18 -13.22
N GLU B 600 -55.80 12.31 -13.10
CA GLU B 600 -54.69 12.57 -14.02
C GLU B 600 -53.42 11.83 -13.62
N TYR B 601 -53.25 11.52 -12.33
CA TYR B 601 -52.04 10.87 -11.88
C TYR B 601 -52.28 9.53 -11.22
N MET B 602 -53.50 9.25 -10.75
CA MET B 602 -53.75 8.03 -9.98
C MET B 602 -53.42 6.76 -10.76
N GLY B 603 -53.45 6.82 -12.10
CA GLY B 603 -53.14 5.67 -12.93
C GLY B 603 -51.66 5.42 -13.23
N GLN B 604 -50.76 6.28 -12.78
CA GLN B 604 -49.33 6.22 -13.08
C GLN B 604 -48.51 6.25 -11.81
N LEU B 605 -49.06 5.76 -10.71
CA LEU B 605 -48.36 5.89 -9.45
C LEU B 605 -47.52 4.66 -9.16
N LEU B 606 -46.55 4.85 -8.30
CA LEU B 606 -45.70 3.79 -7.79
C LEU B 606 -45.38 4.10 -6.34
N GLU B 607 -44.76 3.15 -5.67
CA GLU B 607 -44.37 3.32 -4.27
C GLU B 607 -43.44 4.52 -4.10
N GLN B 608 -43.63 5.27 -3.01
CA GLN B 608 -42.75 6.39 -2.63
C GLN B 608 -42.62 7.41 -3.76
N ALA B 609 -43.59 7.44 -4.65
CA ALA B 609 -43.50 8.31 -5.82
C ALA B 609 -43.39 9.77 -5.42
N SER B 610 -42.66 10.52 -6.23
CA SER B 610 -42.49 11.94 -6.06
C SER B 610 -43.09 12.62 -7.27
N LEU B 611 -43.30 13.94 -7.15
CA LEU B 611 -43.87 14.76 -8.21
C LEU B 611 -42.87 15.82 -8.62
N HIS B 612 -42.69 15.99 -9.92
CA HIS B 612 -41.71 16.91 -10.48
C HIS B 612 -42.42 17.82 -11.48
N PHE B 613 -42.34 19.12 -11.24
CA PHE B 613 -43.03 20.10 -12.07
C PHE B 613 -42.02 21.03 -12.74
N PHE B 614 -42.23 21.26 -14.03
CA PHE B 614 -41.57 22.31 -14.77
C PHE B 614 -42.60 23.37 -15.13
N VAL B 615 -42.23 24.64 -14.98
CA VAL B 615 -42.98 25.74 -15.53
C VAL B 615 -42.03 26.69 -16.27
N THR B 616 -42.39 27.07 -17.49
CA THR B 616 -41.60 27.99 -18.29
C THR B 616 -42.52 29.03 -18.92
N ALA B 617 -42.30 30.30 -18.60
CA ALA B 617 -43.09 31.37 -19.17
C ALA B 617 -42.20 32.31 -19.98
N ARG B 618 -42.70 32.72 -21.14
CA ARG B 618 -42.06 33.75 -21.97
C ARG B 618 -42.87 35.04 -21.91
N ILE B 619 -42.21 36.14 -21.54
CA ILE B 619 -42.81 37.44 -21.74
C ILE B 619 -42.72 37.74 -23.23
N ASN B 620 -43.86 37.76 -23.90
CA ASN B 620 -43.85 37.75 -25.36
C ASN B 620 -43.26 39.03 -25.96
N GLU B 621 -43.49 40.18 -25.32
CA GLU B 621 -43.03 41.45 -25.89
C GLU B 621 -41.53 41.65 -25.77
N THR B 622 -40.86 40.99 -24.82
CA THR B 622 -39.42 41.16 -24.63
C THR B 622 -38.62 39.90 -24.85
N ARG B 623 -39.25 38.75 -25.08
CA ARG B 623 -38.63 37.46 -25.30
C ARG B 623 -37.93 36.91 -24.04
N ASP B 624 -38.04 37.60 -22.90
CA ASP B 624 -37.51 37.07 -21.65
C ASP B 624 -38.18 35.75 -21.30
N VAL B 625 -37.41 34.83 -20.78
CA VAL B 625 -37.90 33.52 -20.38
C VAL B 625 -37.64 33.35 -18.89
N LEU B 626 -38.66 32.87 -18.18
CA LEU B 626 -38.56 32.52 -16.76
C LEU B 626 -38.84 31.04 -16.62
N ALA B 627 -37.91 30.31 -16.01
CA ALA B 627 -38.01 28.87 -15.90
C ALA B 627 -37.76 28.45 -14.45
N LYS B 628 -38.57 27.51 -13.99
CA LYS B 628 -38.44 26.97 -12.64
C LYS B 628 -38.81 25.49 -12.69
N GLN B 629 -38.19 24.71 -11.80
CA GLN B 629 -38.59 23.33 -11.63
C GLN B 629 -38.52 22.97 -10.15
N LYS B 630 -39.50 22.20 -9.70
CA LYS B 630 -39.71 21.89 -8.29
C LYS B 630 -40.26 20.49 -8.16
N SER B 631 -39.98 19.88 -7.01
CA SER B 631 -40.46 18.55 -6.68
C SER B 631 -41.14 18.57 -5.33
N THR B 632 -42.10 17.66 -5.15
CA THR B 632 -42.75 17.44 -3.87
C THR B 632 -42.97 15.95 -3.66
N VAL B 633 -43.06 15.54 -2.40
CA VAL B 633 -43.34 14.16 -2.05
C VAL B 633 -44.85 13.98 -1.92
N LEU B 634 -45.38 12.93 -2.54
CA LEU B 634 -46.80 12.65 -2.47
C LEU B 634 -47.11 11.88 -1.19
N THR B 635 -48.08 12.37 -0.41
CA THR B 635 -48.49 11.65 0.80
C THR B 635 -49.35 10.45 0.41
N ILE B 636 -48.98 9.27 0.88
CA ILE B 636 -49.66 8.04 0.50
C ILE B 636 -50.31 7.42 1.74
N PRO B 637 -51.62 7.63 1.93
CA PRO B 637 -52.33 6.95 3.02
C PRO B 637 -52.33 5.43 2.85
N GLU B 638 -52.55 4.74 3.96
CA GLU B 638 -52.49 3.29 3.96
C GLU B 638 -53.39 2.72 5.05
N ILE B 639 -53.82 1.49 4.82
CA ILE B 639 -54.55 0.70 5.81
C ILE B 639 -53.56 -0.20 6.54
N ILE B 640 -53.64 -0.19 7.87
CA ILE B 640 -52.80 -1.04 8.69
C ILE B 640 -53.50 -2.38 8.88
N ILE B 641 -52.76 -3.47 8.69
CA ILE B 641 -53.28 -4.81 8.95
C ILE B 641 -52.41 -5.46 10.01
N LYS B 642 -53.04 -5.89 11.10
CA LYS B 642 -52.34 -6.61 12.16
C LYS B 642 -52.94 -8.01 12.32
N VAL B 643 -52.18 -8.90 12.97
CA VAL B 643 -52.68 -10.23 13.33
C VAL B 643 -52.34 -10.49 14.79
N ARG B 644 -53.31 -11.05 15.53
CA ARG B 644 -53.13 -11.47 16.92
C ARG B 644 -53.46 -12.96 17.03
N GLY B 645 -52.77 -13.64 17.95
CA GLY B 645 -52.98 -15.06 18.16
C GLY B 645 -52.18 -15.93 17.21
N THR B 646 -52.15 -17.23 17.52
CA THR B 646 -51.38 -18.20 16.75
C THR B 646 -51.97 -18.41 15.35
N GLN B 647 -51.08 -18.64 14.38
CA GLN B 647 -51.42 -18.74 12.96
C GLN B 647 -51.12 -20.15 12.45
N VAL B 648 -52.07 -21.09 12.62
CA VAL B 648 -51.86 -22.48 12.21
C VAL B 648 -53.14 -23.00 11.56
N VAL B 649 -53.01 -23.67 10.42
CA VAL B 649 -54.14 -24.24 9.69
C VAL B 649 -54.88 -25.28 10.52
N SER B 651 -57.43 -23.95 13.12
CA SER B 651 -57.41 -23.09 14.30
C SER B 651 -57.75 -21.63 13.96
N ASP B 652 -58.31 -20.91 14.93
CA ASP B 652 -58.80 -19.55 14.72
C ASP B 652 -57.72 -18.50 15.02
N MET B 653 -57.62 -17.48 14.18
CA MET B 653 -56.76 -16.33 14.44
C MET B 653 -57.52 -15.06 14.08
N THR B 654 -57.14 -13.94 14.71
CA THR B 654 -57.84 -12.68 14.51
C THR B 654 -57.05 -11.75 13.61
N VAL B 655 -57.72 -11.20 12.60
CA VAL B 655 -57.18 -10.13 11.75
C VAL B 655 -57.77 -8.82 12.21
N ILE B 656 -56.93 -7.80 12.35
CA ILE B 656 -57.37 -6.48 12.77
C ILE B 656 -57.01 -5.48 11.67
N VAL B 657 -58.00 -4.71 11.25
CA VAL B 657 -57.84 -3.78 10.13
C VAL B 657 -58.10 -2.37 10.66
N GLU B 658 -57.18 -1.47 10.38
CA GLU B 658 -57.19 -0.17 11.03
C GLU B 658 -56.92 0.92 9.99
N PHE B 659 -57.83 1.90 9.91
CA PHE B 659 -57.76 2.96 8.92
C PHE B 659 -57.97 4.31 9.58
N THR B 660 -57.07 5.25 9.30
CA THR B 660 -57.16 6.61 9.83
C THR B 660 -57.49 7.57 8.70
N ASN B 661 -58.48 8.44 8.94
CA ASN B 661 -58.81 9.46 7.95
C ASN B 661 -57.66 10.44 7.77
N PRO B 662 -57.07 10.54 6.58
CA PRO B 662 -55.95 11.44 6.37
C PRO B 662 -56.33 12.84 5.90
N LEU B 663 -57.62 13.11 5.71
CA LEU B 663 -58.10 14.38 5.18
C LEU B 663 -58.59 15.29 6.30
N LYS B 664 -58.65 16.58 5.99
CA LYS B 664 -59.22 17.58 6.91
C LYS B 664 -60.74 17.67 6.79
N GLU B 665 -61.37 16.72 6.10
CA GLU B 665 -62.81 16.67 5.92
C GLU B 665 -63.31 15.30 6.38
N THR B 666 -64.63 15.17 6.48
CA THR B 666 -65.26 13.96 6.96
C THR B 666 -65.50 12.99 5.80
N LEU B 667 -65.09 11.72 5.98
CA LEU B 667 -65.38 10.65 5.04
C LEU B 667 -66.73 10.00 5.35
N ARG B 668 -67.47 9.65 4.30
CA ARG B 668 -68.82 9.10 4.44
C ARG B 668 -69.00 7.89 3.55
N ASN B 669 -69.77 6.91 4.05
CA ASN B 669 -70.01 5.63 3.39
C ASN B 669 -68.69 4.94 3.03
N VAL B 670 -67.87 4.72 4.06
CA VAL B 670 -66.57 4.08 3.90
C VAL B 670 -66.72 2.56 3.89
N TRP B 671 -66.19 1.92 2.85
CA TRP B 671 -66.16 0.47 2.71
C TRP B 671 -64.73 -0.01 2.79
N VAL B 672 -64.40 -0.79 3.83
CA VAL B 672 -63.12 -1.46 3.93
C VAL B 672 -63.27 -2.92 3.51
N HIS B 673 -62.42 -3.38 2.59
CA HIS B 673 -62.43 -4.77 2.15
C HIS B 673 -61.19 -5.50 2.64
N LEU B 674 -61.35 -6.78 2.93
CA LEU B 674 -60.28 -7.65 3.39
C LEU B 674 -60.36 -8.94 2.59
N ASP B 675 -59.24 -9.30 1.95
CA ASP B 675 -59.13 -10.50 1.14
C ASP B 675 -57.76 -11.11 1.40
N GLY B 676 -57.73 -12.42 1.57
CA GLY B 676 -56.50 -13.12 1.85
C GLY B 676 -56.63 -14.57 1.45
N PRO B 677 -56.33 -14.87 0.20
CA PRO B 677 -56.51 -16.25 -0.31
C PRO B 677 -55.90 -17.26 0.64
N GLY B 678 -56.69 -18.27 1.01
CA GLY B 678 -56.25 -19.30 1.92
C GLY B 678 -56.38 -18.96 3.39
N VAL B 679 -56.64 -17.69 3.72
CA VAL B 679 -56.76 -17.22 5.09
C VAL B 679 -58.20 -16.78 5.40
N THR B 680 -58.78 -15.98 4.51
CA THR B 680 -60.15 -15.52 4.67
C THR B 680 -60.76 -15.37 3.29
N ARG B 681 -62.02 -15.77 3.17
CA ARG B 681 -62.81 -15.37 2.02
C ARG B 681 -62.95 -13.84 2.04
N PRO B 682 -63.17 -13.22 0.89
CA PRO B 682 -63.23 -11.75 0.86
C PRO B 682 -64.37 -11.27 1.75
N MET B 683 -64.07 -10.30 2.61
CA MET B 683 -65.05 -9.70 3.52
C MET B 683 -65.05 -8.19 3.35
N LYS B 684 -66.08 -7.54 3.89
CA LYS B 684 -66.15 -6.08 3.88
C LYS B 684 -66.97 -5.57 5.06
N LYS B 685 -66.53 -4.46 5.62
CA LYS B 685 -67.22 -3.75 6.69
C LYS B 685 -67.48 -2.33 6.23
N MET B 686 -68.66 -1.79 6.53
CA MET B 686 -68.96 -0.41 6.23
C MET B 686 -68.96 0.42 7.52
N PHE B 687 -68.44 1.64 7.41
CA PHE B 687 -68.51 2.64 8.47
C PHE B 687 -69.15 3.86 7.85
N ARG B 688 -70.28 4.30 8.41
CA ARG B 688 -71.02 5.40 7.80
C ARG B 688 -70.26 6.72 7.83
N GLU B 689 -69.34 6.89 8.77
CA GLU B 689 -68.71 8.18 8.93
C GLU B 689 -67.41 8.01 9.70
N ILE B 690 -66.36 8.69 9.21
CA ILE B 690 -65.10 8.86 9.95
C ILE B 690 -64.75 10.34 9.94
N ARG B 691 -64.63 10.93 11.13
CA ARG B 691 -64.31 12.34 11.28
C ARG B 691 -62.86 12.59 10.89
N PRO B 692 -62.46 13.85 10.67
CA PRO B 692 -61.06 14.10 10.29
C PRO B 692 -60.09 13.60 11.36
N ASN B 693 -59.01 12.97 10.90
CA ASN B 693 -57.95 12.40 11.74
C ASN B 693 -58.45 11.33 12.72
N SER B 694 -59.59 10.72 12.45
CA SER B 694 -60.15 9.68 13.30
C SER B 694 -59.81 8.30 12.74
N THR B 695 -59.85 7.30 13.61
CA THR B 695 -59.41 5.95 13.30
C THR B 695 -60.51 4.94 13.58
N VAL B 696 -60.87 4.13 12.58
CA VAL B 696 -61.80 3.04 12.78
C VAL B 696 -61.01 1.73 12.82
N GLN B 697 -61.60 0.73 13.45
CA GLN B 697 -60.99 -0.57 13.60
C GLN B 697 -62.02 -1.67 13.33
N TRP B 698 -61.56 -2.72 12.67
CA TRP B 698 -62.41 -3.84 12.26
C TRP B 698 -61.68 -5.13 12.60
N GLU B 699 -62.29 -5.96 13.44
CA GLU B 699 -61.74 -7.24 13.87
C GLU B 699 -62.48 -8.40 13.23
N GLU B 700 -61.75 -9.42 12.81
CA GLU B 700 -62.39 -10.59 12.18
C GLU B 700 -61.62 -11.84 12.55
N VAL B 701 -62.33 -12.85 13.07
CA VAL B 701 -61.71 -14.13 13.40
C VAL B 701 -61.63 -14.99 12.14
N CYS B 702 -60.44 -15.54 11.87
CA CYS B 702 -60.18 -16.40 10.72
C CYS B 702 -59.70 -17.77 11.18
N ARG B 703 -60.11 -18.80 10.43
CA ARG B 703 -59.49 -20.12 10.54
C ARG B 703 -58.83 -20.39 9.19
N PRO B 704 -57.53 -20.20 9.06
CA PRO B 704 -56.88 -20.40 7.76
C PRO B 704 -56.88 -21.88 7.40
N TRP B 705 -57.03 -22.16 6.11
CA TRP B 705 -57.05 -23.54 5.66
C TRP B 705 -55.89 -23.90 4.73
N VAL B 706 -55.03 -22.94 4.38
CA VAL B 706 -53.88 -23.18 3.50
C VAL B 706 -52.62 -22.75 4.24
N SER B 707 -51.73 -23.70 4.50
CA SER B 707 -50.48 -23.41 5.19
C SER B 707 -49.45 -22.78 4.24
N GLY B 708 -48.60 -21.93 4.82
CA GLY B 708 -47.49 -21.34 4.07
C GLY B 708 -47.29 -19.85 4.26
N HIS B 709 -46.69 -19.20 3.26
CA HIS B 709 -46.54 -17.74 3.24
C HIS B 709 -47.71 -17.16 2.46
N ARG B 710 -48.73 -16.67 3.17
CA ARG B 710 -49.88 -16.05 2.53
C ARG B 710 -49.87 -14.55 2.76
N LYS B 711 -50.75 -13.84 2.07
CA LYS B 711 -50.76 -12.40 2.10
C LYS B 711 -52.19 -11.89 2.31
N LEU B 712 -52.31 -10.85 3.12
CA LEU B 712 -53.58 -10.16 3.33
C LEU B 712 -53.52 -8.80 2.64
N ILE B 713 -54.60 -8.43 1.96
CA ILE B 713 -54.69 -7.14 1.28
C ILE B 713 -56.02 -6.49 1.63
N ALA B 714 -55.98 -5.18 1.91
CA ALA B 714 -57.17 -4.41 2.17
C ALA B 714 -57.27 -3.23 1.21
N SER B 715 -58.50 -2.74 1.03
CA SER B 715 -58.79 -1.54 0.24
C SER B 715 -59.94 -0.79 0.91
N MET B 716 -60.02 0.50 0.63
CA MET B 716 -61.14 1.30 1.09
C MET B 716 -61.62 2.25 0.00
N SER B 717 -62.92 2.57 0.06
CA SER B 717 -63.53 3.57 -0.79
C SER B 717 -64.62 4.29 0.00
N SER B 718 -64.86 5.54 -0.36
CA SER B 718 -65.81 6.38 0.36
C SER B 718 -66.47 7.27 -0.67
N ASP B 719 -67.30 8.21 -0.19
CA ASP B 719 -67.94 9.15 -1.10
C ASP B 719 -66.92 10.02 -1.80
N SER B 720 -65.78 10.30 -1.15
CA SER B 720 -64.73 11.13 -1.75
C SER B 720 -63.44 10.33 -1.95
N LEU B 721 -62.72 9.98 -0.89
CA LEU B 721 -61.43 9.28 -0.98
C LEU B 721 -61.59 7.80 -1.27
N ARG B 722 -60.88 7.33 -2.30
CA ARG B 722 -60.86 5.92 -2.65
C ARG B 722 -59.46 5.53 -3.11
N HIS B 723 -59.30 4.22 -3.37
CA HIS B 723 -58.09 3.59 -3.88
C HIS B 723 -56.92 3.76 -2.93
N VAL B 724 -57.19 3.58 -1.64
CA VAL B 724 -56.18 3.49 -0.59
C VAL B 724 -56.12 2.03 -0.17
N TYR B 725 -54.92 1.51 0.10
CA TYR B 725 -54.75 0.08 0.32
C TYR B 725 -53.88 -0.23 1.53
N GLY B 726 -53.94 -1.51 1.95
CA GLY B 726 -53.02 -2.03 2.94
C GLY B 726 -52.61 -3.45 2.59
N GLU B 727 -51.54 -3.92 3.22
CA GLU B 727 -51.05 -5.26 2.95
C GLU B 727 -50.28 -5.79 4.16
N LEU B 728 -50.27 -7.12 4.29
CA LEU B 728 -49.53 -7.81 5.34
C LEU B 728 -49.25 -9.23 4.90
N ASP B 729 -47.99 -9.63 4.95
CA ASP B 729 -47.62 -11.03 4.72
C ASP B 729 -47.67 -11.80 6.02
N VAL B 730 -48.26 -12.98 5.97
CA VAL B 730 -48.44 -13.81 7.16
C VAL B 730 -48.02 -15.23 6.82
N GLN B 731 -47.32 -15.88 7.75
CA GLN B 731 -46.96 -17.29 7.63
C GLN B 731 -47.84 -18.10 8.58
N ILE B 732 -48.47 -19.16 8.06
CA ILE B 732 -49.35 -20.00 8.86
C ILE B 732 -48.83 -21.43 8.81
N GLN B 733 -48.63 -22.02 9.99
CA GLN B 733 -48.01 -23.34 10.12
C GLN B 733 -49.02 -24.44 9.78
N ARG B 734 -48.51 -25.68 9.71
CA ARG B 734 -49.35 -26.80 9.33
C ARG B 734 -50.23 -27.25 10.49
N ARG B 735 -51.19 -28.11 10.18
CA ARG B 735 -52.12 -28.64 11.17
C ARG B 735 -51.42 -29.66 12.05
N PRO B 736 -51.41 -29.48 13.39
CA PRO B 736 -50.67 -30.40 14.26
C PRO B 736 -51.17 -31.84 14.23
N SER B 737 -50.48 -32.73 14.94
CA SER B 737 -50.79 -34.16 14.98
C SER B 737 -52.18 -34.44 15.54
C8 7NX C 1 36.69 -3.46 -18.70
O8 7NX C 1 36.08 -2.89 -17.86
O7 7NX C 1 36.15 -4.63 -19.34
N PHE C 2 38.05 -2.94 -19.13
CA PHE C 2 39.13 -2.63 -18.18
C PHE C 2 38.77 -1.51 -17.18
N ONL C 3 39.51 -1.38 -15.90
CA ONL C 3 39.20 -0.30 -14.96
C ONL C 3 39.85 0.94 -15.58
O ONL C 3 41.04 1.03 -15.63
CB ONL C 3 39.86 -0.65 -13.64
CG ONL C 3 39.47 0.27 -12.49
CD ONL C 3 39.88 -0.27 -11.13
OD ONL C 3 40.95 -0.78 -10.99
CE ONL C 3 38.90 -0.15 -9.95
N VAL C 4 39.05 2.04 -16.16
CA VAL C 4 39.74 3.19 -16.73
C VAL C 4 39.11 4.52 -16.29
N LYS C 5 39.91 5.77 -16.41
CA LYS C 5 39.36 7.05 -16.02
C LYS C 5 38.31 7.31 -17.15
N VAL C 6 36.92 7.79 -16.86
CA VAL C 6 36.05 7.99 -18.02
C VAL C 6 35.79 9.50 -18.08
N ILE C 7 36.47 10.37 -17.09
CA ILE C 7 36.28 11.81 -17.07
C ILE C 7 37.49 12.33 -16.28
N GLY C 8 38.30 13.50 -16.73
CA GLY C 8 39.45 13.92 -15.89
C GLY C 8 40.75 13.08 -16.05
N NH2 C 9 41.86 13.30 -15.15
C8 7NX D 1 -23.10 5.91 -45.03
O8 7NX D 1 -22.57 5.30 -44.18
O7 7NX D 1 -24.54 5.92 -45.14
N PHE D 2 -22.25 6.70 -45.98
CA PHE D 2 -21.04 7.27 -45.37
C PHE D 2 -21.46 8.29 -44.29
N ONL D 3 -20.48 8.62 -43.24
CA ONL D 3 -20.89 9.62 -42.24
C ONL D 3 -20.37 10.95 -42.81
O ONL D 3 -19.20 11.14 -42.89
CB ONL D 3 -20.29 9.24 -40.91
CG ONL D 3 -20.51 10.33 -39.86
CD ONL D 3 -20.13 9.85 -38.47
OD ONL D 3 -19.01 9.52 -38.25
CE ONL D 3 -21.21 9.76 -37.39
N VAL D 4 -21.28 12.00 -43.30
CA VAL D 4 -20.65 13.20 -43.82
C VAL D 4 -21.29 14.47 -43.30
N LYS D 5 -20.60 15.74 -43.61
CA LYS D 5 -21.13 17.01 -43.22
C LYS D 5 -22.28 17.21 -44.28
N VAL D 6 -23.66 17.67 -43.94
CA VAL D 6 -24.57 17.80 -45.08
C VAL D 6 -24.86 19.31 -45.19
N ILE D 7 -24.27 20.18 -44.17
CA ILE D 7 -24.44 21.61 -44.17
C ILE D 7 -23.16 22.17 -43.52
N GLY D 8 -22.44 23.33 -44.12
CA GLY D 8 -21.21 23.80 -43.42
C GLY D 8 -20.07 22.78 -43.45
N NH2 D 9 -19.01 22.87 -42.46
CA CA E . 23.64 12.60 -7.02
CA CA F . 49.99 -0.18 2.66
CA CA G . 37.46 18.01 -5.65
C1 GOL H . 22.21 -7.81 13.17
O1 GOL H . 22.36 -9.02 12.48
C2 GOL H . 22.80 -8.02 14.55
O2 GOL H . 24.04 -7.38 14.64
C3 GOL H . 21.83 -7.48 15.60
O3 GOL H . 22.54 -6.66 16.52
C1 GOL I . 34.36 -33.40 22.16
O1 GOL I . 33.60 -32.30 22.60
C2 GOL I . 33.58 -34.68 22.41
O2 GOL I . 33.47 -35.38 21.19
C3 GOL I . 34.30 -35.53 23.45
O3 GOL I . 35.02 -36.58 22.82
C1 GOL J . 50.64 -31.60 27.21
O1 GOL J . 50.82 -30.39 26.51
C2 GOL J . 51.97 -32.15 27.75
O2 GOL J . 51.73 -33.24 28.62
C3 GOL J . 52.81 -31.07 28.46
O3 GOL J . 53.25 -30.09 27.54
C1 EDO K . 26.20 -20.47 18.97
O1 EDO K . 26.46 -20.98 17.65
C2 EDO K . 27.31 -19.52 19.39
O2 EDO K . 27.05 -19.05 20.72
S SO4 L . 42.76 -34.33 20.32
O1 SO4 L . 41.83 -34.81 21.36
O2 SO4 L . 43.36 -33.05 20.71
O3 SO4 L . 42.02 -34.15 19.07
O4 SO4 L . 43.83 -35.31 20.14
S SO4 M . 40.89 -1.98 21.98
O1 SO4 M . 40.87 -1.70 23.41
O2 SO4 M . 42.30 -2.05 21.55
O3 SO4 M . 40.20 -0.92 21.26
O4 SO4 M . 40.21 -3.26 21.72
CA CA N . -22.94 28.07 -33.11
CA CA O . -36.53 22.29 -33.64
C1 GOL P . -35.78 1.53 -12.36
O1 GOL P . -36.23 1.79 -13.68
C2 GOL P . -35.57 2.82 -11.61
O2 GOL P . -34.19 2.95 -11.33
C3 GOL P . -36.36 2.84 -10.30
O3 GOL P . -35.54 3.30 -9.25
C1 GOL Q . -22.65 -22.68 -3.24
O1 GOL Q . -22.96 -21.53 -3.99
C2 GOL Q . -23.36 -23.88 -3.84
O2 GOL Q . -23.87 -23.54 -5.10
C3 GOL Q . -22.38 -25.02 -4.02
O3 GOL Q . -22.22 -25.71 -2.81
S SO4 R . -14.18 -23.28 -6.32
O1 SO4 R . -13.44 -22.14 -5.75
O2 SO4 R . -14.92 -23.99 -5.27
O3 SO4 R . -15.12 -22.80 -7.34
O4 SO4 R . -13.23 -24.19 -6.95
S SO4 S . -17.47 9.11 -5.33
O1 SO4 S . -18.02 9.93 -4.25
O2 SO4 S . -16.01 9.11 -5.26
O3 SO4 S . -17.90 9.66 -6.60
O4 SO4 S . -17.98 7.74 -5.20
CA CA T . -9.12 10.70 -25.08
#